data_3CS5
# 
_entry.id   3CS5 
# 
_audit_conform.dict_name       mmcif_pdbx.dic 
_audit_conform.dict_version    5.380 
_audit_conform.dict_location   http://mmcif.pdb.org/dictionaries/ascii/mmcif_pdbx.dic 
# 
loop_
_database_2.database_id 
_database_2.database_code 
_database_2.pdbx_database_accession 
_database_2.pdbx_DOI 
PDB   3CS5         pdb_00003cs5 10.2210/pdb3cs5/pdb 
RCSB  RCSB047146   ?            ?                   
WWPDB D_1000047146 ?            ?                   
# 
loop_
_pdbx_database_related.db_name 
_pdbx_database_related.db_id 
_pdbx_database_related.details 
_pdbx_database_related.content_type 
PDB 2Q8V 'NblA protein from T. vulcanus crystallized in urea' unspecified 
PDB 2QDO 'NblA protein from T. vulcanus'                      unspecified 
# 
_pdbx_database_status.status_code                     REL 
_pdbx_database_status.entry_id                        3CS5 
_pdbx_database_status.recvd_initial_deposition_date   2008-04-09 
_pdbx_database_status.deposit_site                    RCSB 
_pdbx_database_status.process_site                    PDBJ 
_pdbx_database_status.status_code_sf                  REL 
_pdbx_database_status.status_code_mr                  ? 
_pdbx_database_status.SG_entry                        ? 
_pdbx_database_status.pdb_format_compatible           Y 
_pdbx_database_status.status_code_cs                  ? 
_pdbx_database_status.status_code_nmr_data            ? 
_pdbx_database_status.methods_development_category    ? 
# 
loop_
_audit_author.name 
_audit_author.pdbx_ordinal 
'Dines, M.'     1 
'Sendersky, E.' 2 
'Schwarz, R.'   3 
'Adir, N.'      4 
# 
loop_
_citation.id 
_citation.title 
_citation.journal_abbrev 
_citation.journal_volume 
_citation.page_first 
_citation.page_last 
_citation.year 
_citation.journal_id_ASTM 
_citation.country 
_citation.journal_id_ISSN 
_citation.journal_id_CSD 
_citation.book_publisher 
_citation.pdbx_database_id_PubMed 
_citation.pdbx_database_id_DOI 
primary 
;Structural, Functional, and Mutational Analysis of the NblA Protein Provides Insight into Possible Modes of Interaction with the Phycobilisome
;
J.Biol.Chem.   283 30330 30340 2008 JBCHA3 US 0021-9258 0071 ? 18718907 10.1074/jbc.M804241200    
1       'Crystallization of sparingly soluble stress-related proteins from cyanobacteria by controlled urea solublization' 
J.Struct.Biol. 158 116   121   2007 JSBIEM US 1047-8477 0803 ? 17187990 10.1016/j.jsb.2006.10.021 
# 
loop_
_citation_author.citation_id 
_citation_author.name 
_citation_author.ordinal 
_citation_author.identifier_ORCID 
primary 'Dines, M.'     1 ? 
primary 'Sendersky, E.' 2 ? 
primary 'David, L.'     3 ? 
primary 'Schwarz, R.'   4 ? 
primary 'Adir, N.'      5 ? 
1       'Dines, M.'     6 ? 
1       'Sendersky, E.' 7 ? 
1       'Schwarz, R.'   8 ? 
1       'Adir, N.'      9 ? 
# 
_cell.entry_id           3CS5 
_cell.length_a           78.080 
_cell.length_b           78.080 
_cell.length_c           70.678 
_cell.angle_alpha        90.00 
_cell.angle_beta         90.00 
_cell.angle_gamma        90.00 
_cell.Z_PDB              16 
_cell.pdbx_unique_axis   ? 
_cell.length_a_esd       ? 
_cell.length_b_esd       ? 
_cell.length_c_esd       ? 
_cell.angle_alpha_esd    ? 
_cell.angle_beta_esd     ? 
_cell.angle_gamma_esd    ? 
# 
_symmetry.entry_id                         3CS5 
_symmetry.space_group_name_H-M             'P 4' 
_symmetry.pdbx_full_space_group_name_H-M   ? 
_symmetry.cell_setting                     ? 
_symmetry.Int_Tables_number                75 
_symmetry.space_group_name_Hall            ? 
# 
loop_
_entity.id 
_entity.type 
_entity.src_method 
_entity.pdbx_description 
_entity.formula_weight 
_entity.pdbx_number_of_molecules 
_entity.pdbx_ec 
_entity.pdbx_mutation 
_entity.pdbx_fragment 
_entity.details 
1 polymer man 'Phycobilisome degradation protein nblA' 7060.076 4  ? ? ? ? 
2 water   nat water                                    18.015   27 ? ? ? ? 
# 
_entity_poly.entity_id                      1 
_entity_poly.type                           'polypeptide(L)' 
_entity_poly.nstd_linkage                   no 
_entity_poly.nstd_monomer                   no 
_entity_poly.pdbx_seq_one_letter_code       MLPPLPDFSLSVEQQFDLQKYRQQVRDISREDLEDLFIEVVRQKMAHENIFKGMIRQGS 
_entity_poly.pdbx_seq_one_letter_code_can   MLPPLPDFSLSVEQQFDLQKYRQQVRDISREDLEDLFIEVVRQKMAHENIFKGMIRQGS 
_entity_poly.pdbx_strand_id                 A,B,C,D 
_entity_poly.pdbx_target_identifier         ? 
# 
loop_
_entity_poly_seq.entity_id 
_entity_poly_seq.num 
_entity_poly_seq.mon_id 
_entity_poly_seq.hetero 
1 1  MET n 
1 2  LEU n 
1 3  PRO n 
1 4  PRO n 
1 5  LEU n 
1 6  PRO n 
1 7  ASP n 
1 8  PHE n 
1 9  SER n 
1 10 LEU n 
1 11 SER n 
1 12 VAL n 
1 13 GLU n 
1 14 GLN n 
1 15 GLN n 
1 16 PHE n 
1 17 ASP n 
1 18 LEU n 
1 19 GLN n 
1 20 LYS n 
1 21 TYR n 
1 22 ARG n 
1 23 GLN n 
1 24 GLN n 
1 25 VAL n 
1 26 ARG n 
1 27 ASP n 
1 28 ILE n 
1 29 SER n 
1 30 ARG n 
1 31 GLU n 
1 32 ASP n 
1 33 LEU n 
1 34 GLU n 
1 35 ASP n 
1 36 LEU n 
1 37 PHE n 
1 38 ILE n 
1 39 GLU n 
1 40 VAL n 
1 41 VAL n 
1 42 ARG n 
1 43 GLN n 
1 44 LYS n 
1 45 MET n 
1 46 ALA n 
1 47 HIS n 
1 48 GLU n 
1 49 ASN n 
1 50 ILE n 
1 51 PHE n 
1 52 LYS n 
1 53 GLY n 
1 54 MET n 
1 55 ILE n 
1 56 ARG n 
1 57 GLN n 
1 58 GLY n 
1 59 SER n 
# 
_entity_src_gen.entity_id                          1 
_entity_src_gen.pdbx_src_id                        1 
_entity_src_gen.pdbx_alt_source_flag               sample 
_entity_src_gen.pdbx_seq_type                      ? 
_entity_src_gen.pdbx_beg_seq_num                   ? 
_entity_src_gen.pdbx_end_seq_num                   ? 
_entity_src_gen.gene_src_common_name               ? 
_entity_src_gen.gene_src_genus                     ? 
_entity_src_gen.pdbx_gene_src_gene                 nblA 
_entity_src_gen.gene_src_species                   ? 
_entity_src_gen.gene_src_strain                    'PCC 7942' 
_entity_src_gen.gene_src_tissue                    ? 
_entity_src_gen.gene_src_tissue_fraction           ? 
_entity_src_gen.gene_src_details                   ? 
_entity_src_gen.pdbx_gene_src_fragment             ? 
_entity_src_gen.pdbx_gene_src_scientific_name      'Synechococcus sp.' 
_entity_src_gen.pdbx_gene_src_ncbi_taxonomy_id     1140 
_entity_src_gen.pdbx_gene_src_variant              ? 
_entity_src_gen.pdbx_gene_src_cell_line            ? 
_entity_src_gen.pdbx_gene_src_atcc                 ? 
_entity_src_gen.pdbx_gene_src_organ                ? 
_entity_src_gen.pdbx_gene_src_organelle            ? 
_entity_src_gen.pdbx_gene_src_cell                 ? 
_entity_src_gen.pdbx_gene_src_cellular_location    ? 
_entity_src_gen.host_org_common_name               ? 
_entity_src_gen.pdbx_host_org_scientific_name      'Escherichia coli' 
_entity_src_gen.pdbx_host_org_ncbi_taxonomy_id     562 
_entity_src_gen.host_org_genus                     ? 
_entity_src_gen.pdbx_host_org_gene                 ? 
_entity_src_gen.pdbx_host_org_organ                ? 
_entity_src_gen.host_org_species                   ? 
_entity_src_gen.pdbx_host_org_tissue               ? 
_entity_src_gen.pdbx_host_org_tissue_fraction      ? 
_entity_src_gen.pdbx_host_org_strain               ? 
_entity_src_gen.pdbx_host_org_variant              ? 
_entity_src_gen.pdbx_host_org_cell_line            ? 
_entity_src_gen.pdbx_host_org_atcc                 ? 
_entity_src_gen.pdbx_host_org_culture_collection   ? 
_entity_src_gen.pdbx_host_org_cell                 ? 
_entity_src_gen.pdbx_host_org_organelle            ? 
_entity_src_gen.pdbx_host_org_cellular_location    ? 
_entity_src_gen.pdbx_host_org_vector_type          plasmid 
_entity_src_gen.pdbx_host_org_vector               ? 
_entity_src_gen.host_org_details                   ? 
_entity_src_gen.expression_system_id               ? 
_entity_src_gen.plasmid_name                       pQE-70 
_entity_src_gen.plasmid_details                    ? 
_entity_src_gen.pdbx_description                   ? 
# 
_struct_ref.id                         1 
_struct_ref.db_name                    UNP 
_struct_ref.db_code                    NBLA_SYNP7 
_struct_ref.pdbx_db_accession          P35087 
_struct_ref.entity_id                  1 
_struct_ref.pdbx_seq_one_letter_code   MLPPLPDFSLSVEQQFDLQKYRQQVRDISREDLEDLFIEVVRQKMAHENIFKGMIRQGS 
_struct_ref.pdbx_align_begin           1 
_struct_ref.pdbx_db_isoform            ? 
# 
loop_
_struct_ref_seq.align_id 
_struct_ref_seq.ref_id 
_struct_ref_seq.pdbx_PDB_id_code 
_struct_ref_seq.pdbx_strand_id 
_struct_ref_seq.seq_align_beg 
_struct_ref_seq.pdbx_seq_align_beg_ins_code 
_struct_ref_seq.seq_align_end 
_struct_ref_seq.pdbx_seq_align_end_ins_code 
_struct_ref_seq.pdbx_db_accession 
_struct_ref_seq.db_align_beg 
_struct_ref_seq.pdbx_db_align_beg_ins_code 
_struct_ref_seq.db_align_end 
_struct_ref_seq.pdbx_db_align_end_ins_code 
_struct_ref_seq.pdbx_auth_seq_align_beg 
_struct_ref_seq.pdbx_auth_seq_align_end 
1 1 3CS5 A 1 ? 59 ? P35087 1 ? 59 ? 1 59 
2 1 3CS5 B 1 ? 59 ? P35087 1 ? 59 ? 1 59 
3 1 3CS5 C 1 ? 59 ? P35087 1 ? 59 ? 1 59 
4 1 3CS5 D 1 ? 59 ? P35087 1 ? 59 ? 1 59 
# 
loop_
_chem_comp.id 
_chem_comp.type 
_chem_comp.mon_nstd_flag 
_chem_comp.name 
_chem_comp.pdbx_synonyms 
_chem_comp.formula 
_chem_comp.formula_weight 
ALA 'L-peptide linking' y ALANINE         ? 'C3 H7 N O2'     89.093  
ARG 'L-peptide linking' y ARGININE        ? 'C6 H15 N4 O2 1' 175.209 
ASN 'L-peptide linking' y ASPARAGINE      ? 'C4 H8 N2 O3'    132.118 
ASP 'L-peptide linking' y 'ASPARTIC ACID' ? 'C4 H7 N O4'     133.103 
GLN 'L-peptide linking' y GLUTAMINE       ? 'C5 H10 N2 O3'   146.144 
GLU 'L-peptide linking' y 'GLUTAMIC ACID' ? 'C5 H9 N O4'     147.129 
GLY 'peptide linking'   y GLYCINE         ? 'C2 H5 N O2'     75.067  
HIS 'L-peptide linking' y HISTIDINE       ? 'C6 H10 N3 O2 1' 156.162 
HOH non-polymer         . WATER           ? 'H2 O'           18.015  
ILE 'L-peptide linking' y ISOLEUCINE      ? 'C6 H13 N O2'    131.173 
LEU 'L-peptide linking' y LEUCINE         ? 'C6 H13 N O2'    131.173 
LYS 'L-peptide linking' y LYSINE          ? 'C6 H15 N2 O2 1' 147.195 
MET 'L-peptide linking' y METHIONINE      ? 'C5 H11 N O2 S'  149.211 
PHE 'L-peptide linking' y PHENYLALANINE   ? 'C9 H11 N O2'    165.189 
PRO 'L-peptide linking' y PROLINE         ? 'C5 H9 N O2'     115.130 
SER 'L-peptide linking' y SERINE          ? 'C3 H7 N O3'     105.093 
TYR 'L-peptide linking' y TYROSINE        ? 'C9 H11 N O3'    181.189 
VAL 'L-peptide linking' y VALINE          ? 'C5 H11 N O2'    117.146 
# 
_exptl.entry_id          3CS5 
_exptl.method            'X-RAY DIFFRACTION' 
_exptl.crystals_number   1 
# 
_exptl_crystal.id                    1 
_exptl_crystal.density_meas          ? 
_exptl_crystal.density_Matthews      3.81 
_exptl_crystal.density_percent_sol   67.75 
_exptl_crystal.description           ? 
_exptl_crystal.F_000                 ? 
_exptl_crystal.preparation           ? 
# 
_exptl_crystal_grow.crystal_id      1 
_exptl_crystal_grow.method          'VAPOR DIFFUSION, HANGING DROP' 
_exptl_crystal_grow.temp            293.0 
_exptl_crystal_grow.temp_details    ? 
_exptl_crystal_grow.pH              8.0 
_exptl_crystal_grow.pdbx_details    '25% ethylene glycol, pH8.0, VAPOR DIFFUSION, HANGING DROP, temperature 293.0K' 
_exptl_crystal_grow.pdbx_pH_range   . 
# 
_diffrn.id                     1 
_diffrn.ambient_temp           100 
_diffrn.ambient_temp_details   ? 
_diffrn.crystal_id             1 
# 
_diffrn_detector.diffrn_id              1 
_diffrn_detector.detector               CCD 
_diffrn_detector.type                   'ADSC QUANTUM 210' 
_diffrn_detector.pdbx_collection_date   2006-03-15 
_diffrn_detector.details                ? 
# 
_diffrn_radiation.diffrn_id                        1 
_diffrn_radiation.wavelength_id                    1 
_diffrn_radiation.pdbx_monochromatic_or_laue_m_l   M 
_diffrn_radiation.monochromator                    ? 
_diffrn_radiation.pdbx_diffrn_protocol             'SINGLE WAVELENGTH' 
_diffrn_radiation.pdbx_scattering_type             x-ray 
# 
_diffrn_radiation_wavelength.id           1 
_diffrn_radiation_wavelength.wavelength   0.934 
_diffrn_radiation_wavelength.wt           1.0 
# 
_diffrn_source.diffrn_id                   1 
_diffrn_source.source                      SYNCHROTRON 
_diffrn_source.type                        'ESRF BEAMLINE ID14-1' 
_diffrn_source.pdbx_synchrotron_site       ESRF 
_diffrn_source.pdbx_synchrotron_beamline   ID14-1 
_diffrn_source.pdbx_wavelength             ? 
_diffrn_source.pdbx_wavelength_list        0.934 
# 
_reflns.entry_id                     3CS5 
_reflns.observed_criterion_sigma_F   ? 
_reflns.observed_criterion_sigma_I   ? 
_reflns.d_resolution_high            2.2 
_reflns.d_resolution_low             20 
_reflns.number_all                   ? 
_reflns.number_obs                   21001 
_reflns.percent_possible_obs         96.9 
_reflns.pdbx_Rmerge_I_obs            ? 
_reflns.pdbx_Rsym_value              0.057 
_reflns.pdbx_netI_over_sigmaI        9.75 
_reflns.B_iso_Wilson_estimate        20.1 
_reflns.pdbx_redundancy              6.8 
_reflns.R_free_details               ? 
_reflns.limit_h_max                  ? 
_reflns.limit_h_min                  ? 
_reflns.limit_k_max                  ? 
_reflns.limit_k_min                  ? 
_reflns.limit_l_max                  ? 
_reflns.limit_l_min                  ? 
_reflns.observed_criterion_F_max     ? 
_reflns.observed_criterion_F_min     ? 
_reflns.pdbx_chi_squared             ? 
_reflns.pdbx_scaling_rejects         ? 
_reflns.pdbx_diffrn_id               1 
_reflns.pdbx_ordinal                 1 
# 
_refine.entry_id                                 3CS5 
_refine.ls_d_res_high                            2.2 
_refine.ls_d_res_low                             20 
_refine.pdbx_ls_sigma_F                          4 
_refine.pdbx_ls_sigma_I                          ? 
_refine.ls_number_reflns_all                     21001 
_refine.ls_number_reflns_obs                     18211 
_refine.ls_number_reflns_R_free                  1844 
_refine.ls_percent_reflns_obs                    ? 
_refine.ls_R_factor_all                          ? 
_refine.ls_R_factor_obs                          ? 
_refine.ls_R_factor_R_work                       0.2476 
_refine.ls_R_factor_R_free                       0.3466 
_refine.ls_redundancy_reflns_obs                 ? 
_refine.pdbx_data_cutoff_high_absF               ? 
_refine.pdbx_data_cutoff_low_absF                ? 
_refine.ls_number_parameters                     ? 
_refine.ls_number_restraints                     ? 
_refine.ls_percent_reflns_R_free                 ? 
_refine.ls_R_factor_R_free_error                 ? 
_refine.ls_R_factor_R_free_error_details         ? 
_refine.pdbx_method_to_determine_struct          'MOLECULAR REPLACEMENT' 
_refine.pdbx_starting_model                      'PDB ENTRY 2Q8V' 
_refine.pdbx_ls_cross_valid_method               THROUGHOUT 
_refine.pdbx_R_Free_selection_details            Random 
_refine.pdbx_stereochem_target_val_spec_case     ? 
_refine.pdbx_stereochemistry_target_values       'Engh & Huber' 
_refine.solvent_model_details                    ? 
_refine.solvent_model_param_bsol                 ? 
_refine.solvent_model_param_ksol                 ? 
_refine.occupancy_max                            ? 
_refine.occupancy_min                            ? 
_refine.pdbx_isotropic_thermal_model             Isotropic 
_refine.B_iso_mean                               27.5 
_refine.aniso_B[1][1]                            ? 
_refine.aniso_B[1][2]                            ? 
_refine.aniso_B[1][3]                            ? 
_refine.aniso_B[2][2]                            ? 
_refine.aniso_B[2][3]                            ? 
_refine.aniso_B[3][3]                            ? 
_refine.details                                  
;This is a twinned structure, the detwin fraction is 0.479 and operator is 'h, -k, -l'.
;
_refine.B_iso_min                                ? 
_refine.B_iso_max                                ? 
_refine.correlation_coeff_Fo_to_Fc               ? 
_refine.correlation_coeff_Fo_to_Fc_free          ? 
_refine.pdbx_solvent_vdw_probe_radii             ? 
_refine.pdbx_solvent_ion_probe_radii             ? 
_refine.pdbx_solvent_shrinkage_radii             ? 
_refine.overall_SU_R_Cruickshank_DPI             ? 
_refine.overall_SU_R_free                        ? 
_refine.overall_SU_ML                            ? 
_refine.overall_SU_B                             ? 
_refine.pdbx_overall_ESU_R_Free                  ? 
_refine.pdbx_data_cutoff_high_rms_absF           ? 
_refine.pdbx_overall_ESU_R                       ? 
_refine.ls_wR_factor_R_free                      ? 
_refine.ls_wR_factor_R_work                      ? 
_refine.overall_FOM_free_R_set                   ? 
_refine.overall_FOM_work_R_set                   ? 
_refine.pdbx_overall_phase_error                 ? 
_refine.pdbx_refine_id                           'X-RAY DIFFRACTION' 
_refine.pdbx_diffrn_id                           1 
_refine.pdbx_TLS_residual_ADP_flag               ? 
_refine.pdbx_overall_SU_R_free_Cruickshank_DPI   ? 
_refine.pdbx_overall_SU_R_Blow_DPI               ? 
_refine.pdbx_overall_SU_R_free_Blow_DPI          ? 
# 
_refine_analyze.entry_id                        3CS5 
_refine_analyze.Luzzati_coordinate_error_obs    ? 
_refine_analyze.Luzzati_sigma_a_obs             0.509 
_refine_analyze.Luzzati_d_res_low_obs           5.0 
_refine_analyze.Luzzati_coordinate_error_free   ? 
_refine_analyze.Luzzati_sigma_a_free            ? 
_refine_analyze.Luzzati_d_res_low_free          ? 
_refine_analyze.number_disordered_residues      ? 
_refine_analyze.occupancy_sum_non_hydrogen      ? 
_refine_analyze.occupancy_sum_hydrogen          ? 
_refine_analyze.pdbx_Luzzati_d_res_high_obs     ? 
_refine_analyze.pdbx_refine_id                  'X-RAY DIFFRACTION' 
# 
_refine_hist.pdbx_refine_id                   'X-RAY DIFFRACTION' 
_refine_hist.cycle_id                         LAST 
_refine_hist.pdbx_number_atoms_protein        1644 
_refine_hist.pdbx_number_atoms_nucleic_acid   0 
_refine_hist.pdbx_number_atoms_ligand         0 
_refine_hist.number_atoms_solvent             27 
_refine_hist.number_atoms_total               1671 
_refine_hist.d_res_high                       2.2 
_refine_hist.d_res_low                        20 
# 
loop_
_refine_ls_restr.type 
_refine_ls_restr.dev_ideal 
_refine_ls_restr.dev_ideal_target 
_refine_ls_restr.weight 
_refine_ls_restr.number 
_refine_ls_restr.pdbx_refine_id 
_refine_ls_restr.pdbx_restraint_function 
s_bond_d  0.022 ? ? ? 'X-RAY DIFFRACTION' ? 
s_angle_d 1.9   ? ? ? 'X-RAY DIFFRACTION' ? 
# 
_pdbx_refine.entry_id                                    3CS5 
_pdbx_refine.R_factor_all_no_cutoff                      ? 
_pdbx_refine.R_factor_obs_no_cutoff                      0.2559 
_pdbx_refine.free_R_factor_no_cutoff                     0.3466 
_pdbx_refine.free_R_error_no_cutoff                      ? 
_pdbx_refine.free_R_val_test_set_size_perc_no_cutoff     10 
_pdbx_refine.free_R_val_test_set_ct_no_cutoff            ? 
_pdbx_refine.R_factor_all_4sig_cutoff                    ? 
_pdbx_refine.R_factor_obs_4sig_cutoff                    0.2476 
_pdbx_refine.free_R_factor_4sig_cutoff                   0.3466 
_pdbx_refine.free_R_val_test_set_size_perc_4sig_cutoff   10 
_pdbx_refine.free_R_val_test_set_ct_4sig_cutoff          1844 
_pdbx_refine.number_reflns_obs_4sig_cutoff               20055 
_pdbx_refine.pdbx_refine_id                              'X-RAY DIFFRACTION' 
# 
_struct.entry_id                  3CS5 
_struct.title                     'NblA protein from Synechococcus elongatus PCC 7942' 
_struct.pdbx_model_details        ? 
_struct.pdbx_CASP_flag            ? 
_struct.pdbx_model_type_details   ? 
# 
_struct_keywords.entry_id        3CS5 
_struct_keywords.pdbx_keywords   PHOTOSYNTHESIS 
_struct_keywords.text            
'Photosynthesis, phycobilisome, nutrient stress, bleaching, helix-turn-helix, partial merohedral twinning' 
# 
loop_
_struct_asym.id 
_struct_asym.pdbx_blank_PDB_chainid_flag 
_struct_asym.pdbx_modified 
_struct_asym.entity_id 
_struct_asym.details 
A N N 1 ? 
B N N 1 ? 
C N N 1 ? 
D N N 1 ? 
E N N 2 ? 
F N N 2 ? 
G N N 2 ? 
H N N 2 ? 
# 
_struct_biol.id        1 
_struct_biol.details   ? 
# 
loop_
_struct_conf.conf_type_id 
_struct_conf.id 
_struct_conf.pdbx_PDB_helix_id 
_struct_conf.beg_label_comp_id 
_struct_conf.beg_label_asym_id 
_struct_conf.beg_label_seq_id 
_struct_conf.pdbx_beg_PDB_ins_code 
_struct_conf.end_label_comp_id 
_struct_conf.end_label_asym_id 
_struct_conf.end_label_seq_id 
_struct_conf.pdbx_end_PDB_ins_code 
_struct_conf.beg_auth_comp_id 
_struct_conf.beg_auth_asym_id 
_struct_conf.beg_auth_seq_id 
_struct_conf.end_auth_comp_id 
_struct_conf.end_auth_asym_id 
_struct_conf.end_auth_seq_id 
_struct_conf.pdbx_PDB_helix_class 
_struct_conf.details 
_struct_conf.pdbx_PDB_helix_length 
HELX_P HELX_P1  1  VAL A 12 ? GLN A 24 ? VAL A 12 GLN A 24 1 ? 13 
HELX_P HELX_P2  2  ARG A 30 ? LEU A 33 ? ARG A 30 LEU A 33 5 ? 4  
HELX_P HELX_P3  3  GLU A 34 ? GLU A 39 ? GLU A 34 GLU A 39 1 ? 6  
HELX_P HELX_P4  4  GLU A 39 ? ARG A 56 ? GLU A 39 ARG A 56 1 ? 18 
HELX_P HELX_P5  5  VAL B 12 ? ARG B 26 ? VAL B 12 ARG B 26 1 ? 15 
HELX_P HELX_P6  6  SER B 29 ? MET B 45 ? SER B 29 MET B 45 1 ? 17 
HELX_P HELX_P7  7  MET B 45 ? ILE B 50 ? MET B 45 ILE B 50 1 ? 6  
HELX_P HELX_P8  8  GLN C 14 ? ILE C 28 ? GLN C 14 ILE C 28 1 ? 15 
HELX_P HELX_P9  9  LEU C 33 ? GLN C 43 ? LEU C 33 GLN C 43 1 ? 11 
HELX_P HELX_P10 10 HIS C 47 ? GLN C 57 ? HIS C 47 GLN C 57 1 ? 11 
HELX_P HELX_P11 11 VAL D 12 ? VAL D 25 ? VAL D 12 VAL D 25 1 ? 14 
HELX_P HELX_P12 12 ARG D 26 ? ILE D 28 ? ARG D 26 ILE D 28 5 ? 3  
HELX_P HELX_P13 13 SER D 29 ? ARG D 42 ? SER D 29 ARG D 42 1 ? 14 
HELX_P HELX_P14 14 ARG D 42 ? ARG D 56 ? ARG D 42 ARG D 56 1 ? 15 
# 
_struct_conf_type.id          HELX_P 
_struct_conf_type.criteria    ? 
_struct_conf_type.reference   ? 
# 
_atom_sites.entry_id                    3CS5 
_atom_sites.fract_transf_matrix[1][1]   0.00890862 
_atom_sites.fract_transf_matrix[1][2]   0.00018151 
_atom_sites.fract_transf_matrix[1][3]   0.00919907 
_atom_sites.fract_transf_matrix[2][1]   0.00578763 
_atom_sites.fract_transf_matrix[2][2]   0.00984342 
_atom_sites.fract_transf_matrix[2][3]   -0.00579911 
_atom_sites.fract_transf_matrix[3][1]   -0.00790205 
_atom_sites.fract_transf_matrix[3][2]   0.00904937 
_atom_sites.fract_transf_matrix[3][3]   0.00747400 
_atom_sites.fract_transf_vector[1]      0.514760 
_atom_sites.fract_transf_vector[2]      0.237314 
_atom_sites.fract_transf_vector[3]      0.513137 
# 
loop_
_atom_type.symbol 
C 
N 
O 
S 
# 
loop_
_atom_site.group_PDB 
_atom_site.id 
_atom_site.type_symbol 
_atom_site.label_atom_id 
_atom_site.label_alt_id 
_atom_site.label_comp_id 
_atom_site.label_asym_id 
_atom_site.label_entity_id 
_atom_site.label_seq_id 
_atom_site.pdbx_PDB_ins_code 
_atom_site.Cartn_x 
_atom_site.Cartn_y 
_atom_site.Cartn_z 
_atom_site.occupancy 
_atom_site.B_iso_or_equiv 
_atom_site.pdbx_formal_charge 
_atom_site.auth_seq_id 
_atom_site.auth_comp_id 
_atom_site.auth_asym_id 
_atom_site.auth_atom_id 
_atom_site.pdbx_PDB_model_num 
ATOM   1    N N   . VAL A 1 12 ? 8.329   6.079   -20.938 1.00 9.13   ? 12 VAL A N   1 
ATOM   2    C CA  . VAL A 1 12 ? 9.671   6.127   -21.515 1.00 19.86  ? 12 VAL A CA  1 
ATOM   3    C C   . VAL A 1 12 ? 10.557  5.074   -20.842 1.00 24.13  ? 12 VAL A C   1 
ATOM   4    O O   . VAL A 1 12 ? 10.661  3.974   -21.404 1.00 13.61  ? 12 VAL A O   1 
ATOM   5    C CB  . VAL A 1 12 ? 10.314  7.519   -21.421 1.00 23.60  ? 12 VAL A CB  1 
ATOM   6    C CG1 . VAL A 1 12 ? 11.790  7.498   -21.783 1.00 0.00   ? 12 VAL A CG1 1 
ATOM   7    C CG2 . VAL A 1 12 ? 9.561   8.485   -22.332 1.00 22.48  ? 12 VAL A CG2 1 
ATOM   8    N N   . GLU A 1 13 ? 11.114  5.450   -19.705 1.00 20.41  ? 13 GLU A N   1 
ATOM   9    C CA  . GLU A 1 13 ? 12.065  4.687   -18.916 1.00 25.30  ? 13 GLU A CA  1 
ATOM   10   C C   . GLU A 1 13 ? 11.791  3.184   -18.980 1.00 28.06  ? 13 GLU A C   1 
ATOM   11   O O   . GLU A 1 13 ? 12.605  2.465   -19.578 1.00 11.10  ? 13 GLU A O   1 
ATOM   12   C CB  . GLU A 1 13 ? 12.089  5.150   -17.458 1.00 22.90  ? 13 GLU A CB  1 
ATOM   13   C CG  . GLU A 1 13 ? 13.372  5.892   -17.103 1.00 17.86  ? 13 GLU A CG  1 
ATOM   14   C CD  . GLU A 1 13 ? 13.296  6.578   -15.754 1.00 12.37  ? 13 GLU A CD  1 
ATOM   15   O OE1 . GLU A 1 13 ? 13.566  5.881   -14.752 1.00 20.13  ? 13 GLU A OE1 1 
ATOM   16   O OE2 . GLU A 1 13 ? 12.984  7.787   -15.669 1.00 18.80  ? 13 GLU A OE2 1 
ATOM   17   N N   . GLN A 1 14 ? 10.672  2.759   -18.412 1.00 24.04  ? 14 GLN A N   1 
ATOM   18   C CA  . GLN A 1 14 ? 10.219  1.371   -18.461 1.00 17.98  ? 14 GLN A CA  1 
ATOM   19   C C   . GLN A 1 14 ? 10.382  0.782   -19.863 1.00 21.68  ? 14 GLN A C   1 
ATOM   20   O O   . GLN A 1 14 ? 10.698  -0.400  -20.012 1.00 13.85  ? 14 GLN A O   1 
ATOM   21   C CB  . GLN A 1 14 ? 8.757   1.247   -18.023 1.00 5.28   ? 14 GLN A CB  1 
ATOM   22   C CG  . GLN A 1 14 ? 8.459   1.636   -16.589 1.00 12.37  ? 14 GLN A CG  1 
ATOM   23   C CD  . GLN A 1 14 ? 7.114   2.312   -16.400 1.00 17.16  ? 14 GLN A CD  1 
ATOM   24   O OE1 . GLN A 1 14 ? 6.156   2.047   -17.124 1.00 27.63  ? 14 GLN A OE1 1 
ATOM   25   N NE2 . GLN A 1 14 ? 7.029   3.206   -15.415 1.00 20.19  ? 14 GLN A NE2 1 
ATOM   26   N N   . GLN A 1 15 ? 10.168  1.575   -20.912 1.00 16.89  ? 15 GLN A N   1 
ATOM   27   C CA  . GLN A 1 15 ? 10.357  1.060   -22.267 1.00 15.13  ? 15 GLN A CA  1 
ATOM   28   C C   . GLN A 1 15 ? 11.809  0.642   -22.452 1.00 6.77   ? 15 GLN A C   1 
ATOM   29   O O   . GLN A 1 15 ? 12.108  -0.318  -23.160 1.00 0.00   ? 15 GLN A O   1 
ATOM   30   C CB  . GLN A 1 15 ? 9.923   2.089   -23.312 1.00 12.39  ? 15 GLN A CB  1 
ATOM   31   C CG  . GLN A 1 15 ? 8.467   2.506   -23.170 1.00 3.53   ? 15 GLN A CG  1 
ATOM   32   C CD  . GLN A 1 15 ? 8.235   3.956   -23.536 1.00 3.49   ? 15 GLN A CD  1 
ATOM   33   O OE1 . GLN A 1 15 ? 9.132   4.614   -24.080 1.00 11.70  ? 15 GLN A OE1 1 
ATOM   34   N NE2 . GLN A 1 15 ? 7.044   4.468   -23.236 1.00 15.83  ? 15 GLN A NE2 1 
ATOM   35   N N   . PHE A 1 16 ? 12.727  1.351   -21.791 1.00 4.34   ? 16 PHE A N   1 
ATOM   36   C CA  . PHE A 1 16 ? 14.100  0.850   -21.783 1.00 6.60   ? 16 PHE A CA  1 
ATOM   37   C C   . PHE A 1 16 ? 14.064  -0.520  -21.081 1.00 14.10  ? 16 PHE A C   1 
ATOM   38   O O   . PHE A 1 16 ? 14.486  -1.505  -21.678 1.00 5.13   ? 16 PHE A O   1 
ATOM   39   C CB  . PHE A 1 16 ? 15.091  1.774   -21.091 1.00 6.91   ? 16 PHE A CB  1 
ATOM   40   C CG  . PHE A 1 16 ? 14.951  3.249   -21.412 1.00 20.67  ? 16 PHE A CG  1 
ATOM   41   C CD1 . PHE A 1 16 ? 14.964  4.190   -20.398 1.00 26.74  ? 16 PHE A CD1 1 
ATOM   42   C CD2 . PHE A 1 16 ? 14.809  3.696   -22.716 1.00 22.64  ? 16 PHE A CD2 1 
ATOM   43   C CE1 . PHE A 1 16 ? 14.835  5.539   -20.664 1.00 29.80  ? 16 PHE A CE1 1 
ATOM   44   C CE2 . PHE A 1 16 ? 14.679  5.043   -22.992 1.00 25.70  ? 16 PHE A CE2 1 
ATOM   45   C CZ  . PHE A 1 16 ? 14.693  5.972   -21.968 1.00 27.96  ? 16 PHE A CZ  1 
ATOM   46   N N   . ASP A 1 17 ? 13.558  -0.488  -19.860 1.00 25.39  ? 17 ASP A N   1 
ATOM   47   C CA  . ASP A 1 17 ? 13.336  -1.620  -18.970 1.00 22.63  ? 17 ASP A CA  1 
ATOM   48   C C   . ASP A 1 17 ? 12.920  -2.837  -19.799 1.00 21.70  ? 17 ASP A C   1 
ATOM   49   O O   . ASP A 1 17 ? 13.636  -3.841  -19.811 1.00 60.43  ? 17 ASP A O   1 
ATOM   50   C CB  . ASP A 1 17 ? 12.281  -1.289  -17.929 1.00 25.46  ? 17 ASP A CB  1 
ATOM   51   C CG  . ASP A 1 17 ? 12.670  -1.368  -16.472 1.00 29.16  ? 17 ASP A CG  1 
ATOM   52   O OD1 . ASP A 1 17 ? 13.529  -2.200  -16.097 1.00 10.10  ? 17 ASP A OD1 1 
ATOM   53   O OD2 . ASP A 1 17 ? 12.084  -0.580  -15.678 1.00 0.00   ? 17 ASP A OD2 1 
ATOM   54   N N   . LEU A 1 18 ? 11.808  -2.727  -20.501 1.00 15.17  ? 18 LEU A N   1 
ATOM   55   C CA  . LEU A 1 18 ? 11.273  -3.711  -21.423 1.00 16.70  ? 18 LEU A CA  1 
ATOM   56   C C   . LEU A 1 18 ? 12.319  -4.292  -22.370 1.00 22.75  ? 18 LEU A C   1 
ATOM   57   O O   . LEU A 1 18 ? 12.597  -5.487  -22.458 1.00 0.00   ? 18 LEU A O   1 
ATOM   58   C CB  . LEU A 1 18 ? 10.195  -3.058  -22.299 1.00 16.40  ? 18 LEU A CB  1 
ATOM   59   C CG  . LEU A 1 18 ? 8.796   -2.886  -21.720 1.00 9.35   ? 18 LEU A CG  1 
ATOM   60   C CD1 . LEU A 1 18 ? 7.756   -3.008  -22.825 1.00 1.96   ? 18 LEU A CD1 1 
ATOM   61   C CD2 . LEU A 1 18 ? 8.538   -3.882  -20.604 1.00 3.89   ? 18 LEU A CD2 1 
ATOM   62   N N   . GLN A 1 19 ? 12.899  -3.376  -23.152 1.00 33.18  ? 19 GLN A N   1 
ATOM   63   C CA  . GLN A 1 19 ? 13.892  -3.786  -24.140 1.00 33.90  ? 19 GLN A CA  1 
ATOM   64   C C   . GLN A 1 19 ? 15.029  -4.517  -23.433 1.00 30.51  ? 19 GLN A C   1 
ATOM   65   O O   . GLN A 1 19 ? 15.495  -5.536  -23.931 1.00 1.49   ? 19 GLN A O   1 
ATOM   66   C CB  . GLN A 1 19 ? 14.425  -2.585  -24.912 1.00 31.12  ? 19 GLN A CB  1 
ATOM   67   C CG  . GLN A 1 19 ? 13.320  -1.635  -25.359 1.00 27.99  ? 19 GLN A CG  1 
ATOM   68   C CD  . GLN A 1 19 ? 13.906  -0.310  -25.813 1.00 26.14  ? 19 GLN A CD  1 
ATOM   69   O OE1 . GLN A 1 19 ? 15.123  -0.153  -25.813 1.00 22.10  ? 19 GLN A OE1 1 
ATOM   70   N NE2 . GLN A 1 19 ? 13.030  0.601   -26.190 1.00 28.49  ? 19 GLN A NE2 1 
ATOM   71   N N   . LYS A 1 20 ? 15.401  -3.959  -22.284 1.00 27.32  ? 20 LYS A N   1 
ATOM   72   C CA  . LYS A 1 20 ? 16.425  -4.561  -21.435 1.00 18.91  ? 20 LYS A CA  1 
ATOM   73   C C   . LYS A 1 20 ? 16.003  -5.959  -21.000 1.00 11.69  ? 20 LYS A C   1 
ATOM   74   O O   . LYS A 1 20 ? 16.795  -6.906  -21.064 1.00 30.66  ? 20 LYS A O   1 
ATOM   75   C CB  . LYS A 1 20 ? 16.712  -3.632  -20.249 1.00 8.05   ? 20 LYS A CB  1 
ATOM   76   C CG  . LYS A 1 20 ? 17.223  -2.261  -20.670 1.00 11.14  ? 20 LYS A CG  1 
ATOM   77   C CD  . LYS A 1 20 ? 17.369  -1.312  -19.501 1.00 9.05   ? 20 LYS A CD  1 
ATOM   78   C CE  . LYS A 1 20 ? 18.778  -0.739  -19.388 1.00 2.86   ? 20 LYS A CE  1 
ATOM   79   N NZ  . LYS A 1 20 ? 19.438  -1.046  -18.093 1.00 0.00   ? 20 LYS A NZ  1 
ATOM   80   N N   . TYR A 1 21 ? 14.758  -6.159  -20.573 1.00 0.24   ? 21 TYR A N   1 
ATOM   81   C CA  . TYR A 1 21 ? 14.351  -7.505  -20.148 1.00 10.12  ? 21 TYR A CA  1 
ATOM   82   C C   . TYR A 1 21 ? 14.263  -8.458  -21.340 1.00 16.34  ? 21 TYR A C   1 
ATOM   83   O O   . TYR A 1 21 ? 14.064  -9.668  -21.171 1.00 28.68  ? 21 TYR A O   1 
ATOM   84   C CB  . TYR A 1 21 ? 13.005  -7.538  -19.429 1.00 0.84   ? 21 TYR A CB  1 
ATOM   85   C CG  . TYR A 1 21 ? 12.876  -6.826  -18.105 1.00 17.61  ? 21 TYR A CG  1 
ATOM   86   C CD1 . TYR A 1 21 ? 12.326  -5.553  -18.028 1.00 12.27  ? 21 TYR A CD1 1 
ATOM   87   C CD2 . TYR A 1 21 ? 13.277  -7.401  -16.905 1.00 26.13  ? 21 TYR A CD2 1 
ATOM   88   C CE1 . TYR A 1 21 ? 12.179  -4.863  -16.843 1.00 12.71  ? 21 TYR A CE1 1 
ATOM   89   C CE2 . TYR A 1 21 ? 13.143  -6.727  -15.704 1.00 22.45  ? 21 TYR A CE2 1 
ATOM   90   C CZ  . TYR A 1 21 ? 12.599  -5.460  -15.670 1.00 18.69  ? 21 TYR A CZ  1 
ATOM   91   O OH  . TYR A 1 21 ? 12.462  -4.785  -14.476 1.00 3.35   ? 21 TYR A OH  1 
ATOM   92   N N   . ARG A 1 22 ? 14.390  -7.948  -22.559 1.00 9.44   ? 22 ARG A N   1 
ATOM   93   C CA  . ARG A 1 22 ? 14.275  -8.820  -23.730 1.00 10.35  ? 22 ARG A CA  1 
ATOM   94   C C   . ARG A 1 22 ? 15.552  -9.632  -23.941 1.00 11.94  ? 22 ARG A C   1 
ATOM   95   O O   . ARG A 1 22 ? 15.528  -10.864 -24.029 1.00 12.51  ? 22 ARG A O   1 
ATOM   96   C CB  . ARG A 1 22 ? 13.925  -7.989  -24.963 1.00 8.24   ? 22 ARG A CB  1 
ATOM   97   C CG  . ARG A 1 22 ? 12.757  -7.040  -24.771 1.00 14.55  ? 22 ARG A CG  1 
ATOM   98   C CD  . ARG A 1 22 ? 11.909  -6.904  -26.020 1.00 19.24  ? 22 ARG A CD  1 
ATOM   99   N NE  . ARG A 1 22 ? 10.799  -5.956  -25.879 1.00 9.56   ? 22 ARG A NE  1 
ATOM   100  C CZ  . ARG A 1 22 ? 10.766  -4.826  -26.586 1.00 8.60   ? 22 ARG A CZ  1 
ATOM   101  N NH1 . ARG A 1 22 ? 11.769  -4.578  -27.417 1.00 4.50   ? 22 ARG A NH1 1 
ATOM   102  N NH2 . ARG A 1 22 ? 9.773   -3.954  -26.478 1.00 0.00   ? 22 ARG A NH2 1 
ATOM   103  N N   . GLN A 1 23 ? 16.675  -8.931  -24.019 1.00 16.88  ? 23 GLN A N   1 
ATOM   104  C CA  . GLN A 1 23 ? 17.994  -9.521  -24.213 1.00 16.81  ? 23 GLN A CA  1 
ATOM   105  C C   . GLN A 1 23 ? 18.226  -10.730 -23.320 1.00 16.46  ? 23 GLN A C   1 
ATOM   106  O O   . GLN A 1 23 ? 18.586  -11.820 -23.757 1.00 12.19  ? 23 GLN A O   1 
ATOM   107  C CB  . GLN A 1 23 ? 19.061  -8.464  -23.905 1.00 0.18   ? 23 GLN A CB  1 
ATOM   108  C CG  . GLN A 1 23 ? 18.577  -7.080  -24.296 1.00 6.43   ? 23 GLN A CG  1 
ATOM   109  C CD  . GLN A 1 23 ? 19.193  -5.979  -23.456 1.00 6.00   ? 23 GLN A CD  1 
ATOM   110  O OE1 . GLN A 1 23 ? 19.562  -6.183  -22.301 1.00 11.22  ? 23 GLN A OE1 1 
ATOM   111  N NE2 . GLN A 1 23 ? 19.274  -4.805  -24.068 1.00 1.71   ? 23 GLN A NE2 1 
ATOM   112  N N   . GLN A 1 24 ? 17.984  -10.476 -22.041 1.00 8.40   ? 24 GLN A N   1 
ATOM   113  C CA  . GLN A 1 24 ? 18.156  -11.470 -20.995 1.00 8.16   ? 24 GLN A CA  1 
ATOM   114  C C   . GLN A 1 24 ? 17.420  -12.767 -21.319 1.00 14.10  ? 24 GLN A C   1 
ATOM   115  O O   . GLN A 1 24 ? 17.878  -13.814 -20.846 1.00 37.44  ? 24 GLN A O   1 
ATOM   116  C CB  . GLN A 1 24 ? 17.675  -10.896 -19.658 1.00 7.24   ? 24 GLN A CB  1 
ATOM   117  C CG  . GLN A 1 24 ? 18.208  -9.501  -19.349 1.00 3.55   ? 24 GLN A CG  1 
ATOM   118  C CD  . GLN A 1 24 ? 17.437  -8.790  -18.256 1.00 2.03   ? 24 GLN A CD  1 
ATOM   119  O OE1 . GLN A 1 24 ? 16.223  -8.600  -18.375 1.00 16.03  ? 24 GLN A OE1 1 
ATOM   120  N NE2 . GLN A 1 24 ? 18.105  -8.380  -17.183 1.00 0.15   ? 24 GLN A NE2 1 
ATOM   121  N N   . VAL A 1 25 ? 16.347  -12.692 -22.083 1.00 10.74  ? 25 VAL A N   1 
ATOM   122  C CA  . VAL A 1 25 ? 15.346  -13.706 -22.316 1.00 10.64  ? 25 VAL A CA  1 
ATOM   123  C C   . VAL A 1 25 ? 15.376  -14.306 -23.710 1.00 10.62  ? 25 VAL A C   1 
ATOM   124  O O   . VAL A 1 25 ? 14.714  -15.321 -23.947 1.00 3.79   ? 25 VAL A O   1 
ATOM   125  C CB  . VAL A 1 25 ? 13.948  -13.081 -22.071 1.00 6.53   ? 25 VAL A CB  1 
ATOM   126  C CG1 . VAL A 1 25 ? 12.833  -14.120 -22.203 1.00 7.11   ? 25 VAL A CG1 1 
ATOM   127  C CG2 . VAL A 1 25 ? 13.936  -12.422 -20.702 1.00 0.78   ? 25 VAL A CG2 1 
ATOM   128  N N   . ARG A 1 26 ? 16.120  -13.693 -24.614 1.00 18.06  ? 26 ARG A N   1 
ATOM   129  C CA  . ARG A 1 26 ? 16.281  -14.173 -25.985 1.00 18.24  ? 26 ARG A CA  1 
ATOM   130  C C   . ARG A 1 26 ? 17.612  -14.921 -26.118 1.00 10.18  ? 26 ARG A C   1 
ATOM   131  O O   . ARG A 1 26 ? 18.082  -15.149 -27.226 1.00 3.33   ? 26 ARG A O   1 
ATOM   132  C CB  . ARG A 1 26 ? 16.235  -13.048 -27.009 1.00 10.12  ? 26 ARG A CB  1 
ATOM   133  C CG  . ARG A 1 26 ? 14.882  -12.534 -27.451 1.00 4.77   ? 26 ARG A CG  1 
ATOM   134  C CD  . ARG A 1 26 ? 15.030  -11.665 -28.691 1.00 2.87   ? 26 ARG A CD  1 
ATOM   135  N NE  . ARG A 1 26 ? 14.125  -10.534 -28.812 1.00 0.00   ? 26 ARG A NE  1 
ATOM   136  C CZ  . ARG A 1 26 ? 14.473  -9.255  -28.754 1.00 0.00   ? 26 ARG A CZ  1 
ATOM   137  N NH1 . ARG A 1 26 ? 15.741  -8.911  -28.560 1.00 28.32  ? 26 ARG A NH1 1 
ATOM   138  N NH2 . ARG A 1 26 ? 13.573  -8.286  -28.881 1.00 12.11  ? 26 ARG A NH2 1 
ATOM   139  N N   . ASP A 1 27 ? 18.183  -15.275 -24.980 1.00 3.24   ? 27 ASP A N   1 
ATOM   140  C CA  . ASP A 1 27 ? 19.316  -16.158 -24.814 1.00 1.23   ? 27 ASP A CA  1 
ATOM   141  C C   . ASP A 1 27 ? 18.946  -17.255 -23.805 1.00 0.00   ? 27 ASP A C   1 
ATOM   142  O O   . ASP A 1 27 ? 19.480  -18.364 -23.874 1.00 9.39   ? 27 ASP A O   1 
ATOM   143  C CB  . ASP A 1 27 ? 20.591  -15.476 -24.316 1.00 7.80   ? 27 ASP A CB  1 
ATOM   144  C CG  . ASP A 1 27 ? 20.869  -14.091 -24.839 1.00 8.91   ? 27 ASP A CG  1 
ATOM   145  O OD1 . ASP A 1 27 ? 21.521  -13.947 -25.901 1.00 2.51   ? 27 ASP A OD1 1 
ATOM   146  O OD2 . ASP A 1 27 ? 20.447  -13.108 -24.188 1.00 17.48  ? 27 ASP A OD2 1 
ATOM   147  N N   . ILE A 1 28 ? 18.051  -16.914 -22.876 1.00 8.09   ? 28 ILE A N   1 
ATOM   148  C CA  . ILE A 1 28 ? 17.694  -17.877 -21.840 1.00 18.10  ? 28 ILE A CA  1 
ATOM   149  C C   . ILE A 1 28 ? 17.096  -19.129 -22.500 1.00 16.96  ? 28 ILE A C   1 
ATOM   150  O O   . ILE A 1 28 ? 16.353  -18.989 -23.464 1.00 1.07   ? 28 ILE A O   1 
ATOM   151  C CB  . ILE A 1 28 ? 16.684  -17.403 -20.782 1.00 23.05  ? 28 ILE A CB  1 
ATOM   152  C CG1 . ILE A 1 28 ? 15.349  -16.851 -21.332 1.00 37.98  ? 28 ILE A CG1 1 
ATOM   153  C CG2 . ILE A 1 28 ? 17.283  -16.370 -19.835 1.00 30.78  ? 28 ILE A CG2 1 
ATOM   154  C CD1 . ILE A 1 28 ? 14.439  -16.483 -20.142 1.00 52.49  ? 28 ILE A CD1 1 
ATOM   155  N N   . SER A 1 29 ? 17.450  -20.279 -21.943 1.00 17.57  ? 29 SER A N   1 
ATOM   156  C CA  . SER A 1 29 ? 17.032  -21.581 -22.434 1.00 4.82   ? 29 SER A CA  1 
ATOM   157  C C   . SER A 1 29 ? 15.588  -21.939 -22.086 1.00 14.50  ? 29 SER A C   1 
ATOM   158  O O   . SER A 1 29 ? 14.897  -21.229 -21.351 1.00 27.04  ? 29 SER A O   1 
ATOM   159  C CB  . SER A 1 29 ? 17.979  -22.643 -21.859 1.00 13.72  ? 29 SER A CB  1 
ATOM   160  O OG  . SER A 1 29 ? 17.977  -22.644 -20.440 1.00 27.46  ? 29 SER A OG  1 
ATOM   161  N N   . ARG A 1 30 ? 15.167  -23.070 -22.641 1.00 23.64  ? 30 ARG A N   1 
ATOM   162  C CA  . ARG A 1 30 ? 13.850  -23.663 -22.532 1.00 26.70  ? 30 ARG A CA  1 
ATOM   163  C C   . ARG A 1 30 ? 13.303  -23.678 -21.108 1.00 33.25  ? 30 ARG A C   1 
ATOM   164  O O   . ARG A 1 30 ? 12.499  -22.796 -20.791 1.00 46.81  ? 30 ARG A O   1 
ATOM   165  C CB  . ARG A 1 30 ? 13.855  -25.104 -23.067 1.00 21.88  ? 30 ARG A CB  1 
ATOM   166  C CG  . ARG A 1 30 ? 12.803  -25.352 -24.146 1.00 26.84  ? 30 ARG A CG  1 
ATOM   167  C CD  . ARG A 1 30 ? 12.872  -26.770 -24.678 1.00 23.79  ? 30 ARG A CD  1 
ATOM   168  N NE  . ARG A 1 30 ? 13.038  -26.807 -26.138 1.00 19.95  ? 30 ARG A NE  1 
ATOM   169  C CZ  . ARG A 1 30 ? 13.080  -27.935 -26.832 1.00 17.68  ? 30 ARG A CZ  1 
ATOM   170  N NH1 . ARG A 1 30 ? 12.966  -29.099 -26.206 1.00 16.92  ? 30 ARG A NH1 1 
ATOM   171  N NH2 . ARG A 1 30 ? 13.226  -27.916 -28.146 1.00 23.65  ? 30 ARG A NH2 1 
ATOM   172  N N   . GLU A 1 31 ? 13.692  -24.642 -20.269 1.00 32.57  ? 31 GLU A N   1 
ATOM   173  C CA  . GLU A 1 31 ? 13.097  -24.681 -18.930 1.00 28.33  ? 31 GLU A CA  1 
ATOM   174  C C   . GLU A 1 31 ? 13.421  -23.360 -18.215 1.00 26.30  ? 31 GLU A C   1 
ATOM   175  O O   . GLU A 1 31 ? 12.543  -22.777 -17.582 1.00 12.80  ? 31 GLU A O   1 
ATOM   176  C CB  . GLU A 1 31 ? 13.514  -25.837 -18.048 1.00 29.73  ? 31 GLU A CB  1 
ATOM   177  C CG  . GLU A 1 31 ? 14.280  -27.018 -18.629 1.00 34.23  ? 31 GLU A CG  1 
ATOM   178  C CD  . GLU A 1 31 ? 15.335  -27.524 -17.626 1.00 33.92  ? 31 GLU A CD  1 
ATOM   179  O OE1 . GLU A 1 31 ? 16.367  -26.815 -17.472 1.00 10.84  ? 31 GLU A OE1 1 
ATOM   180  O OE2 . GLU A 1 31 ? 15.154  -28.602 -16.991 1.00 19.46  ? 31 GLU A OE2 1 
ATOM   181  N N   . ASP A 1 32 ? 14.657  -22.905 -18.360 1.00 30.33  ? 32 ASP A N   1 
ATOM   182  C CA  . ASP A 1 32 ? 15.121  -21.680 -17.714 1.00 39.44  ? 32 ASP A CA  1 
ATOM   183  C C   . ASP A 1 32 ? 14.417  -20.434 -18.238 1.00 42.48  ? 32 ASP A C   1 
ATOM   184  O O   . ASP A 1 32 ? 14.563  -19.330 -17.689 1.00 46.67  ? 32 ASP A O   1 
ATOM   185  C CB  . ASP A 1 32 ? 16.638  -21.542 -17.877 1.00 38.91  ? 32 ASP A CB  1 
ATOM   186  C CG  . ASP A 1 32 ? 17.367  -21.631 -16.547 1.00 37.35  ? 32 ASP A CG  1 
ATOM   187  O OD1 . ASP A 1 32 ? 17.035  -22.520 -15.730 1.00 15.57  ? 32 ASP A OD1 1 
ATOM   188  O OD2 . ASP A 1 32 ? 18.275  -20.792 -16.343 1.00 41.65  ? 32 ASP A OD2 1 
ATOM   189  N N   . LEU A 1 33 ? 13.625  -20.581 -19.296 1.00 38.68  ? 33 LEU A N   1 
ATOM   190  C CA  . LEU A 1 33 ? 12.757  -19.486 -19.727 1.00 34.31  ? 33 LEU A CA  1 
ATOM   191  C C   . LEU A 1 33 ? 11.313  -19.826 -19.355 1.00 21.82  ? 33 LEU A C   1 
ATOM   192  O O   . LEU A 1 33 ? 10.367  -19.160 -19.771 1.00 0.80   ? 33 LEU A O   1 
ATOM   193  C CB  . LEU A 1 33 ? 12.947  -19.217 -21.215 1.00 40.02  ? 33 LEU A CB  1 
ATOM   194  C CG  . LEU A 1 33 ? 11.803  -18.526 -21.976 1.00 48.37  ? 33 LEU A CG  1 
ATOM   195  C CD1 . LEU A 1 33 ? 11.552  -17.087 -21.533 1.00 50.74  ? 33 LEU A CD1 1 
ATOM   196  C CD2 . LEU A 1 33 ? 12.064  -18.573 -23.491 1.00 62.97  ? 33 LEU A CD2 1 
ATOM   197  N N   . GLU A 1 34 ? 11.156  -20.873 -18.541 1.00 23.51  ? 34 GLU A N   1 
ATOM   198  C CA  . GLU A 1 34 ? 9.860   -21.331 -18.066 1.00 25.75  ? 34 GLU A CA  1 
ATOM   199  C C   . GLU A 1 34 ? 9.591   -20.966 -16.605 1.00 24.21  ? 34 GLU A C   1 
ATOM   200  O O   . GLU A 1 34 ? 8.457   -20.647 -16.243 1.00 23.75  ? 34 GLU A O   1 
ATOM   201  C CB  . GLU A 1 34 ? 9.714   -22.853 -18.188 1.00 23.16  ? 34 GLU A CB  1 
ATOM   202  C CG  . GLU A 1 34 ? 10.104  -23.468 -19.516 1.00 11.88  ? 34 GLU A CG  1 
ATOM   203  C CD  . GLU A 1 34 ? 9.865   -24.972 -19.534 1.00 10.85  ? 34 GLU A CD  1 
ATOM   204  O OE1 . GLU A 1 34 ? 10.453  -25.710 -18.721 1.00 3.75   ? 34 GLU A OE1 1 
ATOM   205  O OE2 . GLU A 1 34 ? 9.055   -25.434 -20.369 1.00 0.42   ? 34 GLU A OE2 1 
ATOM   206  N N   . ASP A 1 35 ? 10.619  -21.031 -15.770 1.00 27.44  ? 35 ASP A N   1 
ATOM   207  C CA  . ASP A 1 35 ? 10.500  -20.806 -14.336 1.00 27.25  ? 35 ASP A CA  1 
ATOM   208  C C   . ASP A 1 35 ? 10.319  -19.334 -14.009 1.00 31.64  ? 35 ASP A C   1 
ATOM   209  O O   . ASP A 1 35 ? 9.970   -18.936 -12.891 1.00 21.60  ? 35 ASP A O   1 
ATOM   210  C CB  . ASP A 1 35 ? 11.724  -21.366 -13.601 1.00 29.98  ? 35 ASP A CB  1 
ATOM   211  C CG  . ASP A 1 35 ? 11.459  -22.806 -13.183 1.00 34.63  ? 35 ASP A CG  1 
ATOM   212  O OD1 . ASP A 1 35 ? 10.660  -23.471 -13.886 1.00 41.93  ? 35 ASP A OD1 1 
ATOM   213  O OD2 . ASP A 1 35 ? 12.032  -23.254 -12.167 1.00 2.35   ? 35 ASP A OD2 1 
ATOM   214  N N   . LEU A 1 36 ? 10.560  -18.491 -15.023 1.00 17.31  ? 36 LEU A N   1 
ATOM   215  C CA  . LEU A 1 36 ? 10.241  -17.085 -14.772 1.00 12.75  ? 36 LEU A CA  1 
ATOM   216  C C   . LEU A 1 36 ? 8.888   -16.798 -15.424 1.00 17.37  ? 36 LEU A C   1 
ATOM   217  O O   . LEU A 1 36 ? 8.564   -15.651 -15.703 1.00 24.23  ? 36 LEU A O   1 
ATOM   218  C CB  . LEU A 1 36 ? 11.297  -16.116 -15.268 1.00 0.00   ? 36 LEU A CB  1 
ATOM   219  C CG  . LEU A 1 36 ? 12.765  -16.466 -15.109 1.00 0.16   ? 36 LEU A CG  1 
ATOM   220  C CD1 . LEU A 1 36 ? 13.625  -15.571 -15.994 1.00 0.00   ? 36 LEU A CD1 1 
ATOM   221  C CD2 . LEU A 1 36 ? 13.210  -16.360 -13.653 1.00 4.94   ? 36 LEU A CD2 1 
ATOM   222  N N   . PHE A 1 37 ? 8.110   -17.862 -15.682 1.00 13.04  ? 37 PHE A N   1 
ATOM   223  C CA  . PHE A 1 37 ? 6.735   -17.606 -16.102 1.00 16.19  ? 37 PHE A CA  1 
ATOM   224  C C   . PHE A 1 37 ? 5.785   -18.240 -15.083 1.00 24.72  ? 37 PHE A C   1 
ATOM   225  O O   . PHE A 1 37 ? 4.594   -17.954 -15.071 1.00 32.21  ? 37 PHE A O   1 
ATOM   226  C CB  . PHE A 1 37 ? 6.383   -18.095 -17.515 1.00 8.63   ? 37 PHE A CB  1 
ATOM   227  C CG  . PHE A 1 37 ? 5.031   -17.479 -17.903 1.00 23.51  ? 37 PHE A CG  1 
ATOM   228  C CD1 . PHE A 1 37 ? 4.963   -16.185 -18.399 1.00 22.09  ? 37 PHE A CD1 1 
ATOM   229  C CD2 . PHE A 1 37 ? 3.857   -18.189 -17.756 1.00 24.63  ? 37 PHE A CD2 1 
ATOM   230  C CE1 . PHE A 1 37 ? 3.746   -15.628 -18.735 1.00 22.99  ? 37 PHE A CE1 1 
ATOM   231  C CE2 . PHE A 1 37 ? 2.635   -17.643 -18.096 1.00 24.25  ? 37 PHE A CE2 1 
ATOM   232  C CZ  . PHE A 1 37 ? 2.579   -16.355 -18.588 1.00 21.27  ? 37 PHE A CZ  1 
ATOM   233  N N   . ILE A 1 38 ? 6.358   -19.082 -14.233 1.00 27.12  ? 38 ILE A N   1 
ATOM   234  C CA  . ILE A 1 38 ? 5.614   -19.716 -13.145 1.00 29.88  ? 38 ILE A CA  1 
ATOM   235  C C   . ILE A 1 38 ? 5.662   -18.855 -11.888 1.00 33.01  ? 38 ILE A C   1 
ATOM   236  O O   . ILE A 1 38 ? 4.689   -18.792 -11.139 1.00 31.80  ? 38 ILE A O   1 
ATOM   237  C CB  . ILE A 1 38 ? 6.176   -21.121 -12.881 1.00 26.55  ? 38 ILE A CB  1 
ATOM   238  C CG1 . ILE A 1 38 ? 7.687   -21.156 -12.626 1.00 27.04  ? 38 ILE A CG1 1 
ATOM   239  C CG2 . ILE A 1 38 ? 5.812   -22.059 -14.030 1.00 4.82   ? 38 ILE A CG2 1 
ATOM   240  C CD1 . ILE A 1 38 ? 8.318   -22.530 -12.881 1.00 46.51  ? 38 ILE A CD1 1 
ATOM   241  N N   . GLU A 1 39 ? 6.798   -18.196 -11.677 1.00 34.09  ? 39 GLU A N   1 
ATOM   242  C CA  . GLU A 1 39 ? 7.008   -17.263 -10.578 1.00 41.47  ? 39 GLU A CA  1 
ATOM   243  C C   . GLU A 1 39 ? 6.263   -15.950 -10.809 1.00 43.51  ? 39 GLU A C   1 
ATOM   244  O O   . GLU A 1 39 ? 6.016   -15.138 -9.910  1.00 13.18  ? 39 GLU A O   1 
ATOM   245  C CB  . GLU A 1 39 ? 8.505   -16.977 -10.408 1.00 36.35  ? 39 GLU A CB  1 
ATOM   246  C CG  . GLU A 1 39 ? 9.359   -18.227 -10.174 1.00 27.18  ? 39 GLU A CG  1 
ATOM   247  C CD  . GLU A 1 39 ? 10.754  -17.895 -9.685  1.00 18.51  ? 39 GLU A CD  1 
ATOM   248  O OE1 . GLU A 1 39 ? 11.199  -16.744 -9.857  1.00 14.64  ? 39 GLU A OE1 1 
ATOM   249  O OE2 . GLU A 1 39 ? 11.428  -18.777 -9.121  1.00 10.43  ? 39 GLU A OE2 1 
ATOM   250  N N   . VAL A 1 40 ? 5.912   -15.751 -12.080 1.00 35.93  ? 40 VAL A N   1 
ATOM   251  C CA  . VAL A 1 40 ? 5.284   -14.530 -12.537 1.00 31.12  ? 40 VAL A CA  1 
ATOM   252  C C   . VAL A 1 40 ? 3.776   -14.473 -12.351 1.00 28.11  ? 40 VAL A C   1 
ATOM   253  O O   . VAL A 1 40 ? 3.202   -13.565 -11.745 1.00 1.22   ? 40 VAL A O   1 
ATOM   254  C CB  . VAL A 1 40 ? 5.546   -14.378 -14.059 1.00 30.78  ? 40 VAL A CB  1 
ATOM   255  C CG1 . VAL A 1 40 ? 4.449   -13.464 -14.600 1.00 30.59  ? 40 VAL A CG1 1 
ATOM   256  C CG2 . VAL A 1 40 ? 7.000   -13.888 -14.182 1.00 63.45  ? 40 VAL A CG2 1 
ATOM   257  N N   . VAL A 1 41 ? 3.118   -15.510 -12.869 1.00 26.67  ? 41 VAL A N   1 
ATOM   258  C CA  . VAL A 1 41 ? 1.682   -15.678 -12.682 1.00 20.42  ? 41 VAL A CA  1 
ATOM   259  C C   . VAL A 1 41 ? 1.367   -15.991 -11.221 1.00 7.86   ? 41 VAL A C   1 
ATOM   260  O O   . VAL A 1 41 ? 0.192   -15.966 -10.863 1.00 19.56  ? 41 VAL A O   1 
ATOM   261  C CB  . VAL A 1 41 ? 1.095   -16.781 -13.580 1.00 24.27  ? 41 VAL A CB  1 
ATOM   262  C CG1 . VAL A 1 41 ? -0.328  -16.408 -13.986 1.00 34.56  ? 41 VAL A CG1 1 
ATOM   263  C CG2 . VAL A 1 41 ? 1.989   -16.983 -14.797 1.00 1.94   ? 41 VAL A CG2 1 
ATOM   264  N N   . ARG A 1 42 ? 2.383   -16.273 -10.413 1.00 3.32   ? 42 ARG A N   1 
ATOM   265  C CA  . ARG A 1 42 ? 2.327   -15.993 -8.983  1.00 7.78   ? 42 ARG A CA  1 
ATOM   266  C C   . ARG A 1 42 ? 2.487   -14.502 -8.708  1.00 25.41  ? 42 ARG A C   1 
ATOM   267  O O   . ARG A 1 42 ? 1.692   -13.907 -7.979  1.00 40.58  ? 42 ARG A O   1 
ATOM   268  C CB  . ARG A 1 42 ? 3.405   -16.784 -8.240  1.00 0.00   ? 42 ARG A CB  1 
ATOM   269  C CG  . ARG A 1 42 ? 3.223   -18.291 -8.301  1.00 7.00   ? 42 ARG A CG  1 
ATOM   270  C CD  . ARG A 1 42 ? 4.258   -19.008 -7.449  1.00 11.97  ? 42 ARG A CD  1 
ATOM   271  N NE  . ARG A 1 42 ? 4.214   -20.455 -7.636  1.00 23.45  ? 42 ARG A NE  1 
ATOM   272  C CZ  . ARG A 1 42 ? 4.359   -21.060 -8.810  1.00 35.13  ? 42 ARG A CZ  1 
ATOM   273  N NH1 . ARG A 1 42 ? 5.482   -21.707 -9.092  1.00 37.87  ? 42 ARG A NH1 1 
ATOM   274  N NH2 . ARG A 1 42 ? 3.380   -21.021 -9.703  1.00 38.25  ? 42 ARG A NH2 1 
ATOM   275  N N   . GLN A 1 43 ? 3.519   -13.904 -9.295  1.00 27.42  ? 43 GLN A N   1 
ATOM   276  C CA  . GLN A 1 43 ? 3.791   -12.485 -9.106  1.00 22.73  ? 43 GLN A CA  1 
ATOM   277  C C   . GLN A 1 43 ? 2.510   -11.656 -9.215  1.00 19.35  ? 43 GLN A C   1 
ATOM   278  O O   . GLN A 1 43 ? 1.919   -11.278 -8.211  1.00 0.00   ? 43 GLN A O   1 
ATOM   279  C CB  . GLN A 1 43 ? 4.826   -11.976 -10.113 1.00 21.35  ? 43 GLN A CB  1 
ATOM   280  C CG  . GLN A 1 43 ? 6.129   -11.481 -9.515  1.00 23.06  ? 43 GLN A CG  1 
ATOM   281  C CD  . GLN A 1 43 ? 7.348   -11.888 -10.318 1.00 23.15  ? 43 GLN A CD  1 
ATOM   282  O OE1 . GLN A 1 43 ? 7.447   -11.605 -11.515 1.00 27.57  ? 43 GLN A OE1 1 
ATOM   283  N NE2 . GLN A 1 43 ? 8.292   -12.564 -9.670  1.00 0.00   ? 43 GLN A NE2 1 
ATOM   284  N N   . LYS A 1 44 ? 2.123   -11.394 -10.454 1.00 30.12  ? 44 LYS A N   1 
ATOM   285  C CA  . LYS A 1 44 ? 0.949   -10.657 -10.871 1.00 24.36  ? 44 LYS A CA  1 
ATOM   286  C C   . LYS A 1 44 ? -0.227  -10.805 -9.905  1.00 23.52  ? 44 LYS A C   1 
ATOM   287  O O   . LYS A 1 44 ? -0.879  -9.818  -9.555  1.00 11.36  ? 44 LYS A O   1 
ATOM   288  C CB  . LYS A 1 44 ? 0.539   -11.118 -12.280 1.00 23.09  ? 44 LYS A CB  1 
ATOM   289  C CG  . LYS A 1 44 ? 1.699   -11.661 -13.102 1.00 18.08  ? 44 LYS A CG  1 
ATOM   290  C CD  . LYS A 1 44 ? 1.292   -12.729 -14.092 1.00 13.82  ? 44 LYS A CD  1 
ATOM   291  C CE  . LYS A 1 44 ? 1.536   -12.334 -15.550 1.00 6.48   ? 44 LYS A CE  1 
ATOM   292  N NZ  . LYS A 1 44 ? 0.384   -12.724 -16.422 1.00 34.09  ? 44 LYS A NZ  1 
ATOM   293  N N   . MET A 1 45 ? -0.504  -12.027 -9.463  1.00 20.01  ? 45 MET A N   1 
ATOM   294  C CA  . MET A 1 45 ? -1.657  -12.295 -8.606  1.00 27.42  ? 45 MET A CA  1 
ATOM   295  C C   . MET A 1 45 ? -1.494  -11.677 -7.224  1.00 25.01  ? 45 MET A C   1 
ATOM   296  O O   . MET A 1 45 ? -2.473  -11.165 -6.670  1.00 7.62   ? 45 MET A O   1 
ATOM   297  C CB  . MET A 1 45 ? -1.903  -13.805 -8.517  1.00 19.17  ? 45 MET A CB  1 
ATOM   298  C CG  . MET A 1 45 ? -2.193  -14.424 -9.880  1.00 10.59  ? 45 MET A CG  1 
ATOM   299  S SD  . MET A 1 45 ? -3.409  -13.477 -10.827 1.00 17.56  ? 45 MET A SD  1 
ATOM   300  C CE  . MET A 1 45 ? -4.848  -14.536 -10.636 1.00 0.00   ? 45 MET A CE  1 
ATOM   301  N N   . ALA A 1 46 ? -0.274  -11.710 -6.706  1.00 18.33  ? 46 ALA A N   1 
ATOM   302  C CA  . ALA A 1 46 ? 0.126   -11.068 -5.462  1.00 7.24   ? 46 ALA A CA  1 
ATOM   303  C C   . ALA A 1 46 ? -0.246  -9.585  -5.462  1.00 8.99   ? 46 ALA A C   1 
ATOM   304  O O   . ALA A 1 46 ? -0.536  -8.973  -4.430  1.00 0.00   ? 46 ALA A O   1 
ATOM   305  C CB  . ALA A 1 46 ? 1.621   -11.217 -5.234  1.00 4.98   ? 46 ALA A CB  1 
ATOM   306  N N   . HIS A 1 47 ? -0.234  -9.022  -6.663  1.00 8.49   ? 47 HIS A N   1 
ATOM   307  C CA  . HIS A 1 47 ? -0.716  -7.675  -6.907  1.00 20.29  ? 47 HIS A CA  1 
ATOM   308  C C   . HIS A 1 47 ? -2.246  -7.702  -7.014  1.00 25.09  ? 47 HIS A C   1 
ATOM   309  O O   . HIS A 1 47 ? -2.898  -6.747  -6.601  1.00 19.38  ? 47 HIS A O   1 
ATOM   310  C CB  . HIS A 1 47 ? -0.149  -7.061  -8.177  1.00 13.86  ? 47 HIS A CB  1 
ATOM   311  C CG  . HIS A 1 47 ? 1.329   -7.071  -8.371  1.00 9.75   ? 47 HIS A CG  1 
ATOM   312  N ND1 . HIS A 1 47 ? 2.073   -8.220  -8.512  1.00 8.73   ? 47 HIS A ND1 1 
ATOM   313  C CD2 . HIS A 1 47 ? 2.219   -6.049  -8.463  1.00 0.97   ? 47 HIS A CD2 1 
ATOM   314  C CE1 . HIS A 1 47 ? 3.350   -7.910  -8.676  1.00 4.97   ? 47 HIS A CE1 1 
ATOM   315  N NE2 . HIS A 1 47 ? 3.458   -6.596  -8.650  1.00 0.00   ? 47 HIS A NE2 1 
ATOM   316  N N   . GLU A 1 48 ? -2.780  -8.788  -7.578  1.00 27.92  ? 48 GLU A N   1 
ATOM   317  C CA  . GLU A 1 48 ? -4.223  -8.895  -7.779  1.00 32.74  ? 48 GLU A CA  1 
ATOM   318  C C   . GLU A 1 48 ? -4.962  -8.611  -6.470  1.00 26.51  ? 48 GLU A C   1 
ATOM   319  O O   . GLU A 1 48 ? -5.887  -7.801  -6.435  1.00 30.52  ? 48 GLU A O   1 
ATOM   320  C CB  . GLU A 1 48 ? -4.611  -10.263 -8.339  1.00 34.08  ? 48 GLU A CB  1 
ATOM   321  C CG  . GLU A 1 48 ? -4.420  -10.402 -9.842  1.00 29.83  ? 48 GLU A CG  1 
ATOM   322  C CD  . GLU A 1 48 ? -5.544  -11.120 -10.552 1.00 27.19  ? 48 GLU A CD  1 
ATOM   323  O OE1 . GLU A 1 48 ? -6.312  -11.867 -9.907  1.00 21.36  ? 48 GLU A OE1 1 
ATOM   324  O OE2 . GLU A 1 48 ? -5.667  -10.969 -11.790 1.00 39.67  ? 48 GLU A OE2 1 
ATOM   325  N N   . ASN A 1 49 ? -4.509  -9.274  -5.421  1.00 19.04  ? 49 ASN A N   1 
ATOM   326  C CA  . ASN A 1 49 ? -4.875  -9.131  -4.031  1.00 22.22  ? 49 ASN A CA  1 
ATOM   327  C C   . ASN A 1 49 ? -4.431  -7.796  -3.449  1.00 26.39  ? 49 ASN A C   1 
ATOM   328  O O   . ASN A 1 49 ? -4.771  -7.413  -2.333  1.00 6.22   ? 49 ASN A O   1 
ATOM   329  C CB  . ASN A 1 49 ? -4.216  -10.226 -3.177  1.00 13.96  ? 49 ASN A CB  1 
ATOM   330  C CG  . ASN A 1 49 ? -5.189  -11.352 -2.899  1.00 10.64  ? 49 ASN A CG  1 
ATOM   331  O OD1 . ASN A 1 49 ? -5.873  -11.782 -3.826  1.00 5.36   ? 49 ASN A OD1 1 
ATOM   332  N ND2 . ASN A 1 49 ? -5.246  -11.800 -1.654  1.00 24.76  ? 49 ASN A ND2 1 
ATOM   333  N N   . ILE A 1 50 ? -3.626  -7.108  -4.248  1.00 30.14  ? 50 ILE A N   1 
ATOM   334  C CA  . ILE A 1 50 ? -2.980  -5.887  -3.803  1.00 31.21  ? 50 ILE A CA  1 
ATOM   335  C C   . ILE A 1 50 ? -3.722  -4.678  -4.361  1.00 26.23  ? 50 ILE A C   1 
ATOM   336  O O   . ILE A 1 50 ? -4.069  -3.756  -3.618  1.00 53.10  ? 50 ILE A O   1 
ATOM   337  C CB  . ILE A 1 50 ? -1.494  -5.939  -4.233  1.00 40.29  ? 50 ILE A CB  1 
ATOM   338  C CG1 . ILE A 1 50 ? -0.603  -6.498  -3.095  1.00 48.99  ? 50 ILE A CG1 1 
ATOM   339  C CG2 . ILE A 1 50 ? -1.010  -4.574  -4.744  1.00 61.33  ? 50 ILE A CG2 1 
ATOM   340  C CD1 . ILE A 1 50 ? -1.364  -6.665  -1.789  1.00 41.75  ? 50 ILE A CD1 1 
ATOM   341  N N   . PHE A 1 51 ? -3.998  -4.708  -5.661  1.00 11.13  ? 51 PHE A N   1 
ATOM   342  C CA  . PHE A 1 51 ? -4.896  -3.690  -6.191  1.00 15.00  ? 51 PHE A CA  1 
ATOM   343  C C   . PHE A 1 51 ? -6.260  -3.819  -5.491  1.00 25.86  ? 51 PHE A C   1 
ATOM   344  O O   . PHE A 1 51 ? -6.733  -2.837  -4.925  1.00 26.57  ? 51 PHE A O   1 
ATOM   345  C CB  . PHE A 1 51 ? -5.065  -3.795  -7.702  1.00 17.64  ? 51 PHE A CB  1 
ATOM   346  C CG  . PHE A 1 51 ? -5.946  -2.704  -8.292  1.00 28.68  ? 51 PHE A CG  1 
ATOM   347  C CD1 . PHE A 1 51 ? -5.635  -1.363  -8.101  1.00 35.63  ? 51 PHE A CD1 1 
ATOM   348  C CD2 . PHE A 1 51 ? -7.082  -3.041  -9.026  1.00 33.69  ? 51 PHE A CD2 1 
ATOM   349  C CE1 . PHE A 1 51 ? -6.431  -0.368  -8.634  1.00 35.83  ? 51 PHE A CE1 1 
ATOM   350  C CE2 . PHE A 1 51 ? -7.884  -2.054  -9.572  1.00 33.10  ? 51 PHE A CE2 1 
ATOM   351  C CZ  . PHE A 1 51 ? -7.549  -0.709  -9.387  1.00 33.12  ? 51 PHE A CZ  1 
ATOM   352  N N   . LYS A 1 52 ? -6.815  -5.018  -5.536  1.00 32.09  ? 52 LYS A N   1 
ATOM   353  C CA  . LYS A 1 52 ? -8.008  -5.387  -4.786  1.00 33.38  ? 52 LYS A CA  1 
ATOM   354  C C   . LYS A 1 52 ? -7.899  -4.829  -3.365  1.00 35.60  ? 52 LYS A C   1 
ATOM   355  O O   . LYS A 1 52 ? -8.736  -4.040  -2.926  1.00 26.18  ? 52 LYS A O   1 
ATOM   356  C CB  . LYS A 1 52 ? -8.201  -6.900  -4.759  1.00 35.04  ? 52 LYS A CB  1 
ATOM   357  C CG  . LYS A 1 52 ? -8.846  -7.490  -6.010  1.00 35.95  ? 52 LYS A CG  1 
ATOM   358  C CD  . LYS A 1 52 ? -9.508  -8.826  -5.706  1.00 34.76  ? 52 LYS A CD  1 
ATOM   359  C CE  . LYS A 1 52 ? -10.686 -9.106  -6.644  1.00 29.05  ? 52 LYS A CE  1 
ATOM   360  N NZ  . LYS A 1 52 ? -11.732 -9.937  -5.970  1.00 0.00   ? 52 LYS A NZ  1 
ATOM   361  N N   . GLY A 1 53 ? -6.831  -5.248  -2.689  1.00 33.98  ? 53 GLY A N   1 
ATOM   362  C CA  . GLY A 1 53 ? -6.459  -4.714  -1.393  1.00 32.12  ? 53 GLY A CA  1 
ATOM   363  C C   . GLY A 1 53 ? -6.478  -3.189  -1.429  1.00 38.12  ? 53 GLY A C   1 
ATOM   364  O O   . GLY A 1 53 ? -6.968  -2.551  -0.485  1.00 56.30  ? 53 GLY A O   1 
ATOM   365  N N   . MET A 1 54 ? -5.956  -2.626  -2.521  1.00 35.40  ? 54 MET A N   1 
ATOM   366  C CA  . MET A 1 54 ? -5.853  -1.189  -2.718  1.00 37.21  ? 54 MET A CA  1 
ATOM   367  C C   . MET A 1 54 ? -7.208  -0.547  -2.995  1.00 32.06  ? 54 MET A C   1 
ATOM   368  O O   . MET A 1 54 ? -7.452  0.610   -2.646  1.00 8.07   ? 54 MET A O   1 
ATOM   369  C CB  . MET A 1 54 ? -4.894  -0.869  -3.874  1.00 34.80  ? 54 MET A CB  1 
ATOM   370  C CG  . MET A 1 54 ? -3.510  -0.450  -3.408  1.00 38.09  ? 54 MET A CG  1 
ATOM   371  S SD  . MET A 1 54 ? -3.430  -0.059  -1.648  1.00 21.56  ? 54 MET A SD  1 
ATOM   372  C CE  . MET A 1 54 ? -3.239  1.725   -1.726  1.00 4.97   ? 54 MET A CE  1 
ATOM   373  N N   . ILE A 1 55 ? -8.099  -1.312  -3.630  1.00 30.56  ? 55 ILE A N   1 
ATOM   374  C CA  . ILE A 1 55 ? -9.413  -0.734  -3.931  1.00 22.18  ? 55 ILE A CA  1 
ATOM   375  C C   . ILE A 1 55 ? -10.374 -0.994  -2.786  1.00 16.04  ? 55 ILE A C   1 
ATOM   376  O O   . ILE A 1 55 ? -11.400 -0.315  -2.658  1.00 28.05  ? 55 ILE A O   1 
ATOM   377  C CB  . ILE A 1 55 ? -9.976  -1.245  -5.266  1.00 19.07  ? 55 ILE A CB  1 
ATOM   378  C CG1 . ILE A 1 55 ? -9.375  -2.556  -5.778  1.00 9.78   ? 55 ILE A CG1 1 
ATOM   379  C CG2 . ILE A 1 55 ? -9.845  -0.164  -6.336  1.00 2.64   ? 55 ILE A CG2 1 
ATOM   380  C CD1 . ILE A 1 55 ? -10.356 -3.414  -6.554  1.00 19.02  ? 55 ILE A CD1 1 
ATOM   381  N N   . ARG A 1 56 ? -10.084 -1.957  -1.900  1.00 10.53  ? 56 ARG A N   1 
ATOM   382  C CA  . ARG A 1 56 ? -10.957 -2.031  -0.717  1.00 12.06  ? 56 ARG A CA  1 
ATOM   383  C C   . ARG A 1 56 ? -10.176 -1.542  0.511   1.00 11.46  ? 56 ARG A C   1 
ATOM   384  O O   . ARG A 1 56 ? -9.887  -2.295  1.434   1.00 1.06   ? 56 ARG A O   1 
ATOM   385  C CB  . ARG A 1 56 ? -11.534 -3.415  -0.482  1.00 5.36   ? 56 ARG A CB  1 
ATOM   386  C CG  . ARG A 1 56 ? -11.076 -4.478  -1.456  1.00 4.12   ? 56 ARG A CG  1 
ATOM   387  C CD  . ARG A 1 56 ? -10.734 -5.757  -0.711  1.00 10.48  ? 56 ARG A CD  1 
ATOM   388  N NE  . ARG A 1 56 ? -11.748 -6.805  -0.904  1.00 2.75   ? 56 ARG A NE  1 
ATOM   389  C CZ  . ARG A 1 56 ? -11.467 -8.063  -0.562  1.00 5.67   ? 56 ARG A CZ  1 
ATOM   390  N NH1 . ARG A 1 56 ? -10.267 -8.343  -0.053  1.00 2.60   ? 56 ARG A NH1 1 
ATOM   391  N NH2 . ARG A 1 56 ? -12.377 -9.006  -0.734  1.00 7.49   ? 56 ARG A NH2 1 
ATOM   392  N N   . GLN A 1 57 ? -9.939  -0.229  0.505   1.00 0.00   ? 57 GLN A N   1 
ATOM   393  C CA  . GLN A 1 57 ? -8.988  0.506   1.303   1.00 10.14  ? 57 GLN A CA  1 
ATOM   394  C C   . GLN A 1 57 ? -9.141  1.989   1.011   1.00 22.51  ? 57 GLN A C   1 
ATOM   395  O O   . GLN A 1 57 ? -8.808  2.843   1.804   1.00 2.72   ? 57 GLN A O   1 
ATOM   396  C CB  . GLN A 1 57 ? -7.549  0.043   1.132   1.00 5.02   ? 57 GLN A CB  1 
ATOM   397  C CG  . GLN A 1 57 ? -7.103  -0.859  2.166   1.00 14.54  ? 57 GLN A CG  1 
ATOM   398  C CD  . GLN A 1 57 ? -5.727  -0.555  2.689   1.00 25.15  ? 57 GLN A CD  1 
ATOM   399  O OE1 . GLN A 1 57 ? -5.426  0.582   3.050   1.00 28.15  ? 57 GLN A OE1 1 
ATOM   400  N NE2 . GLN A 1 57 ? -4.908  -1.587  2.752   1.00 7.27   ? 57 GLN A NE2 1 
ATOM   401  N N   . GLY A 1 58 ? -9.770  2.153   -0.164  1.00 27.35  ? 58 GLY A N   1 
ATOM   402  C CA  . GLY A 1 58 ? -10.163 3.384   -0.799  1.00 20.67  ? 58 GLY A CA  1 
ATOM   403  C C   . GLY A 1 58 ? -11.624 3.715   -0.534  1.00 12.83  ? 58 GLY A C   1 
ATOM   404  O O   . GLY A 1 58 ? -11.994 4.887   -0.458  1.00 0.00   ? 58 GLY A O   1 
ATOM   405  N N   . SER A 1 59 ? -12.448 2.682   -0.395  1.00 12.17  ? 59 SER A N   1 
ATOM   406  C CA  . SER A 1 59 ? -13.872 2.866   -0.142  1.00 7.15   ? 59 SER A CA  1 
ATOM   407  C C   . SER A 1 59 ? -14.185 2.762   1.347   1.00 8.82   ? 59 SER A C   1 
ATOM   408  O O   . SER A 1 59 ? -13.562 3.432   2.171   1.00 29.00  ? 59 SER A O   1 
ATOM   409  C CB  . SER A 1 59 ? -14.693 1.840   -0.925  1.00 13.23  ? 59 SER A CB  1 
ATOM   410  O OG  . SER A 1 59 ? -14.248 0.521   -0.660  1.00 0.00   ? 59 SER A OG  1 
ATOM   411  O OXT . SER A 1 59 ? -15.160 2.139   1.740   1.00 15.48  ? 59 SER A OXT 1 
ATOM   412  N N   . VAL B 1 12 ? -6.085  -19.851 -2.085  1.00 3.77   ? 12 VAL B N   1 
ATOM   413  C CA  . VAL B 1 12 ? -6.654  -21.103 -2.569  1.00 0.00   ? 12 VAL B CA  1 
ATOM   414  C C   . VAL B 1 12 ? -6.713  -21.090 -4.093  1.00 3.39   ? 12 VAL B C   1 
ATOM   415  O O   . VAL B 1 12 ? -5.846  -21.653 -4.771  1.00 4.40   ? 12 VAL B O   1 
ATOM   416  C CB  . VAL B 1 12 ? -8.055  -21.381 -1.995  1.00 8.40   ? 12 VAL B CB  1 
ATOM   417  C CG1 . VAL B 1 12 ? -8.036  -22.670 -1.183  1.00 6.73   ? 12 VAL B CG1 1 
ATOM   418  C CG2 . VAL B 1 12 ? -8.584  -20.240 -1.136  1.00 0.00   ? 12 VAL B CG2 1 
ATOM   419  N N   . GLU B 1 13 ? -7.737  -20.448 -4.631  1.00 18.71  ? 13 GLU B N   1 
ATOM   420  C CA  . GLU B 1 13 ? -8.038  -20.403 -6.055  1.00 25.13  ? 13 GLU B CA  1 
ATOM   421  C C   . GLU B 1 13 ? -6.829  -19.990 -6.893  1.00 24.22  ? 13 GLU B C   1 
ATOM   422  O O   . GLU B 1 13 ? -6.648  -20.526 -7.992  1.00 4.50   ? 13 GLU B O   1 
ATOM   423  C CB  . GLU B 1 13 ? -9.201  -19.437 -6.306  1.00 15.18  ? 13 GLU B CB  1 
ATOM   424  C CG  . GLU B 1 13 ? -9.458  -19.066 -7.759  1.00 0.26   ? 13 GLU B CG  1 
ATOM   425  C CD  . GLU B 1 13 ? -10.610 -18.075 -7.845  1.00 5.30   ? 13 GLU B CD  1 
ATOM   426  O OE1 . GLU B 1 13 ? -10.361 -16.870 -8.015  1.00 0.32   ? 13 GLU B OE1 1 
ATOM   427  O OE2 . GLU B 1 13 ? -11.780 -18.496 -7.732  1.00 39.57  ? 13 GLU B OE2 1 
ATOM   428  N N   . GLN B 1 14 ? -6.053  -19.053 -6.358  1.00 18.47  ? 14 GLN B N   1 
ATOM   429  C CA  . GLN B 1 14 ? -4.856  -18.525 -6.998  1.00 14.30  ? 14 GLN B CA  1 
ATOM   430  C C   . GLN B 1 14 ? -3.852  -19.666 -7.204  1.00 9.43   ? 14 GLN B C   1 
ATOM   431  O O   . GLN B 1 14 ? -3.426  -19.888 -8.341  1.00 0.82   ? 14 GLN B O   1 
ATOM   432  C CB  . GLN B 1 14 ? -4.202  -17.405 -6.202  1.00 15.70  ? 14 GLN B CB  1 
ATOM   433  C CG  . GLN B 1 14 ? -5.098  -16.292 -5.681  1.00 11.26  ? 14 GLN B CG  1 
ATOM   434  C CD  . GLN B 1 14 ? -4.367  -14.964 -5.562  1.00 12.88  ? 14 GLN B CD  1 
ATOM   435  O OE1 . GLN B 1 14 ? -3.492  -14.769 -4.721  1.00 0.00   ? 14 GLN B OE1 1 
ATOM   436  N NE2 . GLN B 1 14 ? -4.720  -14.005 -6.422  1.00 24.52  ? 14 GLN B NE2 1 
ATOM   437  N N   . GLN B 1 15 ? -3.538  -20.329 -6.095  1.00 10.63  ? 15 GLN B N   1 
ATOM   438  C CA  . GLN B 1 15 ? -2.660  -21.496 -6.078  1.00 7.96   ? 15 GLN B CA  1 
ATOM   439  C C   . GLN B 1 15 ? -3.070  -22.443 -7.217  1.00 4.23   ? 15 GLN B C   1 
ATOM   440  O O   . GLN B 1 15 ? -2.179  -22.848 -7.948  1.00 0.00   ? 15 GLN B O   1 
ATOM   441  C CB  . GLN B 1 15 ? -2.681  -22.273 -4.767  1.00 4.71   ? 15 GLN B CB  1 
ATOM   442  C CG  . GLN B 1 15 ? -2.561  -21.466 -3.492  1.00 15.25  ? 15 GLN B CG  1 
ATOM   443  C CD  . GLN B 1 15 ? -2.307  -22.326 -2.270  1.00 17.15  ? 15 GLN B CD  1 
ATOM   444  O OE1 . GLN B 1 15 ? -2.012  -23.519 -2.374  1.00 20.19  ? 15 GLN B OE1 1 
ATOM   445  N NE2 . GLN B 1 15 ? -2.421  -21.734 -1.085  1.00 0.00   ? 15 GLN B NE2 1 
ATOM   446  N N   . PHE B 1 16 ? -4.363  -22.716 -7.295  1.00 7.43   ? 16 PHE B N   1 
ATOM   447  C CA  . PHE B 1 16 ? -5.044  -23.500 -8.311  1.00 9.90   ? 16 PHE B CA  1 
ATOM   448  C C   . PHE B 1 16 ? -4.654  -23.000 -9.707  1.00 22.16  ? 16 PHE B C   1 
ATOM   449  O O   . PHE B 1 16 ? -4.252  -23.788 -10.560 1.00 27.70  ? 16 PHE B O   1 
ATOM   450  C CB  . PHE B 1 16 ? -6.570  -23.461 -8.164  1.00 0.00   ? 16 PHE B CB  1 
ATOM   451  C CG  . PHE B 1 16 ? -7.139  -24.293 -7.022  1.00 2.26   ? 16 PHE B CG  1 
ATOM   452  C CD1 . PHE B 1 16 ? -7.656  -23.690 -5.887  1.00 3.33   ? 16 PHE B CD1 1 
ATOM   453  C CD2 . PHE B 1 16 ? -7.158  -25.677 -7.067  1.00 0.00   ? 16 PHE B CD2 1 
ATOM   454  C CE1 . PHE B 1 16 ? -8.172  -24.418 -4.832  1.00 7.98   ? 16 PHE B CE1 1 
ATOM   455  C CE2 . PHE B 1 16 ? -7.673  -26.423 -6.023  1.00 2.59   ? 16 PHE B CE2 1 
ATOM   456  C CZ  . PHE B 1 16 ? -8.183  -25.808 -4.892  1.00 3.19   ? 16 PHE B CZ  1 
ATOM   457  N N   . ASP B 1 17 ? -4.781  -21.698 -9.902  1.00 27.95  ? 17 ASP B N   1 
ATOM   458  C CA  . ASP B 1 17 ? -4.486  -21.018 -11.156 1.00 18.77  ? 17 ASP B CA  1 
ATOM   459  C C   . ASP B 1 17 ? -3.051  -21.276 -11.602 1.00 21.04  ? 17 ASP B C   1 
ATOM   460  O O   . ASP B 1 17 ? -2.847  -21.887 -12.656 1.00 4.41   ? 17 ASP B O   1 
ATOM   461  C CB  . ASP B 1 17 ? -4.734  -19.518 -11.005 1.00 19.29  ? 17 ASP B CB  1 
ATOM   462  C CG  . ASP B 1 17 ? -5.747  -18.953 -11.978 1.00 25.31  ? 17 ASP B CG  1 
ATOM   463  O OD1 . ASP B 1 17 ? -6.814  -19.577 -12.169 1.00 0.00   ? 17 ASP B OD1 1 
ATOM   464  O OD2 . ASP B 1 17 ? -5.467  -17.881 -12.561 1.00 31.22  ? 17 ASP B OD2 1 
ATOM   465  N N   . LEU B 1 18 ? -2.094  -20.822 -10.802 1.00 21.60  ? 18 LEU B N   1 
ATOM   466  C CA  . LEU B 1 18 ? -0.675  -20.889 -11.108 1.00 22.23  ? 18 LEU B CA  1 
ATOM   467  C C   . LEU B 1 18 ? -0.279  -22.268 -11.650 1.00 32.29  ? 18 LEU B C   1 
ATOM   468  O O   . LEU B 1 18 ? 0.526   -22.355 -12.574 1.00 32.28  ? 18 LEU B O   1 
ATOM   469  C CB  . LEU B 1 18 ? 0.183   -20.565 -9.884  1.00 13.70  ? 18 LEU B CB  1 
ATOM   470  C CG  . LEU B 1 18 ? -0.477  -19.795 -8.746  1.00 15.30  ? 18 LEU B CG  1 
ATOM   471  C CD1 . LEU B 1 18 ? 0.438   -19.748 -7.527  1.00 5.28   ? 18 LEU B CD1 1 
ATOM   472  C CD2 . LEU B 1 18 ? -0.850  -18.389 -9.196  1.00 33.69  ? 18 LEU B CD2 1 
ATOM   473  N N   . GLN B 1 19 ? -0.889  -23.275 -11.054 1.00 29.29  ? 19 GLN B N   1 
ATOM   474  C CA  . GLN B 1 19 ? -0.790  -24.686 -11.363 1.00 21.35  ? 19 GLN B CA  1 
ATOM   475  C C   . GLN B 1 19 ? -1.346  -25.017 -12.746 1.00 27.67  ? 19 GLN B C   1 
ATOM   476  O O   . GLN B 1 19 ? -0.827  -25.878 -13.465 1.00 11.46  ? 19 GLN B O   1 
ATOM   477  C CB  . GLN B 1 19 ? -1.556  -25.468 -10.298 1.00 12.61  ? 19 GLN B CB  1 
ATOM   478  C CG  . GLN B 1 19 ? -0.782  -25.902 -9.067  1.00 5.69   ? 19 GLN B CG  1 
ATOM   479  C CD  . GLN B 1 19 ? -1.693  -26.615 -8.084  1.00 5.33   ? 19 GLN B CD  1 
ATOM   480  O OE1 . GLN B 1 19 ? -2.661  -27.267 -8.485  1.00 36.77  ? 19 GLN B OE1 1 
ATOM   481  N NE2 . GLN B 1 19 ? -1.407  -26.504 -6.789  1.00 25.98  ? 19 GLN B NE2 1 
ATOM   482  N N   . LYS B 1 20 ? -2.430  -24.342 -13.144 1.00 20.75  ? 20 LYS B N   1 
ATOM   483  C CA  . LYS B 1 20 ? -2.963  -24.594 -14.484 1.00 27.99  ? 20 LYS B CA  1 
ATOM   484  C C   . LYS B 1 20 ? -2.088  -23.931 -15.543 1.00 36.85  ? 20 LYS B C   1 
ATOM   485  O O   . LYS B 1 20 ? -2.129  -24.247 -16.726 1.00 42.99  ? 20 LYS B O   1 
ATOM   486  C CB  . LYS B 1 20 ? -4.401  -24.092 -14.593 1.00 32.80  ? 20 LYS B CB  1 
ATOM   487  C CG  . LYS B 1 20 ? -4.989  -23.650 -13.258 1.00 36.92  ? 20 LYS B CG  1 
ATOM   488  C CD  . LYS B 1 20 ? -6.149  -22.685 -13.460 1.00 37.79  ? 20 LYS B CD  1 
ATOM   489  C CE  . LYS B 1 20 ? -7.403  -23.171 -12.741 1.00 37.03  ? 20 LYS B CE  1 
ATOM   490  N NZ  . LYS B 1 20 ? -8.514  -23.445 -13.699 1.00 44.46  ? 20 LYS B NZ  1 
ATOM   491  N N   . TYR B 1 21 ? -1.275  -22.983 -15.089 1.00 37.98  ? 21 TYR B N   1 
ATOM   492  C CA  . TYR B 1 21 ? -0.376  -22.256 -15.977 1.00 32.27  ? 21 TYR B CA  1 
ATOM   493  C C   . TYR B 1 21 ? 0.974   -22.955 -16.089 1.00 30.18  ? 21 TYR B C   1 
ATOM   494  O O   . TYR B 1 21 ? 1.678   -22.811 -17.090 1.00 22.22  ? 21 TYR B O   1 
ATOM   495  C CB  . TYR B 1 21 ? -0.184  -20.819 -15.485 1.00 36.16  ? 21 TYR B CB  1 
ATOM   496  C CG  . TYR B 1 21 ? -1.431  -19.969 -15.575 1.00 38.47  ? 21 TYR B CG  1 
ATOM   497  C CD1 . TYR B 1 21 ? -2.643  -20.424 -15.071 1.00 39.39  ? 21 TYR B CD1 1 
ATOM   498  C CD2 . TYR B 1 21 ? -1.398  -18.712 -16.163 1.00 40.82  ? 21 TYR B CD2 1 
ATOM   499  C CE1 . TYR B 1 21 ? -3.786  -19.651 -15.149 1.00 39.78  ? 21 TYR B CE1 1 
ATOM   500  C CE2 . TYR B 1 21 ? -2.536  -17.932 -16.246 1.00 37.37  ? 21 TYR B CE2 1 
ATOM   501  C CZ  . TYR B 1 21 ? -3.726  -18.406 -15.739 1.00 35.53  ? 21 TYR B CZ  1 
ATOM   502  O OH  . TYR B 1 21 ? -4.861  -17.633 -15.820 1.00 19.05  ? 21 TYR B OH  1 
ATOM   503  N N   . ARG B 1 22 ? 1.330   -23.713 -15.057 1.00 29.30  ? 22 ARG B N   1 
ATOM   504  C CA  . ARG B 1 22 ? 2.447   -24.647 -15.140 1.00 27.36  ? 22 ARG B CA  1 
ATOM   505  C C   . ARG B 1 22 ? 1.976   -26.033 -15.569 1.00 30.95  ? 22 ARG B C   1 
ATOM   506  O O   . ARG B 1 22 ? 2.756   -26.831 -16.090 1.00 50.06  ? 22 ARG B O   1 
ATOM   507  C CB  . ARG B 1 22 ? 3.177   -24.730 -13.800 1.00 26.52  ? 22 ARG B CB  1 
ATOM   508  C CG  . ARG B 1 22 ? 2.594   -23.836 -12.718 1.00 28.45  ? 22 ARG B CG  1 
ATOM   509  C CD  . ARG B 1 22 ? 2.555   -24.545 -11.374 1.00 25.12  ? 22 ARG B CD  1 
ATOM   510  N NE  . ARG B 1 22 ? 2.991   -23.677 -10.285 1.00 29.19  ? 22 ARG B NE  1 
ATOM   511  C CZ  . ARG B 1 22 ? 3.374   -24.113 -9.089  1.00 28.45  ? 22 ARG B CZ  1 
ATOM   512  N NH1 . ARG B 1 22 ? 3.376   -25.412 -8.825  1.00 19.65  ? 22 ARG B NH1 1 
ATOM   513  N NH2 . ARG B 1 22 ? 3.754   -23.252 -8.157  1.00 21.83  ? 22 ARG B NH2 1 
ATOM   514  N N   . GLN B 1 23 ? 0.696   -26.312 -15.346 1.00 20.23  ? 23 GLN B N   1 
ATOM   515  C CA  . GLN B 1 23 ? -0.004  -27.348 -16.096 1.00 18.27  ? 23 GLN B CA  1 
ATOM   516  C C   . GLN B 1 23 ? 0.094   -27.103 -17.598 1.00 24.25  ? 23 GLN B C   1 
ATOM   517  O O   . GLN B 1 23 ? 0.403   -28.013 -18.367 1.00 31.92  ? 23 GLN B O   1 
ATOM   518  C CB  . GLN B 1 23 ? -1.471  -27.420 -15.670 1.00 14.73  ? 23 GLN B CB  1 
ATOM   519  C CG  . GLN B 1 23 ? -1.808  -28.622 -14.803 1.00 16.97  ? 23 GLN B CG  1 
ATOM   520  C CD  . GLN B 1 23 ? -3.070  -29.330 -15.252 1.00 14.02  ? 23 GLN B CD  1 
ATOM   521  O OE1 . GLN B 1 23 ? -3.833  -28.807 -16.065 1.00 7.23   ? 23 GLN B OE1 1 
ATOM   522  N NE2 . GLN B 1 23 ? -3.297  -30.528 -14.725 1.00 0.00   ? 23 GLN B NE2 1 
ATOM   523  N N   . GLN B 1 24 ? -0.171  -25.867 -18.009 1.00 23.53  ? 24 GLN B N   1 
ATOM   524  C CA  . GLN B 1 24 ? 0.170   -25.418 -19.354 1.00 15.36  ? 24 GLN B CA  1 
ATOM   525  C C   . GLN B 1 24 ? 1.678   -25.271 -19.521 1.00 22.58  ? 24 GLN B C   1 
ATOM   526  O O   . GLN B 1 24 ? 2.357   -26.197 -19.964 1.00 30.21  ? 24 GLN B O   1 
ATOM   527  C CB  . GLN B 1 24 ? -0.526  -24.092 -19.668 1.00 0.00   ? 24 GLN B CB  1 
ATOM   528  C CG  . GLN B 1 24 ? -2.041  -24.192 -19.758 1.00 0.00   ? 24 GLN B CG  1 
ATOM   529  C CD  . GLN B 1 24 ? -2.731  -22.882 -19.433 1.00 11.37  ? 24 GLN B CD  1 
ATOM   530  O OE1 . GLN B 1 24 ? -2.167  -22.020 -18.759 1.00 15.22  ? 24 GLN B OE1 1 
ATOM   531  N NE2 . GLN B 1 24 ? -3.960  -22.726 -19.911 1.00 11.96  ? 24 GLN B NE2 1 
ATOM   532  N N   . VAL B 1 25 ? 2.197   -24.100 -19.164 1.00 23.68  ? 25 VAL B N   1 
ATOM   533  C CA  . VAL B 1 25 ? 3.495   -23.655 -19.657 1.00 32.70  ? 25 VAL B CA  1 
ATOM   534  C C   . VAL B 1 25 ? 4.319   -24.828 -20.176 1.00 35.63  ? 25 VAL B C   1 
ATOM   535  O O   . VAL B 1 25 ? 4.723   -24.849 -21.339 1.00 21.59  ? 25 VAL B O   1 
ATOM   536  C CB  . VAL B 1 25 ? 4.293   -22.922 -18.563 1.00 26.59  ? 25 VAL B CB  1 
ATOM   537  C CG1 . VAL B 1 25 ? 5.772   -23.258 -18.671 1.00 0.44   ? 25 VAL B CG1 1 
ATOM   538  C CG2 . VAL B 1 25 ? 4.073   -21.420 -18.661 1.00 7.82   ? 25 VAL B CG2 1 
ATOM   539  N N   . ARG B 1 26 ? 4.567   -25.801 -19.306 1.00 33.94  ? 26 ARG B N   1 
ATOM   540  C CA  . ARG B 1 26 ? 5.300   -27.002 -19.688 1.00 24.18  ? 26 ARG B CA  1 
ATOM   541  C C   . ARG B 1 26 ? 5.161   -27.281 -21.181 1.00 15.94  ? 26 ARG B C   1 
ATOM   542  O O   . ARG B 1 26 ? 6.107   -27.729 -21.829 1.00 8.40   ? 26 ARG B O   1 
ATOM   543  C CB  . ARG B 1 26 ? 4.813   -28.207 -18.880 1.00 13.20  ? 26 ARG B CB  1 
ATOM   544  C CG  . ARG B 1 26 ? 5.802   -28.692 -17.832 1.00 3.00   ? 26 ARG B CG  1 
ATOM   545  C CD  . ARG B 1 26 ? 5.245   -29.870 -17.051 1.00 0.00   ? 26 ARG B CD  1 
ATOM   546  N NE  . ARG B 1 26 ? 5.379   -29.684 -15.609 1.00 5.60   ? 26 ARG B NE  1 
ATOM   547  C CZ  . ARG B 1 26 ? 4.359   -29.464 -14.786 1.00 23.98  ? 26 ARG B CZ  1 
ATOM   548  N NH1 . ARG B 1 26 ? 3.123   -29.402 -15.262 1.00 48.98  ? 26 ARG B NH1 1 
ATOM   549  N NH2 . ARG B 1 26 ? 4.574   -29.306 -13.488 1.00 44.17  ? 26 ARG B NH2 1 
ATOM   550  N N   . ASP B 1 27 ? 3.976   -27.015 -21.720 1.00 8.52   ? 27 ASP B N   1 
ATOM   551  C CA  . ASP B 1 27 ? 3.635   -27.441 -23.072 1.00 6.87   ? 27 ASP B CA  1 
ATOM   552  C C   . ASP B 1 27 ? 4.020   -26.379 -24.097 1.00 5.39   ? 27 ASP B C   1 
ATOM   553  O O   . ASP B 1 27 ? 3.919   -26.603 -25.304 1.00 17.25  ? 27 ASP B O   1 
ATOM   554  C CB  . ASP B 1 27 ? 2.142   -27.755 -23.175 1.00 4.34   ? 27 ASP B CB  1 
ATOM   555  C CG  . ASP B 1 27 ? 1.856   -29.244 -23.146 1.00 0.86   ? 27 ASP B CG  1 
ATOM   556  O OD1 . ASP B 1 27 ? 2.774   -30.020 -22.804 1.00 13.87  ? 27 ASP B OD1 1 
ATOM   557  O OD2 . ASP B 1 27 ? 0.715   -29.639 -23.465 1.00 18.36  ? 27 ASP B OD2 1 
ATOM   558  N N   . ILE B 1 28 ? 4.459   -25.224 -23.610 1.00 7.99   ? 28 ILE B N   1 
ATOM   559  C CA  . ILE B 1 28 ? 4.664   -24.061 -24.463 1.00 17.67  ? 28 ILE B CA  1 
ATOM   560  C C   . ILE B 1 28 ? 6.062   -24.061 -25.072 1.00 21.27  ? 28 ILE B C   1 
ATOM   561  O O   . ILE B 1 28 ? 6.747   -25.084 -25.075 1.00 3.12   ? 28 ILE B O   1 
ATOM   562  C CB  . ILE B 1 28 ? 4.452   -22.747 -23.688 1.00 24.86  ? 28 ILE B CB  1 
ATOM   563  C CG1 . ILE B 1 28 ? 3.268   -22.879 -22.728 1.00 36.45  ? 28 ILE B CG1 1 
ATOM   564  C CG2 . ILE B 1 28 ? 4.238   -21.589 -24.650 1.00 36.94  ? 28 ILE B CG2 1 
ATOM   565  C CD1 . ILE B 1 28 ? 2.660   -21.554 -22.322 1.00 34.95  ? 28 ILE B CD1 1 
ATOM   566  N N   . SER B 1 29 ? 6.480   -22.909 -25.585 1.00 16.77  ? 29 SER B N   1 
ATOM   567  C CA  . SER B 1 29 ? 7.513   -22.857 -26.613 1.00 22.82  ? 29 SER B CA  1 
ATOM   568  C C   . SER B 1 29 ? 8.381   -21.613 -26.462 1.00 24.31  ? 29 SER B C   1 
ATOM   569  O O   . SER B 1 29 ? 7.906   -20.561 -26.031 1.00 30.20  ? 29 SER B O   1 
ATOM   570  C CB  . SER B 1 29 ? 6.883   -22.893 -28.007 1.00 27.91  ? 29 SER B CB  1 
ATOM   571  O OG  . SER B 1 29 ? 6.722   -21.586 -28.528 1.00 24.49  ? 29 SER B OG  1 
ATOM   572  N N   . ARG B 1 30 ? 9.655   -21.739 -26.819 1.00 18.68  ? 30 ARG B N   1 
ATOM   573  C CA  . ARG B 1 30 ? 10.626  -20.691 -26.566 1.00 25.53  ? 30 ARG B CA  1 
ATOM   574  C C   . ARG B 1 30 ? 10.080  -19.280 -26.753 1.00 34.36  ? 30 ARG B C   1 
ATOM   575  O O   . ARG B 1 30 ? 10.335  -18.411 -25.914 1.00 42.12  ? 30 ARG B O   1 
ATOM   576  C CB  . ARG B 1 30 ? 11.843  -20.898 -27.485 1.00 25.46  ? 30 ARG B CB  1 
ATOM   577  C CG  . ARG B 1 30 ? 12.843  -21.890 -26.907 1.00 22.78  ? 30 ARG B CG  1 
ATOM   578  C CD  . ARG B 1 30 ? 12.939  -23.149 -27.749 1.00 22.77  ? 30 ARG B CD  1 
ATOM   579  N NE  . ARG B 1 30 ? 14.233  -23.802 -27.571 1.00 21.42  ? 30 ARG B NE  1 
ATOM   580  C CZ  . ARG B 1 30 ? 14.885  -24.507 -28.482 1.00 9.38   ? 30 ARG B CZ  1 
ATOM   581  N NH1 . ARG B 1 30 ? 14.392  -24.698 -29.695 1.00 9.29   ? 30 ARG B NH1 1 
ATOM   582  N NH2 . ARG B 1 30 ? 16.058  -25.033 -28.152 1.00 0.14   ? 30 ARG B NH2 1 
ATOM   583  N N   . GLU B 1 31 ? 9.342   -19.046 -27.832 1.00 40.15  ? 31 GLU B N   1 
ATOM   584  C CA  . GLU B 1 31 ? 8.837   -17.710 -28.121 1.00 42.17  ? 31 GLU B CA  1 
ATOM   585  C C   . GLU B 1 31 ? 7.436   -17.488 -27.556 1.00 42.85  ? 31 GLU B C   1 
ATOM   586  O O   . GLU B 1 31 ? 7.069   -16.350 -27.243 1.00 20.08  ? 31 GLU B O   1 
ATOM   587  C CB  . GLU B 1 31 ? 8.835   -17.448 -29.630 1.00 36.67  ? 31 GLU B CB  1 
ATOM   588  C CG  . GLU B 1 31 ? 10.102  -16.787 -30.152 1.00 21.25  ? 31 GLU B CG  1 
ATOM   589  C CD  . GLU B 1 31 ? 10.563  -17.395 -31.466 1.00 8.61   ? 31 GLU B CD  1 
ATOM   590  O OE1 . GLU B 1 31 ? 10.769  -18.626 -31.510 1.00 23.68  ? 31 GLU B OE1 1 
ATOM   591  O OE2 . GLU B 1 31 ? 10.728  -16.656 -32.458 1.00 14.16  ? 31 GLU B OE2 1 
ATOM   592  N N   . ASP B 1 32 ? 6.642   -18.555 -27.425 1.00 43.92  ? 32 ASP B N   1 
ATOM   593  C CA  . ASP B 1 32 ? 5.288   -18.365 -26.893 1.00 42.57  ? 32 ASP B CA  1 
ATOM   594  C C   . ASP B 1 32 ? 5.326   -18.111 -25.389 1.00 41.79  ? 32 ASP B C   1 
ATOM   595  O O   . ASP B 1 32 ? 4.374   -17.558 -24.839 1.00 34.68  ? 32 ASP B O   1 
ATOM   596  C CB  . ASP B 1 32 ? 4.395   -19.561 -27.226 1.00 46.59  ? 32 ASP B CB  1 
ATOM   597  C CG  . ASP B 1 32 ? 3.674   -19.314 -28.548 1.00 45.63  ? 32 ASP B CG  1 
ATOM   598  O OD1 . ASP B 1 32 ? 4.357   -18.744 -29.458 1.00 16.57  ? 32 ASP B OD1 1 
ATOM   599  O OD2 . ASP B 1 32 ? 2.408   -19.686 -28.698 1.00 65.21  ? 32 ASP B OD2 1 
ATOM   600  N N   . LEU B 1 33 ? 6.410   -18.496 -24.737 1.00 36.62  ? 33 LEU B N   1 
ATOM   601  C CA  . LEU B 1 33 ? 6.673   -18.101 -23.342 1.00 32.04  ? 33 LEU B CA  1 
ATOM   602  C C   . LEU B 1 33 ? 7.508   -16.829 -23.331 1.00 27.03  ? 33 LEU B C   1 
ATOM   603  O O   . LEU B 1 33 ? 7.371   -16.061 -22.393 1.00 20.71  ? 33 LEU B O   1 
ATOM   604  C CB  . LEU B 1 33 ? 7.417   -19.183 -22.536 1.00 37.82  ? 33 LEU B CB  1 
ATOM   605  C CG  . LEU B 1 33 ? 6.575   -20.490 -22.654 1.00 46.28  ? 33 LEU B CG  1 
ATOM   606  C CD1 . LEU B 1 33 ? 7.365   -21.824 -22.502 1.00 48.30  ? 33 LEU B CD1 1 
ATOM   607  C CD2 . LEU B 1 33 ? 5.334   -20.377 -21.742 1.00 49.59  ? 33 LEU B CD2 1 
ATOM   608  N N   . GLU B 1 34 ? 8.320   -16.685 -24.379 1.00 25.91  ? 34 GLU B N   1 
ATOM   609  C CA  . GLU B 1 34 ? 9.062   -15.438 -24.536 1.00 26.72  ? 34 GLU B CA  1 
ATOM   610  C C   . GLU B 1 34 ? 8.055   -14.283 -24.436 1.00 30.97  ? 34 GLU B C   1 
ATOM   611  O O   . GLU B 1 34 ? 8.191   -13.556 -23.455 1.00 10.60  ? 34 GLU B O   1 
ATOM   612  C CB  . GLU B 1 34 ? 9.852   -15.373 -25.836 1.00 22.29  ? 34 GLU B CB  1 
ATOM   613  C CG  . GLU B 1 34 ? 11.361  -15.340 -25.647 1.00 26.49  ? 34 GLU B CG  1 
ATOM   614  C CD  . GLU B 1 34 ? 12.089  -16.332 -26.538 1.00 26.37  ? 34 GLU B CD  1 
ATOM   615  O OE1 . GLU B 1 34 ? 11.454  -16.899 -27.456 1.00 18.99  ? 34 GLU B OE1 1 
ATOM   616  O OE2 . GLU B 1 34 ? 13.300  -16.549 -26.316 1.00 7.69   ? 34 GLU B OE2 1 
ATOM   617  N N   . ASP B 1 35 ? 7.109   -14.169 -25.353 1.00 24.21  ? 35 ASP B N   1 
ATOM   618  C CA  . ASP B 1 35 ? 6.085   -13.138 -25.341 1.00 26.41  ? 35 ASP B CA  1 
ATOM   619  C C   . ASP B 1 35 ? 5.235   -13.177 -24.070 1.00 35.95  ? 35 ASP B C   1 
ATOM   620  O O   . ASP B 1 35 ? 4.930   -12.123 -23.504 1.00 43.95  ? 35 ASP B O   1 
ATOM   621  C CB  . ASP B 1 35 ? 5.111   -13.242 -26.515 1.00 27.52  ? 35 ASP B CB  1 
ATOM   622  C CG  . ASP B 1 35 ? 5.729   -13.449 -27.869 1.00 23.13  ? 35 ASP B CG  1 
ATOM   623  O OD1 . ASP B 1 35 ? 6.788   -12.846 -28.148 1.00 28.98  ? 35 ASP B OD1 1 
ATOM   624  O OD2 . ASP B 1 35 ? 5.123   -14.224 -28.650 1.00 6.88   ? 35 ASP B OD2 1 
ATOM   625  N N   . LEU B 1 36 ? 4.824   -14.369 -23.639 1.00 37.48  ? 36 LEU B N   1 
ATOM   626  C CA  . LEU B 1 36 ? 4.025   -14.455 -22.407 1.00 28.96  ? 36 LEU B CA  1 
ATOM   627  C C   . LEU B 1 36 ? 4.876   -13.976 -21.234 1.00 27.45  ? 36 LEU B C   1 
ATOM   628  O O   . LEU B 1 36 ? 4.353   -13.475 -20.245 1.00 48.87  ? 36 LEU B O   1 
ATOM   629  C CB  . LEU B 1 36 ? 3.498   -15.866 -22.165 1.00 19.71  ? 36 LEU B CB  1 
ATOM   630  C CG  . LEU B 1 36 ? 2.469   -16.368 -23.190 1.00 17.58  ? 36 LEU B CG  1 
ATOM   631  C CD1 . LEU B 1 36 ? 1.323   -17.081 -22.507 1.00 0.00   ? 36 LEU B CD1 1 
ATOM   632  C CD2 . LEU B 1 36 ? 1.983   -15.209 -24.050 1.00 2.68   ? 36 LEU B CD2 1 
ATOM   633  N N   . PHE B 1 37 ? 6.188   -14.129 -21.396 1.00 23.18  ? 37 PHE B N   1 
ATOM   634  C CA  . PHE B 1 37 ? 7.139   -13.632 -20.419 1.00 24.90  ? 37 PHE B CA  1 
ATOM   635  C C   . PHE B 1 37 ? 7.413   -12.148 -20.617 1.00 9.62   ? 37 PHE B C   1 
ATOM   636  O O   . PHE B 1 37 ? 7.388   -11.340 -19.701 1.00 3.29   ? 37 PHE B O   1 
ATOM   637  C CB  . PHE B 1 37 ? 8.484   -14.386 -20.495 1.00 36.21  ? 37 PHE B CB  1 
ATOM   638  C CG  . PHE B 1 37 ? 9.426   -13.847 -19.418 1.00 48.73  ? 37 PHE B CG  1 
ATOM   639  C CD1 . PHE B 1 37 ? 9.215   -14.201 -18.074 1.00 53.57  ? 37 PHE B CD1 1 
ATOM   640  C CD2 . PHE B 1 37 ? 10.483  -13.010 -19.745 1.00 57.56  ? 37 PHE B CD2 1 
ATOM   641  C CE1 . PHE B 1 37 ? 10.044  -13.713 -17.081 1.00 58.34  ? 37 PHE B CE1 1 
ATOM   642  C CE2 . PHE B 1 37 ? 11.319  -12.522 -18.752 1.00 61.22  ? 37 PHE B CE2 1 
ATOM   643  C CZ  . PHE B 1 37 ? 11.102  -12.877 -17.419 1.00 61.26  ? 37 PHE B CZ  1 
ATOM   644  N N   . ILE B 1 38 ? 7.705   -11.729 -21.843 1.00 2.60   ? 38 ILE B N   1 
ATOM   645  C CA  . ILE B 1 38 ? 7.880   -10.301 -22.104 1.00 6.54   ? 38 ILE B CA  1 
ATOM   646  C C   . ILE B 1 38 ? 6.610   -9.570  -21.698 1.00 4.23   ? 38 ILE B C   1 
ATOM   647  O O   . ILE B 1 38 ? 6.591   -8.454  -21.190 1.00 28.79  ? 38 ILE B O   1 
ATOM   648  C CB  . ILE B 1 38 ? 8.202   -10.041 -23.581 1.00 10.55  ? 38 ILE B CB  1 
ATOM   649  C CG1 . ILE B 1 38 ? 6.991   -10.079 -24.522 1.00 0.00   ? 38 ILE B CG1 1 
ATOM   650  C CG2 . ILE B 1 38 ? 9.285   -11.011 -24.045 1.00 28.64  ? 38 ILE B CG2 1 
ATOM   651  C CD1 . ILE B 1 38 ? 7.336   -9.848  -25.980 1.00 0.00   ? 38 ILE B CD1 1 
ATOM   652  N N   . GLU B 1 39 ? 5.494   -10.266 -21.935 1.00 4.67   ? 39 GLU B N   1 
ATOM   653  C CA  . GLU B 1 39 ? 4.219   -9.653  -21.561 1.00 14.23  ? 39 GLU B CA  1 
ATOM   654  C C   . GLU B 1 39 ? 4.160   -9.598  -20.033 1.00 21.15  ? 39 GLU B C   1 
ATOM   655  O O   . GLU B 1 39 ? 3.538   -8.655  -19.533 1.00 24.98  ? 39 GLU B O   1 
ATOM   656  C CB  . GLU B 1 39 ? 3.067   -10.384 -22.235 1.00 7.53   ? 39 GLU B CB  1 
ATOM   657  C CG  . GLU B 1 39 ? 3.032   -10.169 -23.750 1.00 4.71   ? 39 GLU B CG  1 
ATOM   658  C CD  . GLU B 1 39 ? 1.964   -10.974 -24.466 1.00 6.47   ? 39 GLU B CD  1 
ATOM   659  O OE1 . GLU B 1 39 ? 1.447   -11.951 -23.888 1.00 7.21   ? 39 GLU B OE1 1 
ATOM   660  O OE2 . GLU B 1 39 ? 1.609   -10.657 -25.623 1.00 0.00   ? 39 GLU B OE2 1 
ATOM   661  N N   . VAL B 1 40 ? 4.794   -10.554 -19.364 1.00 16.82  ? 40 VAL B N   1 
ATOM   662  C CA  . VAL B 1 40 ? 4.866   -10.565 -17.906 1.00 13.23  ? 40 VAL B CA  1 
ATOM   663  C C   . VAL B 1 40 ? 5.226   -9.172  -17.378 1.00 23.51  ? 40 VAL B C   1 
ATOM   664  O O   . VAL B 1 40 ? 4.353   -8.532  -16.782 1.00 19.24  ? 40 VAL B O   1 
ATOM   665  C CB  . VAL B 1 40 ? 5.921   -11.576 -17.366 1.00 12.26  ? 40 VAL B CB  1 
ATOM   666  C CG1 . VAL B 1 40 ? 5.789   -12.907 -18.090 1.00 19.74  ? 40 VAL B CG1 1 
ATOM   667  C CG2 . VAL B 1 40 ? 7.285   -10.863 -17.301 1.00 33.55  ? 40 VAL B CG2 1 
ATOM   668  N N   . VAL B 1 41 ? 6.460   -8.765  -17.638 1.00 32.77  ? 41 VAL B N   1 
ATOM   669  C CA  . VAL B 1 41 ? 7.036   -7.510  -17.159 1.00 39.95  ? 41 VAL B CA  1 
ATOM   670  C C   . VAL B 1 41 ? 6.394   -6.334  -17.885 1.00 38.75  ? 41 VAL B C   1 
ATOM   671  O O   . VAL B 1 41 ? 6.502   -5.192  -17.482 1.00 38.41  ? 41 VAL B O   1 
ATOM   672  C CB  . VAL B 1 41 ? 8.562   -7.498  -17.345 1.00 42.13  ? 41 VAL B CB  1 
ATOM   673  C CG1 . VAL B 1 41 ? 9.118   -6.083  -17.390 1.00 41.34  ? 41 VAL B CG1 1 
ATOM   674  C CG2 . VAL B 1 41 ? 9.224   -8.294  -16.225 1.00 40.43  ? 41 VAL B CG2 1 
ATOM   675  N N   . ARG B 1 42 ? 5.713   -6.650  -18.986 1.00 36.14  ? 42 ARG B N   1 
ATOM   676  C CA  . ARG B 1 42 ? 4.952   -5.621  -19.694 1.00 30.08  ? 42 ARG B CA  1 
ATOM   677  C C   . ARG B 1 42 ? 3.669   -5.305  -18.929 1.00 16.84  ? 42 ARG B C   1 
ATOM   678  O O   . ARG B 1 42 ? 2.988   -4.330  -19.257 1.00 43.71  ? 42 ARG B O   1 
ATOM   679  C CB  . ARG B 1 42 ? 4.650   -6.038  -21.132 1.00 27.62  ? 42 ARG B CB  1 
ATOM   680  C CG  . ARG B 1 42 ? 5.492   -5.310  -22.166 1.00 20.36  ? 42 ARG B CG  1 
ATOM   681  C CD  . ARG B 1 42 ? 4.669   -4.327  -22.977 1.00 9.41   ? 42 ARG B CD  1 
ATOM   682  N NE  . ARG B 1 42 ? 5.151   -4.193  -24.354 1.00 19.82  ? 42 ARG B NE  1 
ATOM   683  C CZ  . ARG B 1 42 ? 4.929   -5.074  -25.334 1.00 24.62  ? 42 ARG B CZ  1 
ATOM   684  N NH1 . ARG B 1 42 ? 4.217   -6.172  -25.093 1.00 0.00   ? 42 ARG B NH1 1 
ATOM   685  N NH2 . ARG B 1 42 ? 5.409   -4.862  -26.558 1.00 0.00   ? 42 ARG B NH2 1 
ATOM   686  N N   . GLN B 1 43 ? 3.352   -6.105  -17.907 1.00 1.60   ? 43 GLN B N   1 
ATOM   687  C CA  . GLN B 1 43 ? 2.185   -5.865  -17.068 1.00 4.80   ? 43 GLN B CA  1 
ATOM   688  C C   . GLN B 1 43 ? 2.540   -5.467  -15.640 1.00 13.28  ? 43 GLN B C   1 
ATOM   689  O O   . GLN B 1 43 ? 2.003   -4.473  -15.136 1.00 28.54  ? 43 GLN B O   1 
ATOM   690  C CB  . GLN B 1 43 ? 1.291   -7.108  -17.012 1.00 11.81  ? 43 GLN B CB  1 
ATOM   691  C CG  . GLN B 1 43 ? -0.206  -6.844  -16.966 1.00 19.83  ? 43 GLN B CG  1 
ATOM   692  C CD  . GLN B 1 43 ? -0.978  -8.060  -17.469 1.00 28.76  ? 43 GLN B CD  1 
ATOM   693  O OE1 . GLN B 1 43 ? -0.371  -9.035  -17.906 1.00 50.82  ? 43 GLN B OE1 1 
ATOM   694  N NE2 . GLN B 1 43 ? -2.301  -7.999  -17.431 1.00 6.26   ? 43 GLN B NE2 1 
ATOM   695  N N   . LYS B 1 44 ? 3.419   -6.204  -14.962 1.00 13.00  ? 44 LYS B N   1 
ATOM   696  C CA  . LYS B 1 44 ? 3.691   -5.972  -13.552 1.00 16.35  ? 44 LYS B CA  1 
ATOM   697  C C   . LYS B 1 44 ? 4.386   -4.638  -13.283 1.00 19.13  ? 44 LYS B C   1 
ATOM   698  O O   . LYS B 1 44 ? 4.569   -4.238  -12.127 1.00 2.20   ? 44 LYS B O   1 
ATOM   699  C CB  . LYS B 1 44 ? 4.552   -7.107  -12.988 1.00 26.57  ? 44 LYS B CB  1 
ATOM   700  C CG  . LYS B 1 44 ? 3.789   -8.381  -12.659 1.00 24.02  ? 44 LYS B CG  1 
ATOM   701  C CD  . LYS B 1 44 ? 4.017   -9.411  -13.756 1.00 21.12  ? 44 LYS B CD  1 
ATOM   702  C CE  . LYS B 1 44 ? 5.038   -10.470 -13.347 1.00 13.32  ? 44 LYS B CE  1 
ATOM   703  N NZ  . LYS B 1 44 ? 5.918   -10.850 -14.485 1.00 14.15  ? 44 LYS B NZ  1 
ATOM   704  N N   . MET B 1 45 ? 4.781   -3.958  -14.350 1.00 20.52  ? 45 MET B N   1 
ATOM   705  C CA  . MET B 1 45 ? 5.284   -2.593  -14.284 1.00 12.64  ? 45 MET B CA  1 
ATOM   706  C C   . MET B 1 45 ? 4.086   -1.657  -14.177 1.00 24.45  ? 45 MET B C   1 
ATOM   707  O O   . MET B 1 45 ? 4.093   -0.661  -13.460 1.00 29.78  ? 45 MET B O   1 
ATOM   708  C CB  . MET B 1 45 ? 6.156   -2.304  -15.499 1.00 8.65   ? 45 MET B CB  1 
ATOM   709  C CG  . MET B 1 45 ? 7.430   -3.149  -15.513 1.00 0.42   ? 45 MET B CG  1 
ATOM   710  S SD  . MET B 1 45 ? 8.397   -2.886  -14.008 1.00 31.52  ? 45 MET B SD  1 
ATOM   711  C CE  . MET B 1 45 ? 8.751   -1.137  -14.150 1.00 0.00   ? 45 MET B CE  1 
ATOM   712  N N   . ALA B 1 46 ? 3.045   -2.034  -14.909 1.00 30.58  ? 46 ALA B N   1 
ATOM   713  C CA  . ALA B 1 46 ? 1.725   -1.441  -14.762 1.00 26.14  ? 46 ALA B CA  1 
ATOM   714  C C   . ALA B 1 46 ? 1.156   -1.830  -13.397 1.00 19.07  ? 46 ALA B C   1 
ATOM   715  O O   . ALA B 1 46 ? 0.357   -1.087  -12.833 1.00 30.08  ? 46 ALA B O   1 
ATOM   716  C CB  . ALA B 1 46 ? 0.774   -1.893  -15.850 1.00 1.10   ? 46 ALA B CB  1 
ATOM   717  N N   . HIS B 1 47 ? 1.590   -2.994  -12.905 1.00 0.89   ? 47 HIS B N   1 
ATOM   718  C CA  . HIS B 1 47 ? 1.110   -3.472  -11.614 1.00 11.32  ? 47 HIS B CA  1 
ATOM   719  C C   . HIS B 1 47 ? 1.914   -2.809  -10.494 1.00 22.01  ? 47 HIS B C   1 
ATOM   720  O O   . HIS B 1 47 ? 1.675   -3.073  -9.318  1.00 16.41  ? 47 HIS B O   1 
ATOM   721  C CB  . HIS B 1 47 ? 1.169   -4.990  -11.477 1.00 10.89  ? 47 HIS B CB  1 
ATOM   722  C CG  . HIS B 1 47 ? 0.134   -5.690  -12.309 1.00 11.56  ? 47 HIS B CG  1 
ATOM   723  N ND1 . HIS B 1 47 ? 0.317   -6.954  -12.820 1.00 0.00   ? 47 HIS B ND1 1 
ATOM   724  C CD2 . HIS B 1 47 ? -1.097  -5.296  -12.717 1.00 10.37  ? 47 HIS B CD2 1 
ATOM   725  C CE1 . HIS B 1 47 ? -0.760  -7.305  -13.502 1.00 8.80   ? 47 HIS B CE1 1 
ATOM   726  N NE2 . HIS B 1 47 ? -1.632  -6.322  -13.462 1.00 3.70   ? 47 HIS B NE2 1 
ATOM   727  N N   . GLU B 1 48 ? 2.836   -1.953  -10.928 1.00 20.79  ? 48 GLU B N   1 
ATOM   728  C CA  . GLU B 1 48 ? 3.555   -1.062  -10.041 1.00 28.47  ? 48 GLU B CA  1 
ATOM   729  C C   . GLU B 1 48 ? 3.102   0.384   -10.243 1.00 20.11  ? 48 GLU B C   1 
ATOM   730  O O   . GLU B 1 48 ? 2.974   1.103   -9.251  1.00 37.47  ? 48 GLU B O   1 
ATOM   731  C CB  . GLU B 1 48 ? 5.067   -1.150  -10.232 1.00 36.29  ? 48 GLU B CB  1 
ATOM   732  C CG  . GLU B 1 48 ? 5.611   -2.580  -10.283 1.00 41.87  ? 48 GLU B CG  1 
ATOM   733  C CD  . GLU B 1 48 ? 6.878   -2.611  -11.172 1.00 50.84  ? 48 GLU B CD  1 
ATOM   734  O OE1 . GLU B 1 48 ? 7.186   -1.551  -11.770 1.00 49.49  ? 48 GLU B OE1 1 
ATOM   735  O OE2 . GLU B 1 48 ? 7.525   -3.676  -11.253 1.00 65.32  ? 48 GLU B OE2 1 
ATOM   736  N N   . ASN B 1 49 ? 2.863   0.841   -11.471 1.00 3.33   ? 49 ASN B N   1 
ATOM   737  C CA  . ASN B 1 49 ? 2.406   2.229   -11.613 1.00 15.97  ? 49 ASN B CA  1 
ATOM   738  C C   . ASN B 1 49 ? 0.988   2.356   -11.044 1.00 19.48  ? 49 ASN B C   1 
ATOM   739  O O   . ASN B 1 49 ? 0.679   3.289   -10.306 1.00 5.73   ? 49 ASN B O   1 
ATOM   740  C CB  . ASN B 1 49 ? 2.439   2.718   -13.052 1.00 9.68   ? 49 ASN B CB  1 
ATOM   741  C CG  . ASN B 1 49 ? 3.659   2.286   -13.841 1.00 15.94  ? 49 ASN B CG  1 
ATOM   742  O OD1 . ASN B 1 49 ? 4.770   2.781   -13.626 1.00 13.54  ? 49 ASN B OD1 1 
ATOM   743  N ND2 . ASN B 1 49 ? 3.458   1.358   -14.776 1.00 1.67   ? 49 ASN B ND2 1 
ATOM   744  N N   . ILE B 1 50 ? 0.129   1.391   -11.363 1.00 20.48  ? 50 ILE B N   1 
ATOM   745  C CA  . ILE B 1 50 ? -1.243  1.311   -10.877 1.00 22.08  ? 50 ILE B CA  1 
ATOM   746  C C   . ILE B 1 50 ? -1.265  0.866   -9.414  1.00 26.91  ? 50 ILE B C   1 
ATOM   747  O O   . ILE B 1 50 ? -2.310  0.806   -8.769  1.00 5.22   ? 50 ILE B O   1 
ATOM   748  C CB  . ILE B 1 50 ? -2.103  0.351   -11.721 1.00 25.10  ? 50 ILE B CB  1 
ATOM   749  C CG1 . ILE B 1 50 ? -3.504  0.865   -12.055 1.00 30.28  ? 50 ILE B CG1 1 
ATOM   750  C CG2 . ILE B 1 50 ? -2.215  -1.017  -11.045 1.00 17.82  ? 50 ILE B CG2 1 
ATOM   751  C CD1 . ILE B 1 50 ? -4.187  1.587   -10.821 1.00 73.46  ? 50 ILE B CD1 1 
ATOM   752  N N   . PHE B 1 51 ? -0.070  0.568   -8.901  1.00 24.82  ? 51 PHE B N   1 
ATOM   753  C CA  . PHE B 1 51 ? 0.189   0.280   -7.505  1.00 12.89  ? 51 PHE B CA  1 
ATOM   754  C C   . PHE B 1 51 ? 1.056   1.376   -6.885  1.00 8.64   ? 51 PHE B C   1 
ATOM   755  O O   . PHE B 1 51 ? 1.353   1.370   -5.692  1.00 6.77   ? 51 PHE B O   1 
ATOM   756  C CB  . PHE B 1 51 ? 0.867   -1.083  -7.342  1.00 13.56  ? 51 PHE B CB  1 
ATOM   757  C CG  . PHE B 1 51 ? 1.121   -1.409  -5.875  1.00 26.72  ? 51 PHE B CG  1 
ATOM   758  C CD1 . PHE B 1 51 ? 0.061   -1.453  -4.985  1.00 36.89  ? 51 PHE B CD1 1 
ATOM   759  C CD2 . PHE B 1 51 ? 2.425   -1.672  -5.425  1.00 29.46  ? 51 PHE B CD2 1 
ATOM   760  C CE1 . PHE B 1 51 ? 0.286   -1.725  -3.652  1.00 38.31  ? 51 PHE B CE1 1 
ATOM   761  C CE2 . PHE B 1 51 ? 2.660   -1.967  -4.095  1.00 35.78  ? 51 PHE B CE2 1 
ATOM   762  C CZ  . PHE B 1 51 ? 1.573   -2.009  -3.197  1.00 40.69  ? 51 PHE B CZ  1 
ATOM   763  N N   . LYS B 1 52 ? 1.463   2.321   -7.703  1.00 14.30  ? 52 LYS B N   1 
ATOM   764  C CA  . LYS B 1 52 ? 2.288   3.457   -7.320  1.00 18.54  ? 52 LYS B CA  1 
ATOM   765  C C   . LYS B 1 52 ? 1.403   4.693   -7.199  1.00 11.12  ? 52 LYS B C   1 
ATOM   766  O O   . LYS B 1 52 ? 1.765   5.681   -6.561  1.00 32.09  ? 52 LYS B O   1 
ATOM   767  C CB  . LYS B 1 52 ? 3.417   3.701   -8.320  1.00 20.76  ? 52 LYS B CB  1 
ATOM   768  C CG  . LYS B 1 52 ? 4.739   3.062   -7.921  1.00 26.35  ? 52 LYS B CG  1 
ATOM   769  C CD  . LYS B 1 52 ? 5.443   2.386   -9.088  1.00 28.41  ? 52 LYS B CD  1 
ATOM   770  C CE  . LYS B 1 52 ? 6.571   1.486   -8.605  1.00 26.26  ? 52 LYS B CE  1 
ATOM   771  N NZ  . LYS B 1 52 ? 7.613   1.268   -9.643  1.00 5.72   ? 52 LYS B NZ  1 
ATOM   772  N N   . GLY B 1 53 ? 0.231   4.594   -7.820  1.00 0.00   ? 53 GLY B N   1 
ATOM   773  C CA  . GLY B 1 53 ? -0.761  5.659   -7.701  1.00 14.29  ? 53 GLY B CA  1 
ATOM   774  C C   . GLY B 1 53 ? -1.565  5.438   -6.423  1.00 26.42  ? 53 GLY B C   1 
ATOM   775  O O   . GLY B 1 53 ? -1.770  6.344   -5.625  1.00 20.68  ? 53 GLY B O   1 
ATOM   776  N N   . MET B 1 54 ? -2.006  4.197   -6.245  1.00 33.51  ? 54 MET B N   1 
ATOM   777  C CA  . MET B 1 54 ? -2.741  3.807   -5.051  1.00 28.22  ? 54 MET B CA  1 
ATOM   778  C C   . MET B 1 54 ? -1.937  4.050   -3.784  1.00 18.35  ? 54 MET B C   1 
ATOM   779  O O   . MET B 1 54 ? -2.502  4.180   -2.694  1.00 13.71  ? 54 MET B O   1 
ATOM   780  C CB  . MET B 1 54 ? -3.156  2.334   -5.140  1.00 25.51  ? 54 MET B CB  1 
ATOM   781  C CG  . MET B 1 54 ? -4.263  2.071   -6.145  1.00 30.48  ? 54 MET B CG  1 
ATOM   782  S SD  . MET B 1 54 ? -5.759  3.027   -5.827  1.00 17.11  ? 54 MET B SD  1 
ATOM   783  C CE  . MET B 1 54 ? -5.781  3.045   -4.034  1.00 5.67   ? 54 MET B CE  1 
ATOM   784  N N   . ILE B 1 55 ? -0.604  4.122   -3.843  1.00 15.69  ? 55 ILE B N   1 
ATOM   785  C CA  . ILE B 1 55 ? 0.038   4.492   -2.565  1.00 13.02  ? 55 ILE B CA  1 
ATOM   786  C C   . ILE B 1 55 ? 0.289   5.999   -2.598  1.00 14.37  ? 55 ILE B C   1 
ATOM   787  O O   . ILE B 1 55 ? 0.587   6.638   -1.585  1.00 16.94  ? 55 ILE B O   1 
ATOM   788  C CB  . ILE B 1 55 ? 1.332   3.738   -2.254  1.00 5.08   ? 55 ILE B CB  1 
ATOM   789  C CG1 . ILE B 1 55 ? 2.614   4.511   -2.601  1.00 4.52   ? 55 ILE B CG1 1 
ATOM   790  C CG2 . ILE B 1 55 ? 1.372   2.371   -2.924  1.00 27.66  ? 55 ILE B CG2 1 
ATOM   791  C CD1 . ILE B 1 55 ? 3.866   3.756   -2.200  1.00 9.13   ? 55 ILE B CD1 1 
ATOM   792  N N   . ARG B 1 56 ? 0.139   6.574   -3.795  1.00 0.00   ? 56 ARG B N   1 
ATOM   793  C CA  . ARG B 1 56 ? 0.276   8.022   -3.924  1.00 12.55  ? 56 ARG B CA  1 
ATOM   794  C C   . ARG B 1 56 ? -0.648  8.757   -2.954  1.00 26.01  ? 56 ARG B C   1 
ATOM   795  O O   . ARG B 1 56 ? -0.347  9.896   -2.575  1.00 58.85  ? 56 ARG B O   1 
ATOM   796  C CB  . ARG B 1 56 ? -0.008  8.475   -5.348  1.00 4.08   ? 56 ARG B CB  1 
ATOM   797  C CG  . ARG B 1 56 ? 1.175   8.857   -6.222  1.00 0.00   ? 56 ARG B CG  1 
ATOM   798  C CD  . ARG B 1 56 ? 0.794   8.720   -7.699  1.00 0.00   ? 56 ARG B CD  1 
ATOM   799  N NE  . ARG B 1 56 ? 1.866   8.138   -8.487  1.00 2.97   ? 56 ARG B NE  1 
ATOM   800  C CZ  . ARG B 1 56 ? 2.346   8.554   -9.649  1.00 1.67   ? 56 ARG B CZ  1 
ATOM   801  N NH1 . ARG B 1 56 ? 1.832   9.619   -10.244 1.00 0.00   ? 56 ARG B NH1 1 
ATOM   802  N NH2 . ARG B 1 56 ? 3.347   7.892   -10.231 1.00 0.00   ? 56 ARG B NH2 1 
ATOM   803  N N   . GLN B 1 57 ? -1.771  8.172   -2.536  1.00 19.49  ? 57 GLN B N   1 
ATOM   804  C CA  . GLN B 1 57 ? -2.701  8.898   -1.675  1.00 24.01  ? 57 GLN B CA  1 
ATOM   805  C C   . GLN B 1 57 ? -2.282  8.910   -0.210  1.00 26.83  ? 57 GLN B C   1 
ATOM   806  O O   . GLN B 1 57 ? -3.138  9.024   0.670   1.00 20.86  ? 57 GLN B O   1 
ATOM   807  C CB  . GLN B 1 57 ? -4.108  8.302   -1.786  1.00 22.02  ? 57 GLN B CB  1 
ATOM   808  C CG  . GLN B 1 57 ? -5.124  9.246   -2.405  1.00 12.20  ? 57 GLN B CG  1 
ATOM   809  C CD  . GLN B 1 57 ? -5.603  8.741   -3.755  1.00 9.03   ? 57 GLN B CD  1 
ATOM   810  O OE1 . GLN B 1 57 ? -5.410  7.564   -4.080  1.00 2.99   ? 57 GLN B OE1 1 
ATOM   811  N NE2 . GLN B 1 57 ? -6.226  9.625   -4.529  1.00 12.01  ? 57 GLN B NE2 1 
ATOM   812  N N   . GLY B 1 58 ? -0.985  8.798   0.060   1.00 26.46  ? 58 GLY B N   1 
ATOM   813  C CA  . GLY B 1 58 ? -0.479  8.890   1.421   1.00 29.84  ? 58 GLY B CA  1 
ATOM   814  C C   . GLY B 1 58 ? -0.317  10.350  1.828   1.00 30.90  ? 58 GLY B C   1 
ATOM   815  O O   . GLY B 1 58 ? 0.754   10.765  2.255   1.00 28.77  ? 58 GLY B O   1 
ATOM   816  N N   . SER B 1 59 ? -1.390  11.122  1.691   1.00 31.77  ? 59 SER B N   1 
ATOM   817  C CA  . SER B 1 59 ? -1.390  12.517  2.114   1.00 20.88  ? 59 SER B CA  1 
ATOM   818  C C   . SER B 1 59 ? -2.596  12.827  2.994   1.00 30.17  ? 59 SER B C   1 
ATOM   819  O O   . SER B 1 59 ? -3.532  13.503  2.566   1.00 38.46  ? 59 SER B O   1 
ATOM   820  C CB  . SER B 1 59 ? -1.375  13.444  0.897   1.00 5.06   ? 59 SER B CB  1 
ATOM   821  O OG  . SER B 1 59 ? -2.562  13.306  0.135   1.00 16.18  ? 59 SER B OG  1 
ATOM   822  O OXT . SER B 1 59 ? -3.057  12.014  3.850   1.00 40.96  ? 59 SER B OXT 1 
ATOM   823  N N   . VAL C 1 12 ? -11.532 -3.493  21.007  1.00 47.66  ? 12 VAL C N   1 
ATOM   824  C CA  . VAL C 1 12 ? -11.813 -3.742  22.421  1.00 30.59  ? 12 VAL C CA  1 
ATOM   825  C C   . VAL C 1 12 ? -10.793 -3.032  23.294  1.00 35.94  ? 12 VAL C C   1 
ATOM   826  O O   . VAL C 1 12 ? -11.123 -2.070  23.988  1.00 28.60  ? 12 VAL C O   1 
ATOM   827  C CB  . VAL C 1 12 ? -11.821 -5.245  22.747  1.00 22.45  ? 12 VAL C CB  1 
ATOM   828  C CG1 . VAL C 1 12 ? -12.769 -5.536  23.898  1.00 36.86  ? 12 VAL C CG1 1 
ATOM   829  C CG2 . VAL C 1 12 ? -12.217 -6.052  21.517  1.00 14.96  ? 12 VAL C CG2 1 
ATOM   830  N N   . GLU C 1 13 ? -9.553  -3.509  23.259  1.00 41.33  ? 13 GLU C N   1 
ATOM   831  C CA  . GLU C 1 13 ? -8.430  -2.766  23.818  1.00 36.53  ? 13 GLU C CA  1 
ATOM   832  C C   . GLU C 1 13 ? -7.877  -1.763  22.812  1.00 39.39  ? 13 GLU C C   1 
ATOM   833  O O   . GLU C 1 13 ? -6.776  -1.239  22.984  1.00 61.40  ? 13 GLU C O   1 
ATOM   834  C CB  . GLU C 1 13 ? -7.326  -3.724  24.269  1.00 24.31  ? 13 GLU C CB  1 
ATOM   835  C CG  . GLU C 1 13 ? -7.192  -3.851  25.778  1.00 7.84   ? 13 GLU C CG  1 
ATOM   836  C CD  . GLU C 1 13 ? -5.992  -4.682  26.188  1.00 17.66  ? 13 GLU C CD  1 
ATOM   837  O OE1 . GLU C 1 13 ? -4.999  -4.709  25.432  1.00 8.33   ? 13 GLU C OE1 1 
ATOM   838  O OE2 . GLU C 1 13 ? -6.043  -5.310  27.267  1.00 1.82   ? 13 GLU C OE2 1 
ATOM   839  N N   . GLN C 1 14 ? -8.646  -1.500  21.761  1.00 38.61  ? 14 GLN C N   1 
ATOM   840  C CA  . GLN C 1 14 ? -8.716  -0.165  21.177  1.00 35.59  ? 14 GLN C CA  1 
ATOM   841  C C   . GLN C 1 14 ? -10.030 0.522   21.529  1.00 31.30  ? 14 GLN C C   1 
ATOM   842  O O   . GLN C 1 14 ? -10.038 1.631   22.064  1.00 11.48  ? 14 GLN C O   1 
ATOM   843  C CB  . GLN C 1 14 ? -8.549  -0.236  19.658  1.00 33.82  ? 14 GLN C CB  1 
ATOM   844  C CG  . GLN C 1 14 ? -8.097  -1.593  19.146  1.00 30.20  ? 14 GLN C CG  1 
ATOM   845  C CD  . GLN C 1 14 ? -6.629  -1.614  18.765  1.00 25.03  ? 14 GLN C CD  1 
ATOM   846  O OE1 . GLN C 1 14 ? -6.138  -0.706  18.094  1.00 10.94  ? 14 GLN C OE1 1 
ATOM   847  N NE2 . GLN C 1 14 ? -5.921  -2.653  19.192  1.00 16.36  ? 14 GLN C NE2 1 
ATOM   848  N N   . GLN C 1 15 ? -11.140 -0.143  21.225  1.00 27.49  ? 15 GLN C N   1 
ATOM   849  C CA  . GLN C 1 15 ? -12.462 0.440   21.426  1.00 20.42  ? 15 GLN C CA  1 
ATOM   850  C C   . GLN C 1 15 ? -12.651 0.933   22.853  1.00 28.22  ? 15 GLN C C   1 
ATOM   851  O O   . GLN C 1 15 ? -13.370 1.896   23.128  1.00 46.88  ? 15 GLN C O   1 
ATOM   852  C CB  . GLN C 1 15 ? -13.572 -0.561  21.084  1.00 5.35   ? 15 GLN C CB  1 
ATOM   853  C CG  . GLN C 1 15 ? -13.759 -0.769  19.587  1.00 1.23   ? 15 GLN C CG  1 
ATOM   854  C CD  . GLN C 1 15 ? -13.770 -2.241  19.219  1.00 13.67  ? 15 GLN C CD  1 
ATOM   855  O OE1 . GLN C 1 15 ? -13.791 -3.112  20.099  1.00 15.69  ? 15 GLN C OE1 1 
ATOM   856  N NE2 . GLN C 1 15 ? -13.769 -2.516  17.916  1.00 0.00   ? 15 GLN C NE2 1 
ATOM   857  N N   . PHE C 1 16 ? -11.983 0.263   23.790  1.00 26.31  ? 16 PHE C N   1 
ATOM   858  C CA  . PHE C 1 16 ? -12.011 0.712   25.178  1.00 16.05  ? 16 PHE C CA  1 
ATOM   859  C C   . PHE C 1 16 ? -11.261 2.045   25.241  1.00 21.21  ? 16 PHE C C   1 
ATOM   860  O O   . PHE C 1 16 ? -11.492 2.862   26.130  1.00 14.58  ? 16 PHE C O   1 
ATOM   861  C CB  . PHE C 1 16 ? -11.411 -0.307  26.126  1.00 8.06   ? 16 PHE C CB  1 
ATOM   862  C CG  . PHE C 1 16 ? -12.263 -1.478  26.562  1.00 8.62   ? 16 PHE C CG  1 
ATOM   863  C CD1 . PHE C 1 16 ? -11.665 -2.660  26.980  1.00 10.96  ? 16 PHE C CD1 1 
ATOM   864  C CD2 . PHE C 1 16 ? -13.647 -1.417  26.563  1.00 8.29   ? 16 PHE C CD2 1 
ATOM   865  C CE1 . PHE C 1 16 ? -12.418 -3.746  27.391  1.00 12.55  ? 16 PHE C CE1 1 
ATOM   866  C CE2 . PHE C 1 16 ? -14.416 -2.489  26.964  1.00 2.87   ? 16 PHE C CE2 1 
ATOM   867  C CZ  . PHE C 1 16 ? -13.802 -3.659  27.383  1.00 11.52  ? 16 PHE C CZ  1 
ATOM   868  N N   . ASP C 1 17 ? -10.364 2.242   24.272  1.00 24.29  ? 17 ASP C N   1 
ATOM   869  C CA  . ASP C 1 17 ? -9.597  3.479   24.181  1.00 26.06  ? 17 ASP C CA  1 
ATOM   870  C C   . ASP C 1 17 ? -10.408 4.581   23.495  1.00 21.95  ? 17 ASP C C   1 
ATOM   871  O O   . ASP C 1 17 ? -10.412 5.699   24.012  1.00 14.10  ? 17 ASP C O   1 
ATOM   872  C CB  . ASP C 1 17 ? -8.279  3.295   23.433  1.00 27.52  ? 17 ASP C CB  1 
ATOM   873  C CG  . ASP C 1 17 ? -7.140  2.777   24.283  1.00 30.04  ? 17 ASP C CG  1 
ATOM   874  O OD1 . ASP C 1 17 ? -7.234  2.832   25.528  1.00 38.52  ? 17 ASP C OD1 1 
ATOM   875  O OD2 . ASP C 1 17 ? -6.143  2.309   23.688  1.00 12.29  ? 17 ASP C OD2 1 
ATOM   876  N N   . LEU C 1 18 ? -11.071 4.287   22.381  1.00 20.48  ? 18 LEU C N   1 
ATOM   877  C CA  . LEU C 1 18 ? -11.839 5.298   21.661  1.00 18.71  ? 18 LEU C CA  1 
ATOM   878  C C   . LEU C 1 18 ? -12.802 6.026   22.604  1.00 26.79  ? 18 LEU C C   1 
ATOM   879  O O   . LEU C 1 18 ? -12.732 7.249   22.740  1.00 37.38  ? 18 LEU C O   1 
ATOM   880  C CB  . LEU C 1 18 ? -12.632 4.699   20.511  1.00 18.82  ? 18 LEU C CB  1 
ATOM   881  C CG  . LEU C 1 18 ? -12.081 4.717   19.088  1.00 10.38  ? 18 LEU C CG  1 
ATOM   882  C CD1 . LEU C 1 18 ? -13.187 4.356   18.104  1.00 0.00   ? 18 LEU C CD1 1 
ATOM   883  C CD2 . LEU C 1 18 ? -11.491 6.065   18.707  1.00 2.57   ? 18 LEU C CD2 1 
ATOM   884  N N   . GLN C 1 19 ? -13.681 5.261   23.234  1.00 31.13  ? 19 GLN C N   1 
ATOM   885  C CA  . GLN C 1 19 ? -14.687 5.782   24.148  1.00 31.82  ? 19 GLN C CA  1 
ATOM   886  C C   . GLN C 1 19 ? -14.056 6.749   25.149  1.00 34.12  ? 19 GLN C C   1 
ATOM   887  O O   . GLN C 1 19 ? -14.611 7.792   25.479  1.00 25.43  ? 19 GLN C O   1 
ATOM   888  C CB  . GLN C 1 19 ? -15.373 4.643   24.900  1.00 26.27  ? 19 GLN C CB  1 
ATOM   889  C CG  . GLN C 1 19 ? -16.230 3.733   24.031  1.00 17.88  ? 19 GLN C CG  1 
ATOM   890  C CD  . GLN C 1 19 ? -16.558 2.438   24.750  1.00 11.31  ? 19 GLN C CD  1 
ATOM   891  O OE1 . GLN C 1 19 ? -16.336 2.297   25.954  1.00 4.34   ? 19 GLN C OE1 1 
ATOM   892  N NE2 . GLN C 1 19 ? -17.077 1.486   23.981  1.00 6.77   ? 19 GLN C NE2 1 
ATOM   893  N N   . LYS C 1 20 ? -12.879 6.337   25.597  1.00 35.98  ? 20 LYS C N   1 
ATOM   894  C CA  . LYS C 1 20 ? -12.076 7.076   26.555  1.00 30.03  ? 20 LYS C CA  1 
ATOM   895  C C   . LYS C 1 20 ? -11.995 8.555   26.175  1.00 23.66  ? 20 LYS C C   1 
ATOM   896  O O   . LYS C 1 20 ? -12.554 9.358   26.920  1.00 0.31   ? 20 LYS C O   1 
ATOM   897  C CB  . LYS C 1 20 ? -10.681 6.467   26.658  1.00 28.05  ? 20 LYS C CB  1 
ATOM   898  C CG  . LYS C 1 20 ? -10.639 5.172   27.469  1.00 23.01  ? 20 LYS C CG  1 
ATOM   899  C CD  . LYS C 1 20 ? -9.227  4.842   27.924  1.00 17.08  ? 20 LYS C CD  1 
ATOM   900  C CE  . LYS C 1 20 ? -9.187  4.413   29.377  1.00 12.72  ? 20 LYS C CE  1 
ATOM   901  N NZ  . LYS C 1 20 ? -8.053  3.476   29.641  1.00 6.20   ? 20 LYS C NZ  1 
ATOM   902  N N   . TYR C 1 21 ? -11.326 8.848   25.073  1.00 22.75  ? 21 TYR C N   1 
ATOM   903  C CA  . TYR C 1 21 ? -11.042 10.162  24.537  1.00 20.48  ? 21 TYR C CA  1 
ATOM   904  C C   . TYR C 1 21 ? -12.332 10.931  24.250  1.00 21.77  ? 21 TYR C C   1 
ATOM   905  O O   . TYR C 1 21 ? -12.411 12.153  24.404  1.00 27.36  ? 21 TYR C O   1 
ATOM   906  C CB  . TYR C 1 21 ? -10.265 10.128  23.234  1.00 24.84  ? 21 TYR C CB  1 
ATOM   907  C CG  . TYR C 1 21 ? -9.044  9.282   23.046  1.00 20.63  ? 21 TYR C CG  1 
ATOM   908  C CD1 . TYR C 1 21 ? -8.902  8.005   23.557  1.00 21.78  ? 21 TYR C CD1 1 
ATOM   909  C CD2 . TYR C 1 21 ? -7.962  9.773   22.297  1.00 22.12  ? 21 TYR C CD2 1 
ATOM   910  C CE1 . TYR C 1 21 ? -7.758  7.250   23.362  1.00 25.61  ? 21 TYR C CE1 1 
ATOM   911  C CE2 . TYR C 1 21 ? -6.814  9.037   22.092  1.00 21.90  ? 21 TYR C CE2 1 
ATOM   912  C CZ  . TYR C 1 21 ? -6.714  7.777   22.630  1.00 24.99  ? 21 TYR C CZ  1 
ATOM   913  O OH  . TYR C 1 21 ? -5.563  7.048   22.419  1.00 48.11  ? 21 TYR C OH  1 
ATOM   914  N N   . ARG C 1 22 ? -13.367 10.203  23.835  1.00 23.06  ? 22 ARG C N   1 
ATOM   915  C CA  . ARG C 1 22 ? -14.635 10.803  23.422  1.00 14.13  ? 22 ARG C CA  1 
ATOM   916  C C   . ARG C 1 22 ? -15.361 11.452  24.597  1.00 10.25  ? 22 ARG C C   1 
ATOM   917  O O   . ARG C 1 22 ? -16.382 12.120  24.419  1.00 27.80  ? 22 ARG C O   1 
ATOM   918  C CB  . ARG C 1 22 ? -15.514 9.775   22.713  1.00 3.87   ? 22 ARG C CB  1 
ATOM   919  C CG  . ARG C 1 22 ? -14.766 8.878   21.723  1.00 0.10   ? 22 ARG C CG  1 
ATOM   920  C CD  . ARG C 1 22 ? -15.532 7.578   21.514  1.00 2.96   ? 22 ARG C CD  1 
ATOM   921  N NE  . ARG C 1 22 ? -16.094 7.407   20.183  1.00 2.78   ? 22 ARG C NE  1 
ATOM   922  C CZ  . ARG C 1 22 ? -17.215 6.772   19.883  1.00 6.85   ? 22 ARG C CZ  1 
ATOM   923  N NH1 . ARG C 1 22 ? -17.969 6.197   20.819  1.00 12.82  ? 22 ARG C NH1 1 
ATOM   924  N NH2 . ARG C 1 22 ? -17.609 6.699   18.617  1.00 14.86  ? 22 ARG C NH2 1 
ATOM   925  N N   . GLN C 1 23 ? -14.851 11.282  25.796  1.00 10.72  ? 23 GLN C N   1 
ATOM   926  C CA  . GLN C 1 23 ? -15.052 12.110  26.962  1.00 13.70  ? 23 GLN C CA  1 
ATOM   927  C C   . GLN C 1 23 ? -14.252 13.407  26.824  1.00 15.33  ? 23 GLN C C   1 
ATOM   928  O O   . GLN C 1 23 ? -14.788 14.509  26.938  1.00 14.16  ? 23 GLN C O   1 
ATOM   929  C CB  . GLN C 1 23 ? -14.603 11.389  28.233  1.00 3.87   ? 23 GLN C CB  1 
ATOM   930  C CG  . GLN C 1 23 ? -15.238 10.014  28.403  1.00 3.66   ? 23 GLN C CG  1 
ATOM   931  C CD  . GLN C 1 23 ? -14.866 9.426   29.756  1.00 2.90   ? 23 GLN C CD  1 
ATOM   932  O OE1 . GLN C 1 23 ? -13.830 9.810   30.301  1.00 1.01   ? 23 GLN C OE1 1 
ATOM   933  N NE2 . GLN C 1 23 ? -15.699 8.523   30.250  1.00 23.10  ? 23 GLN C NE2 1 
ATOM   934  N N   . GLN C 1 24 ? -12.955 13.228  26.585  1.00 20.73  ? 24 GLN C N   1 
ATOM   935  C CA  . GLN C 1 24 ? -12.018 14.332  26.451  1.00 25.21  ? 24 GLN C CA  1 
ATOM   936  C C   . GLN C 1 24 ? -12.522 15.360  25.434  1.00 30.84  ? 24 GLN C C   1 
ATOM   937  O O   . GLN C 1 24 ? -12.896 16.453  25.854  1.00 13.70  ? 24 GLN C O   1 
ATOM   938  C CB  . GLN C 1 24 ? -10.634 13.852  26.017  1.00 27.10  ? 24 GLN C CB  1 
ATOM   939  C CG  . GLN C 1 24 ? -10.187 12.545  26.654  1.00 26.04  ? 24 GLN C CG  1 
ATOM   940  C CD  . GLN C 1 24 ? -8.674  12.404  26.626  1.00 15.68  ? 24 GLN C CD  1 
ATOM   941  O OE1 . GLN C 1 24 ? -8.107  12.171  25.556  1.00 12.20  ? 24 GLN C OE1 1 
ATOM   942  N NE2 . GLN C 1 24 ? -8.050  12.546  27.787  1.00 0.00   ? 24 GLN C NE2 1 
ATOM   943  N N   . VAL C 1 25 ? -12.507 14.985  24.162  1.00 37.85  ? 25 VAL C N   1 
ATOM   944  C CA  . VAL C 1 25 ? -12.985 15.823  23.061  1.00 27.78  ? 25 VAL C CA  1 
ATOM   945  C C   . VAL C 1 25 ? -14.312 16.470  23.452  1.00 21.14  ? 25 VAL C C   1 
ATOM   946  O O   . VAL C 1 25 ? -14.474 17.680  23.543  1.00 0.41   ? 25 VAL C O   1 
ATOM   947  C CB  . VAL C 1 25 ? -13.170 15.016  21.774  1.00 18.34  ? 25 VAL C CB  1 
ATOM   948  C CG1 . VAL C 1 25 ? -12.387 15.642  20.630  1.00 10.55  ? 25 VAL C CG1 1 
ATOM   949  C CG2 . VAL C 1 25 ? -12.738 13.568  21.986  1.00 13.47  ? 25 VAL C CG2 1 
ATOM   950  N N   . ARG C 1 26 ? -15.272 15.589  23.759  1.00 27.11  ? 26 ARG C N   1 
ATOM   951  C CA  . ARG C 1 26 ? -16.597 15.951  24.237  1.00 35.28  ? 26 ARG C CA  1 
ATOM   952  C C   . ARG C 1 26 ? -16.571 17.065  25.288  1.00 34.34  ? 26 ARG C C   1 
ATOM   953  O O   . ARG C 1 26 ? -17.529 17.844  25.338  1.00 46.40  ? 26 ARG C O   1 
ATOM   954  C CB  . ARG C 1 26 ? -17.307 14.721  24.827  1.00 42.61  ? 26 ARG C CB  1 
ATOM   955  C CG  . ARG C 1 26 ? -18.753 14.592  24.364  1.00 46.60  ? 26 ARG C CG  1 
ATOM   956  C CD  . ARG C 1 26 ? -19.209 13.145  24.338  1.00 53.69  ? 26 ARG C CD  1 
ATOM   957  N NE  . ARG C 1 26 ? -19.836 12.793  23.060  1.00 60.82  ? 26 ARG C NE  1 
ATOM   958  C CZ  . ARG C 1 26 ? -19.739 11.612  22.486  1.00 66.60  ? 26 ARG C CZ  1 
ATOM   959  N NH1 . ARG C 1 26 ? -19.026 10.616  23.054  1.00 71.43  ? 26 ARG C NH1 1 
ATOM   960  N NH2 . ARG C 1 26 ? -20.335 11.389  21.319  1.00 76.06  ? 26 ARG C NH2 1 
ATOM   961  N N   . ASP C 1 27 ? -15.523 17.135  26.098  1.00 25.98  ? 27 ASP C N   1 
ATOM   962  C CA  . ASP C 1 27 ? -15.337 18.125  27.140  1.00 13.50  ? 27 ASP C CA  1 
ATOM   963  C C   . ASP C 1 27 ? -14.346 19.224  26.785  1.00 16.89  ? 27 ASP C C   1 
ATOM   964  O O   . ASP C 1 27 ? -14.335 20.275  27.430  1.00 2.51   ? 27 ASP C O   1 
ATOM   965  C CB  . ASP C 1 27 ? -14.847 17.429  28.421  1.00 8.59   ? 27 ASP C CB  1 
ATOM   966  C CG  . ASP C 1 27 ? -15.998 16.685  29.079  1.00 0.00   ? 27 ASP C CG  1 
ATOM   967  O OD1 . ASP C 1 27 ? -16.979 17.365  29.433  1.00 4.80   ? 27 ASP C OD1 1 
ATOM   968  O OD2 . ASP C 1 27 ? -15.894 15.444  29.220  1.00 8.29   ? 27 ASP C OD2 1 
ATOM   969  N N   . ILE C 1 28 ? -13.512 19.008  25.776  1.00 23.31  ? 28 ILE C N   1 
ATOM   970  C CA  . ILE C 1 28 ? -12.500 20.001  25.413  1.00 14.65  ? 28 ILE C CA  1 
ATOM   971  C C   . ILE C 1 28 ? -13.102 21.211  24.715  1.00 15.73  ? 28 ILE C C   1 
ATOM   972  O O   . ILE C 1 28 ? -14.280 21.246  24.335  1.00 23.81  ? 28 ILE C O   1 
ATOM   973  C CB  . ILE C 1 28 ? -11.422 19.346  24.527  1.00 24.21  ? 28 ILE C CB  1 
ATOM   974  C CG1 . ILE C 1 28 ? -10.256 20.269  24.203  1.00 32.10  ? 28 ILE C CG1 1 
ATOM   975  C CG2 . ILE C 1 28 ? -12.060 18.791  23.261  1.00 27.49  ? 28 ILE C CG2 1 
ATOM   976  C CD1 . ILE C 1 28 ? -8.960  19.612  23.797  1.00 44.67  ? 28 ILE C CD1 1 
ATOM   977  N N   . SER C 1 29 ? -12.313 22.266  24.522  1.00 22.92  ? 29 SER C N   1 
ATOM   978  C CA  . SER C 1 29 ? -12.828 23.562  24.120  1.00 33.64  ? 29 SER C CA  1 
ATOM   979  C C   . SER C 1 29 ? -13.006 23.780  22.620  1.00 38.24  ? 29 SER C C   1 
ATOM   980  O O   . SER C 1 29 ? -12.768 22.912  21.785  1.00 28.06  ? 29 SER C O   1 
ATOM   981  C CB  . SER C 1 29 ? -11.880 24.672  24.621  1.00 30.81  ? 29 SER C CB  1 
ATOM   982  O OG  . SER C 1 29 ? -11.071 25.070  23.510  1.00 1.13   ? 29 SER C OG  1 
ATOM   983  N N   . ARG C 1 30 ? -13.424 25.010  22.334  1.00 35.12  ? 30 ARG C N   1 
ATOM   984  C CA  . ARG C 1 30 ? -13.614 25.549  20.999  1.00 23.05  ? 30 ARG C CA  1 
ATOM   985  C C   . ARG C 1 30 ? -12.266 25.797  20.322  1.00 22.69  ? 30 ARG C C   1 
ATOM   986  O O   . ARG C 1 30 ? -12.156 25.749  19.094  1.00 44.83  ? 30 ARG C O   1 
ATOM   987  C CB  . ARG C 1 30 ? -14.392 26.861  21.058  1.00 13.26  ? 30 ARG C CB  1 
ATOM   988  C CG  . ARG C 1 30 ? -15.891 26.734  20.868  1.00 0.95   ? 30 ARG C CG  1 
ATOM   989  C CD  . ARG C 1 30 ? -16.354 27.581  19.682  1.00 0.00   ? 30 ARG C CD  1 
ATOM   990  N NE  . ARG C 1 30 ? -17.806 27.547  19.577  1.00 0.00   ? 30 ARG C NE  1 
ATOM   991  C CZ  . ARG C 1 30 ? -18.637 28.569  19.646  1.00 0.00   ? 30 ARG C CZ  1 
ATOM   992  N NH1 . ARG C 1 30 ? -18.207 29.810  19.827  1.00 0.00   ? 30 ARG C NH1 1 
ATOM   993  N NH2 . ARG C 1 30 ? -19.935 28.318  19.532  1.00 10.68  ? 30 ARG C NH2 1 
ATOM   994  N N   . GLU C 1 31 ? -11.256 26.061  21.144  1.00 11.44  ? 31 GLU C N   1 
ATOM   995  C CA  . GLU C 1 31 ? -9.911  26.323  20.672  1.00 14.68  ? 31 GLU C CA  1 
ATOM   996  C C   . GLU C 1 31 ? -8.982  25.122  20.862  1.00 9.29   ? 31 GLU C C   1 
ATOM   997  O O   . GLU C 1 31 ? -8.080  24.913  20.052  1.00 6.82   ? 31 GLU C O   1 
ATOM   998  C CB  . GLU C 1 31 ? -9.307  27.529  21.408  1.00 11.79  ? 31 GLU C CB  1 
ATOM   999  C CG  . GLU C 1 31 ? -9.189  28.760  20.515  1.00 14.19  ? 31 GLU C CG  1 
ATOM   1000 C CD  . GLU C 1 31 ? -9.715  30.006  21.198  1.00 13.50  ? 31 GLU C CD  1 
ATOM   1001 O OE1 . GLU C 1 31 ? -10.770 29.895  21.858  1.00 10.89  ? 31 GLU C OE1 1 
ATOM   1002 O OE2 . GLU C 1 31 ? -9.061  31.067  21.076  1.00 16.32  ? 31 GLU C OE2 1 
ATOM   1003 N N   . ASP C 1 32 ? -9.253  24.414  21.939  1.00 4.42   ? 32 ASP C N   1 
ATOM   1004 C CA  . ASP C 1 32 ? -8.533  23.324  22.554  1.00 6.79   ? 32 ASP C CA  1 
ATOM   1005 C C   . ASP C 1 32 ? -8.740  21.995  21.852  1.00 12.66  ? 32 ASP C C   1 
ATOM   1006 O O   . ASP C 1 32 ? -7.890  21.101  21.920  1.00 17.51  ? 32 ASP C O   1 
ATOM   1007 C CB  . ASP C 1 32 ? -8.983  23.242  24.024  1.00 8.78   ? 32 ASP C CB  1 
ATOM   1008 C CG  . ASP C 1 32 ? -8.048  24.035  24.922  1.00 11.67  ? 32 ASP C CG  1 
ATOM   1009 O OD1 . ASP C 1 32 ? -6.936  24.315  24.430  1.00 3.84   ? 32 ASP C OD1 1 
ATOM   1010 O OD2 . ASP C 1 32 ? -8.431  24.338  26.071  1.00 2.14   ? 32 ASP C OD2 1 
ATOM   1011 N N   . LEU C 1 33 ? -9.868  21.808  21.161  1.00 11.63  ? 33 LEU C N   1 
ATOM   1012 C CA  . LEU C 1 33 ? -9.944  20.619  20.312  1.00 19.81  ? 33 LEU C CA  1 
ATOM   1013 C C   . LEU C 1 33 ? -9.280  20.964  18.968  1.00 25.89  ? 33 LEU C C   1 
ATOM   1014 O O   . LEU C 1 33 ? -8.948  20.081  18.188  1.00 8.55   ? 33 LEU C O   1 
ATOM   1015 C CB  . LEU C 1 33 ? -11.361 20.125  20.077  1.00 14.87  ? 33 LEU C CB  1 
ATOM   1016 C CG  . LEU C 1 33 ? -11.908 18.991  20.934  1.00 32.65  ? 33 LEU C CG  1 
ATOM   1017 C CD1 . LEU C 1 33 ? -13.408 18.806  20.682  1.00 45.17  ? 33 LEU C CD1 1 
ATOM   1018 C CD2 . LEU C 1 33 ? -11.165 17.680  20.675  1.00 34.14  ? 33 LEU C CD2 1 
ATOM   1019 N N   . GLU C 1 34 ? -9.115  22.265  18.751  1.00 31.22  ? 34 GLU C N   1 
ATOM   1020 C CA  . GLU C 1 34 ? -8.537  22.801  17.527  1.00 38.50  ? 34 GLU C CA  1 
ATOM   1021 C C   . GLU C 1 34 ? -7.035  22.564  17.434  1.00 50.14  ? 34 GLU C C   1 
ATOM   1022 O O   . GLU C 1 34 ? -6.523  22.008  16.445  1.00 68.73  ? 34 GLU C O   1 
ATOM   1023 C CB  . GLU C 1 34 ? -8.826  24.301  17.428  1.00 32.56  ? 34 GLU C CB  1 
ATOM   1024 C CG  . GLU C 1 34 ? -10.303 24.623  17.378  1.00 30.08  ? 34 GLU C CG  1 
ATOM   1025 C CD  . GLU C 1 34 ? -10.570 25.847  16.508  1.00 25.30  ? 34 GLU C CD  1 
ATOM   1026 O OE1 . GLU C 1 34 ? -9.822  26.840  16.677  1.00 3.27   ? 34 GLU C OE1 1 
ATOM   1027 O OE2 . GLU C 1 34 ? -11.492 25.807  15.670  1.00 26.65  ? 34 GLU C OE2 1 
ATOM   1028 N N   . ASP C 1 35 ? -6.242  22.960  18.436  1.00 49.28  ? 35 ASP C N   1 
ATOM   1029 C CA  . ASP C 1 35 ? -4.803  22.708  18.294  1.00 42.69  ? 35 ASP C CA  1 
ATOM   1030 C C   . ASP C 1 35 ? -4.454  21.271  18.678  1.00 36.72  ? 35 ASP C C   1 
ATOM   1031 O O   . ASP C 1 35 ? -3.275  20.955  18.875  1.00 36.26  ? 35 ASP C O   1 
ATOM   1032 C CB  . ASP C 1 35 ? -3.987  23.716  19.104  1.00 42.58  ? 35 ASP C CB  1 
ATOM   1033 C CG  . ASP C 1 35 ? -3.962  25.092  18.460  1.00 39.48  ? 35 ASP C CG  1 
ATOM   1034 O OD1 . ASP C 1 35 ? -4.987  25.473  17.856  1.00 53.89  ? 35 ASP C OD1 1 
ATOM   1035 O OD2 . ASP C 1 35 ? -2.938  25.803  18.545  1.00 4.53   ? 35 ASP C OD2 1 
ATOM   1036 N N   . LEU C 1 36 ? -5.453  20.405  18.760  1.00 25.85  ? 36 LEU C N   1 
ATOM   1037 C CA  . LEU C 1 36 ? -5.298  18.974  18.965  1.00 19.55  ? 36 LEU C CA  1 
ATOM   1038 C C   . LEU C 1 36 ? -5.296  18.240  17.635  1.00 19.11  ? 36 LEU C C   1 
ATOM   1039 O O   . LEU C 1 36 ? -4.503  17.323  17.414  1.00 35.52  ? 36 LEU C O   1 
ATOM   1040 C CB  . LEU C 1 36 ? -6.406  18.428  19.877  1.00 15.71  ? 36 LEU C CB  1 
ATOM   1041 C CG  . LEU C 1 36 ? -6.170  18.697  21.369  1.00 1.80   ? 36 LEU C CG  1 
ATOM   1042 C CD1 . LEU C 1 36 ? -6.846  17.629  22.211  1.00 13.59  ? 36 LEU C CD1 1 
ATOM   1043 C CD2 . LEU C 1 36 ? -4.679  18.755  21.663  1.00 0.96   ? 36 LEU C CD2 1 
ATOM   1044 N N   . PHE C 1 37 ? -6.176  18.640  16.717  1.00 18.92  ? 37 PHE C N   1 
ATOM   1045 C CA  . PHE C 1 37 ? -6.074  18.056  15.378  1.00 29.77  ? 37 PHE C CA  1 
ATOM   1046 C C   . PHE C 1 37 ? -4.688  18.352  14.803  1.00 34.28  ? 37 PHE C C   1 
ATOM   1047 O O   . PHE C 1 37 ? -4.020  17.463  14.290  1.00 28.43  ? 37 PHE C O   1 
ATOM   1048 C CB  . PHE C 1 37 ? -7.131  18.604  14.427  1.00 36.14  ? 37 PHE C CB  1 
ATOM   1049 C CG  . PHE C 1 37 ? -8.511  18.110  14.843  1.00 43.61  ? 37 PHE C CG  1 
ATOM   1050 C CD1 . PHE C 1 37 ? -8.572  17.106  15.801  1.00 45.99  ? 37 PHE C CD1 1 
ATOM   1051 C CD2 . PHE C 1 37 ? -9.646  18.635  14.298  1.00 48.40  ? 37 PHE C CD2 1 
ATOM   1052 C CE1 . PHE C 1 37 ? -9.802  16.632  16.214  1.00 47.19  ? 37 PHE C CE1 1 
ATOM   1053 C CE2 . PHE C 1 37 ? -10.875 18.158  14.711  1.00 53.70  ? 37 PHE C CE2 1 
ATOM   1054 C CZ  . PHE C 1 37 ? -10.942 17.180  15.675  1.00 49.26  ? 37 PHE C CZ  1 
ATOM   1055 N N   . ILE C 1 38 ? -4.314  19.619  14.944  1.00 30.60  ? 38 ILE C N   1 
ATOM   1056 C CA  . ILE C 1 38 ? -2.986  20.077  14.568  1.00 25.41  ? 38 ILE C CA  1 
ATOM   1057 C C   . ILE C 1 38 ? -1.898  19.183  15.159  1.00 27.43  ? 38 ILE C C   1 
ATOM   1058 O O   . ILE C 1 38 ? -0.878  19.016  14.489  1.00 6.12   ? 38 ILE C O   1 
ATOM   1059 C CB  . ILE C 1 38 ? -2.745  21.530  15.026  1.00 20.67  ? 38 ILE C CB  1 
ATOM   1060 C CG1 . ILE C 1 38 ? -2.103  21.655  16.402  1.00 15.07  ? 38 ILE C CG1 1 
ATOM   1061 C CG2 . ILE C 1 38 ? -4.048  22.308  14.937  1.00 0.00   ? 38 ILE C CG2 1 
ATOM   1062 C CD1 . ILE C 1 38 ? -0.940  22.614  16.500  1.00 0.00   ? 38 ILE C CD1 1 
ATOM   1063 N N   . GLU C 1 39 ? -2.146  18.659  16.350  1.00 32.98  ? 39 GLU C N   1 
ATOM   1064 C CA  . GLU C 1 39 ? -1.310  17.729  17.081  1.00 39.77  ? 39 GLU C CA  1 
ATOM   1065 C C   . GLU C 1 39 ? -1.218  16.397  16.324  1.00 43.03  ? 39 GLU C C   1 
ATOM   1066 O O   . GLU C 1 39 ? -0.244  16.142  15.617  1.00 48.85  ? 39 GLU C O   1 
ATOM   1067 C CB  . GLU C 1 39 ? -1.846  17.464  18.494  1.00 35.09  ? 39 GLU C CB  1 
ATOM   1068 C CG  . GLU C 1 39 ? -1.596  18.548  19.526  1.00 26.75  ? 39 GLU C CG  1 
ATOM   1069 C CD  . GLU C 1 39 ? -0.373  18.307  20.386  1.00 22.08  ? 39 GLU C CD  1 
ATOM   1070 O OE1 . GLU C 1 39 ? -0.315  17.305  21.133  1.00 7.75   ? 39 GLU C OE1 1 
ATOM   1071 O OE2 . GLU C 1 39 ? 0.560   19.142  20.330  1.00 24.49  ? 39 GLU C OE2 1 
ATOM   1072 N N   . VAL C 1 40 ? -2.241  15.564  16.493  1.00 39.90  ? 40 VAL C N   1 
ATOM   1073 C CA  . VAL C 1 40 ? -2.258  14.250  15.844  1.00 38.19  ? 40 VAL C CA  1 
ATOM   1074 C C   . VAL C 1 40 ? -2.214  14.350  14.329  1.00 36.46  ? 40 VAL C C   1 
ATOM   1075 O O   . VAL C 1 40 ? -1.964  13.357  13.630  1.00 9.92   ? 40 VAL C O   1 
ATOM   1076 C CB  . VAL C 1 40 ? -3.482  13.390  16.230  1.00 34.38  ? 40 VAL C CB  1 
ATOM   1077 C CG1 . VAL C 1 40 ? -3.279  11.976  15.683  1.00 41.04  ? 40 VAL C CG1 1 
ATOM   1078 C CG2 . VAL C 1 40 ? -3.690  13.361  17.737  1.00 28.99  ? 40 VAL C CG2 1 
ATOM   1079 N N   . VAL C 1 41 ? -2.439  15.529  13.727  1.00 44.16  ? 41 VAL C N   1 
ATOM   1080 C CA  . VAL C 1 41 ? -2.198  15.478  12.281  1.00 49.43  ? 41 VAL C CA  1 
ATOM   1081 C C   . VAL C 1 41 ? -0.691  15.297  12.074  1.00 47.91  ? 41 VAL C C   1 
ATOM   1082 O O   . VAL C 1 41 ? -0.258  14.643  11.127  1.00 54.56  ? 41 VAL C O   1 
ATOM   1083 C CB  . VAL C 1 41 ? -2.707  16.677  11.486  1.00 54.66  ? 41 VAL C CB  1 
ATOM   1084 C CG1 . VAL C 1 41 ? -2.288  16.523  10.032  1.00 64.96  ? 41 VAL C CG1 1 
ATOM   1085 C CG2 . VAL C 1 41 ? -4.218  16.821  11.580  1.00 61.81  ? 41 VAL C CG2 1 
ATOM   1086 N N   . ARG C 1 42 ? 0.098   15.946  12.912  1.00 39.80  ? 42 ARG C N   1 
ATOM   1087 C CA  . ARG C 1 42 ? 1.471   15.607  12.945  1.00 39.97  ? 42 ARG C CA  1 
ATOM   1088 C C   . ARG C 1 42 ? 1.733   14.126  13.211  1.00 31.64  ? 42 ARG C C   1 
ATOM   1089 O O   . ARG C 1 42 ? 2.750   13.592  12.748  1.00 38.63  ? 42 ARG C O   1 
ATOM   1090 C CB  . ARG C 1 42 ? 2.396   16.587  13.751  1.00 45.63  ? 42 ARG C CB  1 
ATOM   1091 C CG  . ARG C 1 42 ? 2.668   18.065  13.287  1.00 42.66  ? 42 ARG C CG  1 
ATOM   1092 C CD  . ARG C 1 42 ? 3.586   18.865  14.200  1.00 38.47  ? 42 ARG C CD  1 
ATOM   1093 N NE  . ARG C 1 42 ? 3.805   20.184  13.695  1.00 34.89  ? 42 ARG C NE  1 
ATOM   1094 C CZ  . ARG C 1 42 ? 3.053   21.234  13.909  1.00 30.23  ? 42 ARG C CZ  1 
ATOM   1095 N NH1 . ARG C 1 42 ? 1.988   21.154  14.625  1.00 22.15  ? 42 ARG C NH1 1 
ATOM   1096 N NH2 . ARG C 1 42 ? 3.390   22.374  13.361  1.00 29.17  ? 42 ARG C NH2 1 
ATOM   1097 N N   . GLN C 1 43 ? 0.811   13.444  13.880  1.00 15.62  ? 43 GLN C N   1 
ATOM   1098 C CA  . GLN C 1 43 ? 0.906   11.999  13.999  1.00 12.68  ? 43 GLN C CA  1 
ATOM   1099 C C   . GLN C 1 43 ? 0.103   11.285  12.915  1.00 20.27  ? 43 GLN C C   1 
ATOM   1100 O O   . GLN C 1 43 ? -0.404  10.186  13.159  1.00 28.89  ? 43 GLN C O   1 
ATOM   1101 C CB  . GLN C 1 43 ? 0.395   11.527  15.358  1.00 5.52   ? 43 GLN C CB  1 
ATOM   1102 C CG  . GLN C 1 43 ? 1.409   11.592  16.485  1.00 0.23   ? 43 GLN C CG  1 
ATOM   1103 C CD  . GLN C 1 43 ? 0.937   12.537  17.578  1.00 1.76   ? 43 GLN C CD  1 
ATOM   1104 O OE1 . GLN C 1 43 ? 0.043   12.199  18.351  1.00 6.60   ? 43 GLN C OE1 1 
ATOM   1105 N NE2 . GLN C 1 43 ? 1.538   13.714  17.633  1.00 1.36   ? 43 GLN C NE2 1 
ATOM   1106 N N   . LYS C 1 44 ? -0.037  11.897  11.743  1.00 18.04  ? 44 LYS C N   1 
ATOM   1107 C CA  . LYS C 1 44 ? -0.906  11.303  10.723  1.00 31.56  ? 44 LYS C CA  1 
ATOM   1108 C C   . LYS C 1 44 ? -0.144  10.969  9.447   1.00 37.97  ? 44 LYS C C   1 
ATOM   1109 O O   . LYS C 1 44 ? -0.332  9.896   8.874   1.00 9.32   ? 44 LYS C O   1 
ATOM   1110 C CB  . LYS C 1 44 ? -2.067  12.254  10.417  1.00 34.63  ? 44 LYS C CB  1 
ATOM   1111 C CG  . LYS C 1 44 ? -3.076  11.729  9.410   1.00 29.69  ? 44 LYS C CG  1 
ATOM   1112 C CD  . LYS C 1 44 ? -4.396  12.475  9.559   1.00 26.42  ? 44 LYS C CD  1 
ATOM   1113 C CE  . LYS C 1 44 ? -4.169  13.827  10.218  1.00 25.12  ? 44 LYS C CE  1 
ATOM   1114 N NZ  . LYS C 1 44 ? -4.627  13.851  11.631  1.00 8.55   ? 44 LYS C NZ  1 
ATOM   1115 N N   . MET C 1 45 ? 0.700   11.900  9.016   1.00 47.25  ? 45 MET C N   1 
ATOM   1116 C CA  . MET C 1 45 ? 1.570   11.716  7.862   1.00 51.35  ? 45 MET C CA  1 
ATOM   1117 C C   . MET C 1 45 ? 2.963   11.296  8.338   1.00 55.90  ? 45 MET C C   1 
ATOM   1118 O O   . MET C 1 45 ? 3.810   10.835  7.569   1.00 59.58  ? 45 MET C O   1 
ATOM   1119 C CB  . MET C 1 45 ? 1.649   12.987  7.024   1.00 53.18  ? 45 MET C CB  1 
ATOM   1120 C CG  . MET C 1 45 ? 0.293   13.554  6.630   1.00 54.96  ? 45 MET C CG  1 
ATOM   1121 S SD  . MET C 1 45 ? 0.063   13.628  4.839   1.00 56.13  ? 45 MET C SD  1 
ATOM   1122 C CE  . MET C 1 45 ? 1.748   13.406  4.262   1.00 3.04   ? 45 MET C CE  1 
ATOM   1123 N N   . ALA C 1 46 ? 3.164   11.479  9.647   1.00 55.49  ? 46 ALA C N   1 
ATOM   1124 C CA  . ALA C 1 46 ? 4.400   11.034  10.287  1.00 55.16  ? 46 ALA C CA  1 
ATOM   1125 C C   . ALA C 1 46 ? 4.474   9.514   10.206  1.00 50.67  ? 46 ALA C C   1 
ATOM   1126 O O   . ALA C 1 46 ? 5.469   8.923   9.780   1.00 47.48  ? 46 ALA C O   1 
ATOM   1127 C CB  . ALA C 1 46 ? 4.467   11.520  11.722  1.00 65.07  ? 46 ALA C CB  1 
ATOM   1128 N N   . HIS C 1 47 ? 3.372   8.878   10.617  1.00 44.64  ? 47 HIS C N   1 
ATOM   1129 C CA  . HIS C 1 47 ? 3.248   7.436   10.455  1.00 37.10  ? 47 HIS C CA  1 
ATOM   1130 C C   . HIS C 1 47 ? 3.436   7.071   8.986   1.00 34.56  ? 47 HIS C C   1 
ATOM   1131 O O   . HIS C 1 47 ? 3.906   5.982   8.655   1.00 32.81  ? 47 HIS C O   1 
ATOM   1132 C CB  . HIS C 1 47 ? 1.893   6.945   10.963  1.00 37.21  ? 47 HIS C CB  1 
ATOM   1133 C CG  . HIS C 1 47 ? 1.690   7.108   12.438  1.00 40.61  ? 47 HIS C CG  1 
ATOM   1134 N ND1 . HIS C 1 47 ? 0.872   8.073   12.985  1.00 38.43  ? 47 HIS C ND1 1 
ATOM   1135 C CD2 . HIS C 1 47 ? 2.205   6.416   13.496  1.00 40.31  ? 47 HIS C CD2 1 
ATOM   1136 C CE1 . HIS C 1 47 ? 0.893   7.985   14.293  1.00 41.02  ? 47 HIS C CE1 1 
ATOM   1137 N NE2 . HIS C 1 47 ? 1.692   6.979   14.635  1.00 40.55  ? 47 HIS C NE2 1 
ATOM   1138 N N   . GLU C 1 48 ? 3.065   7.998   8.104   1.00 29.30  ? 48 GLU C N   1 
ATOM   1139 C CA  . GLU C 1 48 ? 3.106   7.746   6.667   1.00 27.81  ? 48 GLU C CA  1 
ATOM   1140 C C   . GLU C 1 48 ? 4.515   7.516   6.144   1.00 23.62  ? 48 GLU C C   1 
ATOM   1141 O O   . GLU C 1 48 ? 4.667   7.012   5.024   1.00 37.98  ? 48 GLU C O   1 
ATOM   1142 C CB  . GLU C 1 48 ? 2.434   8.901   5.914   1.00 31.28  ? 48 GLU C CB  1 
ATOM   1143 C CG  . GLU C 1 48 ? 0.972   8.628   5.591   1.00 30.37  ? 48 GLU C CG  1 
ATOM   1144 C CD  . GLU C 1 48 ? 0.232   9.886   5.164   1.00 30.92  ? 48 GLU C CD  1 
ATOM   1145 O OE1 . GLU C 1 48 ? 0.874   10.761  4.543   1.00 0.00   ? 48 GLU C OE1 1 
ATOM   1146 O OE2 . GLU C 1 48 ? -0.988  9.965   5.460   1.00 6.31   ? 48 GLU C OE2 1 
ATOM   1147 N N   . ASN C 1 49 ? 5.561   7.841   6.899   1.00 23.42  ? 49 ASN C N   1 
ATOM   1148 C CA  . ASN C 1 49 ? 6.900   7.399   6.497   1.00 21.59  ? 49 ASN C CA  1 
ATOM   1149 C C   . ASN C 1 49 ? 7.384   6.365   7.524   1.00 23.73  ? 49 ASN C C   1 
ATOM   1150 O O   . ASN C 1 49 ? 8.571   6.172   7.776   1.00 16.17  ? 49 ASN C O   1 
ATOM   1151 C CB  . ASN C 1 49 ? 7.926   8.509   6.360   1.00 12.06  ? 49 ASN C CB  1 
ATOM   1152 C CG  . ASN C 1 49 ? 7.408   9.921   6.468   1.00 19.57  ? 49 ASN C CG  1 
ATOM   1153 O OD1 . ASN C 1 49 ? 7.163   10.607  5.463   1.00 30.17  ? 49 ASN C OD1 1 
ATOM   1154 N ND2 . ASN C 1 49 ? 7.249   10.370  7.712   1.00 20.21  ? 49 ASN C ND2 1 
ATOM   1155 N N   . ILE C 1 50 ? 6.395   5.703   8.121   1.00 19.90  ? 50 ILE C N   1 
ATOM   1156 C CA  . ILE C 1 50 ? 6.688   4.634   9.068   1.00 29.70  ? 50 ILE C CA  1 
ATOM   1157 C C   . ILE C 1 50 ? 6.519   3.286   8.370   1.00 33.01  ? 50 ILE C C   1 
ATOM   1158 O O   . ILE C 1 50 ? 7.367   2.400   8.466   1.00 60.26  ? 50 ILE C O   1 
ATOM   1159 C CB  . ILE C 1 50 ? 5.772   4.712   10.300  1.00 29.40  ? 50 ILE C CB  1 
ATOM   1160 C CG1 . ILE C 1 50 ? 6.300   5.667   11.380  1.00 32.27  ? 50 ILE C CG1 1 
ATOM   1161 C CG2 . ILE C 1 50 ? 5.524   3.317   10.845  1.00 7.70   ? 50 ILE C CG2 1 
ATOM   1162 C CD1 . ILE C 1 50 ? 7.658   6.247   11.042  1.00 17.52  ? 50 ILE C CD1 1 
ATOM   1163 N N   . PHE C 1 51 ? 5.405   3.168   7.654   1.00 24.56  ? 51 PHE C N   1 
ATOM   1164 C CA  . PHE C 1 51 ? 5.133   2.045   6.780   1.00 24.17  ? 51 PHE C CA  1 
ATOM   1165 C C   . PHE C 1 51 ? 5.999   2.092   5.516   1.00 25.55  ? 51 PHE C C   1 
ATOM   1166 O O   . PHE C 1 51 ? 6.588   1.083   5.149   1.00 12.95  ? 51 PHE C O   1 
ATOM   1167 C CB  . PHE C 1 51 ? 3.653   2.046   6.370   1.00 19.23  ? 51 PHE C CB  1 
ATOM   1168 C CG  . PHE C 1 51 ? 2.723   2.063   7.572   1.00 23.73  ? 51 PHE C CG  1 
ATOM   1169 C CD1 . PHE C 1 51 ? 2.116   0.887   7.986   1.00 20.16  ? 51 PHE C CD1 1 
ATOM   1170 C CD2 . PHE C 1 51 ? 2.480   3.234   8.262   1.00 24.86  ? 51 PHE C CD2 1 
ATOM   1171 C CE1 . PHE C 1 51 ? 1.267   0.892   9.078   1.00 23.32  ? 51 PHE C CE1 1 
ATOM   1172 C CE2 . PHE C 1 51 ? 1.637   3.250   9.356   1.00 25.86  ? 51 PHE C CE2 1 
ATOM   1173 C CZ  . PHE C 1 51 ? 1.030   2.072   9.760   1.00 24.89  ? 51 PHE C CZ  1 
ATOM   1174 N N   . LYS C 1 52 ? 6.033   3.273   4.898   1.00 33.85  ? 52 LYS C N   1 
ATOM   1175 C CA  . LYS C 1 52 ? 6.769   3.588   3.688   1.00 31.23  ? 52 LYS C CA  1 
ATOM   1176 C C   . LYS C 1 52 ? 8.226   3.163   3.798   1.00 40.06  ? 52 LYS C C   1 
ATOM   1177 O O   . LYS C 1 52 ? 8.665   2.210   3.157   1.00 52.95  ? 52 LYS C O   1 
ATOM   1178 C CB  . LYS C 1 52 ? 6.705   5.091   3.400   1.00 25.21  ? 52 LYS C CB  1 
ATOM   1179 C CG  . LYS C 1 52 ? 6.511   5.460   1.942   1.00 8.11   ? 52 LYS C CG  1 
ATOM   1180 C CD  . LYS C 1 52 ? 7.082   6.838   1.649   1.00 7.68   ? 52 LYS C CD  1 
ATOM   1181 C CE  . LYS C 1 52 ? 6.524   7.898   2.581   1.00 0.00   ? 52 LYS C CE  1 
ATOM   1182 N NZ  . LYS C 1 52 ? 6.355   9.196   1.877   1.00 2.82   ? 52 LYS C NZ  1 
ATOM   1183 N N   . GLY C 1 53 ? 8.981   3.885   4.628   1.00 42.26  ? 53 GLY C N   1 
ATOM   1184 C CA  . GLY C 1 53 ? 10.362  3.503   4.879   1.00 43.40  ? 53 GLY C CA  1 
ATOM   1185 C C   . GLY C 1 53 ? 10.417  2.051   5.331   1.00 44.82  ? 53 GLY C C   1 
ATOM   1186 O O   . GLY C 1 53 ? 11.340  1.321   4.985   1.00 59.94  ? 53 GLY C O   1 
ATOM   1187 N N   . MET C 1 54 ? 9.405   1.643   6.096   1.00 41.58  ? 54 MET C N   1 
ATOM   1188 C CA  . MET C 1 54 ? 9.305   0.241   6.478   1.00 32.43  ? 54 MET C CA  1 
ATOM   1189 C C   . MET C 1 54 ? 9.364   -0.628  5.220   1.00 29.45  ? 54 MET C C   1 
ATOM   1190 O O   . MET C 1 54 ? 10.372  -1.315  5.034   1.00 12.66  ? 54 MET C O   1 
ATOM   1191 C CB  . MET C 1 54 ? 8.028   -0.043  7.265   1.00 30.26  ? 54 MET C CB  1 
ATOM   1192 C CG  . MET C 1 54 ? 8.288   -0.647  8.649   1.00 36.86  ? 54 MET C CG  1 
ATOM   1193 S SD  . MET C 1 54 ? 10.039  -0.563  9.128   1.00 35.32  ? 54 MET C SD  1 
ATOM   1194 C CE  . MET C 1 54 ? 9.907   -0.927  10.884  1.00 13.82  ? 54 MET C CE  1 
ATOM   1195 N N   . ILE C 1 55 ? 8.308   -0.567  4.416   1.00 24.24  ? 55 ILE C N   1 
ATOM   1196 C CA  . ILE C 1 55 ? 8.188   -1.375  3.205   1.00 15.96  ? 55 ILE C CA  1 
ATOM   1197 C C   . ILE C 1 55 ? 9.477   -1.266  2.387   1.00 12.29  ? 55 ILE C C   1 
ATOM   1198 O O   . ILE C 1 55 ? 9.942   -2.256  1.834   1.00 25.53  ? 55 ILE C O   1 
ATOM   1199 C CB  . ILE C 1 55 ? 6.990   -1.018  2.312   1.00 9.30   ? 55 ILE C CB  1 
ATOM   1200 C CG1 . ILE C 1 55 ? 6.813   0.466   2.000   1.00 5.14   ? 55 ILE C CG1 1 
ATOM   1201 C CG2 . ILE C 1 55 ? 5.696   -1.584  2.896   1.00 28.90  ? 55 ILE C CG2 1 
ATOM   1202 C CD1 . ILE C 1 55 ? 5.401   1.002   2.194   1.00 4.01   ? 55 ILE C CD1 1 
ATOM   1203 N N   . ARG C 1 56 ? 10.044  -0.058  2.360   1.00 15.80  ? 56 ARG C N   1 
ATOM   1204 C CA  . ARG C 1 56 ? 11.340  0.110   1.708   1.00 17.31  ? 56 ARG C CA  1 
ATOM   1205 C C   . ARG C 1 56 ? 12.303  -0.946  2.246   1.00 14.19  ? 56 ARG C C   1 
ATOM   1206 O O   . ARG C 1 56 ? 12.933  -1.678  1.480   1.00 19.88  ? 56 ARG C O   1 
ATOM   1207 C CB  . ARG C 1 56 ? 11.860  1.538   1.908   1.00 17.88  ? 56 ARG C CB  1 
ATOM   1208 C CG  . ARG C 1 56 ? 10.845  2.565   1.445   1.00 17.56  ? 56 ARG C CG  1 
ATOM   1209 C CD  . ARG C 1 56 ? 11.253  4.021   1.563   1.00 4.36   ? 56 ARG C CD  1 
ATOM   1210 N NE  . ARG C 1 56 ? 10.504  4.821   0.588   1.00 11.86  ? 56 ARG C NE  1 
ATOM   1211 C CZ  . ARG C 1 56 ? 10.815  6.022   0.126   1.00 1.25   ? 56 ARG C CZ  1 
ATOM   1212 N NH1 . ARG C 1 56 ? 11.907  6.656   0.536   1.00 0.00   ? 56 ARG C NH1 1 
ATOM   1213 N NH2 . ARG C 1 56 ? 10.019  6.605   -0.761  1.00 0.00   ? 56 ARG C NH2 1 
ATOM   1214 N N   . GLN C 1 57 ? 12.363  -1.035  3.566   1.00 14.71  ? 57 GLN C N   1 
ATOM   1215 C CA  . GLN C 1 57 ? 13.271  -1.923  4.272   1.00 15.29  ? 57 GLN C CA  1 
ATOM   1216 C C   . GLN C 1 57 ? 12.807  -3.371  4.262   1.00 22.29  ? 57 GLN C C   1 
ATOM   1217 O O   . GLN C 1 57 ? 13.450  -4.239  4.860   1.00 6.96   ? 57 GLN C O   1 
ATOM   1218 C CB  . GLN C 1 57 ? 13.455  -1.427  5.715   1.00 13.92  ? 57 GLN C CB  1 
ATOM   1219 C CG  . GLN C 1 57 ? 14.326  -0.173  5.784   1.00 13.08  ? 57 GLN C CG  1 
ATOM   1220 C CD  . GLN C 1 57 ? 14.527  0.270   7.221   1.00 6.86   ? 57 GLN C CD  1 
ATOM   1221 O OE1 . GLN C 1 57 ? 14.247  -0.503  8.137   1.00 3.01   ? 57 GLN C OE1 1 
ATOM   1222 N NE2 . GLN C 1 57 ? 15.007  1.490   7.413   1.00 5.78   ? 57 GLN C NE2 1 
ATOM   1223 N N   . GLY C 1 58 ? 11.701  -3.664  3.586   1.00 29.74  ? 58 GLY C N   1 
ATOM   1224 C CA  . GLY C 1 58 ? 11.263  -5.050  3.438   1.00 34.77  ? 58 GLY C CA  1 
ATOM   1225 C C   . GLY C 1 58 ? 11.453  -5.466  1.980   1.00 37.98  ? 58 GLY C C   1 
ATOM   1226 O O   . GLY C 1 58 ? 11.021  -6.547  1.574   1.00 33.93  ? 58 GLY C O   1 
ATOM   1227 N N   . SER C 1 59 ? 12.100  -4.605  1.200   1.00 33.92  ? 59 SER C N   1 
ATOM   1228 C CA  . SER C 1 59 ? 12.273  -4.844  -0.227  1.00 32.24  ? 59 SER C CA  1 
ATOM   1229 C C   . SER C 1 59 ? 13.745  -4.792  -0.619  1.00 30.59  ? 59 SER C C   1 
ATOM   1230 O O   . SER C 1 59 ? 14.102  -4.228  -1.654  1.00 21.95  ? 59 SER C O   1 
ATOM   1231 C CB  . SER C 1 59 ? 11.475  -3.826  -1.042  1.00 31.73  ? 59 SER C CB  1 
ATOM   1232 O OG  . SER C 1 59 ? 12.115  -2.561  -1.046  1.00 2.28   ? 59 SER C OG  1 
ATOM   1233 O OXT . SER C 1 59 ? 14.606  -5.312  0.090   1.00 11.74  ? 59 SER C OXT 1 
ATOM   1234 N N   . VAL D 1 12 ? 9.301   19.163  4.872   1.00 67.06  ? 12 VAL D N   1 
ATOM   1235 C CA  . VAL D 1 12 ? 8.703   19.935  3.784   1.00 54.24  ? 12 VAL D CA  1 
ATOM   1236 C C   . VAL D 1 12 ? 7.204   19.654  3.651   1.00 51.54  ? 12 VAL D C   1 
ATOM   1237 O O   . VAL D 1 12 ? 6.402   20.255  4.371   1.00 57.57  ? 12 VAL D O   1 
ATOM   1238 C CB  . VAL D 1 12 ? 9.392   19.636  2.435   1.00 51.85  ? 12 VAL D CB  1 
ATOM   1239 C CG1 . VAL D 1 12 ? 9.155   20.805  1.500   1.00 46.16  ? 12 VAL D CG1 1 
ATOM   1240 C CG2 . VAL D 1 12 ? 10.888  19.401  2.635   1.00 37.83  ? 12 VAL D CG2 1 
ATOM   1241 N N   . GLU D 1 13 ? 6.853   18.760  2.740   1.00 46.69  ? 13 GLU D N   1 
ATOM   1242 C CA  . GLU D 1 13 ? 5.490   18.377  2.410   1.00 47.02  ? 13 GLU D CA  1 
ATOM   1243 C C   . GLU D 1 13 ? 4.584   18.260  3.635   1.00 46.51  ? 13 GLU D C   1 
ATOM   1244 O O   . GLU D 1 13 ? 3.707   19.108  3.829   1.00 20.30  ? 13 GLU D O   1 
ATOM   1245 C CB  . GLU D 1 13 ? 5.484   17.025  1.678   1.00 47.17  ? 13 GLU D CB  1 
ATOM   1246 C CG  . GLU D 1 13 ? 6.189   17.016  0.329   1.00 40.77  ? 13 GLU D CG  1 
ATOM   1247 C CD  . GLU D 1 13 ? 5.798   15.797  -0.492  1.00 34.11  ? 13 GLU D CD  1 
ATOM   1248 O OE1 . GLU D 1 13 ? 4.956   14.992  -0.006  1.00 40.76  ? 13 GLU D OE1 1 
ATOM   1249 O OE2 . GLU D 1 13 ? 6.327   15.640  -1.614  1.00 8.55   ? 13 GLU D OE2 1 
ATOM   1250 N N   . GLN D 1 14 ? 4.822   17.211  4.413   1.00 49.99  ? 14 GLN D N   1 
ATOM   1251 C CA  . GLN D 1 14 ? 4.078   16.906  5.633   1.00 46.24  ? 14 GLN D CA  1 
ATOM   1252 C C   . GLN D 1 14 ? 3.876   18.170  6.459   1.00 36.20  ? 14 GLN D C   1 
ATOM   1253 O O   . GLN D 1 14 ? 2.732   18.574  6.667   1.00 44.77  ? 14 GLN D O   1 
ATOM   1254 C CB  . GLN D 1 14 ? 4.791   15.829  6.454   1.00 45.17  ? 14 GLN D CB  1 
ATOM   1255 C CG  . GLN D 1 14 ? 4.822   14.477  5.750   1.00 44.82  ? 14 GLN D CG  1 
ATOM   1256 C CD  . GLN D 1 14 ? 5.429   13.369  6.592   1.00 41.13  ? 14 GLN D CD  1 
ATOM   1257 O OE1 . GLN D 1 14 ? 6.008   13.597  7.651   1.00 22.82  ? 14 GLN D OE1 1 
ATOM   1258 N NE2 . GLN D 1 14 ? 5.294   12.129  6.123   1.00 59.36  ? 14 GLN D NE2 1 
ATOM   1259 N N   . GLN D 1 15 ? 4.980   18.771  6.882   1.00 28.52  ? 15 GLN D N   1 
ATOM   1260 C CA  . GLN D 1 15 ? 4.957   20.056  7.554   1.00 35.96  ? 15 GLN D CA  1 
ATOM   1261 C C   . GLN D 1 15 ? 3.978   21.000  6.859   1.00 41.82  ? 15 GLN D C   1 
ATOM   1262 O O   . GLN D 1 15 ? 2.997   21.436  7.462   1.00 47.25  ? 15 GLN D O   1 
ATOM   1263 C CB  . GLN D 1 15 ? 6.342   20.712  7.594   1.00 36.43  ? 15 GLN D CB  1 
ATOM   1264 C CG  . GLN D 1 15 ? 7.424   19.936  8.393   1.00 35.98  ? 15 GLN D CG  1 
ATOM   1265 C CD  . GLN D 1 15 ? 8.809   20.492  8.079   1.00 38.76  ? 15 GLN D CD  1 
ATOM   1266 O OE1 . GLN D 1 15 ? 9.143   20.722  6.891   1.00 46.58  ? 15 GLN D OE1 1 
ATOM   1267 N NE2 . GLN D 1 15 ? 9.613   20.700  9.124   1.00 27.97  ? 15 GLN D NE2 1 
ATOM   1268 N N   . PHE D 1 16 ? 4.260   21.283  5.599   1.00 46.98  ? 16 PHE D N   1 
ATOM   1269 C CA  . PHE D 1 16 ? 3.396   22.123  4.766   1.00 48.93  ? 16 PHE D CA  1 
ATOM   1270 C C   . PHE D 1 16 ? 1.949   21.681  4.926   1.00 56.04  ? 16 PHE D C   1 
ATOM   1271 O O   . PHE D 1 16 ? 1.030   22.502  4.994   1.00 59.36  ? 16 PHE D O   1 
ATOM   1272 C CB  . PHE D 1 16 ? 3.810   22.063  3.300   1.00 43.49  ? 16 PHE D CB  1 
ATOM   1273 C CG  . PHE D 1 16 ? 4.997   22.922  2.921   1.00 43.04  ? 16 PHE D CG  1 
ATOM   1274 C CD1 . PHE D 1 16 ? 5.869   22.518  1.910   1.00 43.36  ? 16 PHE D CD1 1 
ATOM   1275 C CD2 . PHE D 1 16 ? 5.266   24.128  3.591   1.00 41.66  ? 16 PHE D CD2 1 
ATOM   1276 C CE1 . PHE D 1 16 ? 6.959   23.282  1.549   1.00 41.38  ? 16 PHE D CE1 1 
ATOM   1277 C CE2 . PHE D 1 16 ? 6.360   24.903  3.241   1.00 40.99  ? 16 PHE D CE2 1 
ATOM   1278 C CZ  . PHE D 1 16 ? 7.205   24.482  2.212   1.00 41.20  ? 16 PHE D CZ  1 
ATOM   1279 N N   . ASP D 1 17 ? 1.759   20.353  4.997   1.00 60.17  ? 17 ASP D N   1 
ATOM   1280 C CA  . ASP D 1 17 ? 0.419   19.801  5.155   1.00 56.33  ? 17 ASP D CA  1 
ATOM   1281 C C   . ASP D 1 17 ? -0.193  20.277  6.470   1.00 46.43  ? 17 ASP D C   1 
ATOM   1282 O O   . ASP D 1 17 ? -1.311  20.793  6.480   1.00 49.35  ? 17 ASP D O   1 
ATOM   1283 C CB  . ASP D 1 17 ? 0.461   18.269  5.091   1.00 59.38  ? 17 ASP D CB  1 
ATOM   1284 C CG  . ASP D 1 17 ? 0.696   17.799  3.649   1.00 67.89  ? 17 ASP D CG  1 
ATOM   1285 O OD1 . ASP D 1 17 ? 1.594   18.364  2.982   1.00 71.74  ? 17 ASP D OD1 1 
ATOM   1286 O OD2 . ASP D 1 17 ? -0.049  16.895  3.196   1.00 88.66  ? 17 ASP D OD2 1 
ATOM   1287 N N   . LEU D 1 18 ? 0.584   20.107  7.541   1.00 34.80  ? 18 LEU D N   1 
ATOM   1288 C CA  . LEU D 1 18 ? 0.168   20.450  8.891   1.00 29.90  ? 18 LEU D CA  1 
ATOM   1289 C C   . LEU D 1 18 ? -0.343  21.877  8.999   1.00 27.54  ? 18 LEU D C   1 
ATOM   1290 O O   . LEU D 1 18 ? -1.313  22.148  9.707   1.00 16.62  ? 18 LEU D O   1 
ATOM   1291 C CB  . LEU D 1 18 ? 1.351   20.218  9.844   1.00 35.85  ? 18 LEU D CB  1 
ATOM   1292 C CG  . LEU D 1 18 ? 1.649   18.741  10.093  1.00 38.27  ? 18 LEU D CG  1 
ATOM   1293 C CD1 . LEU D 1 18 ? 2.976   18.564  10.816  1.00 34.22  ? 18 LEU D CD1 1 
ATOM   1294 C CD2 . LEU D 1 18 ? 0.487   18.097  10.849  1.00 35.46  ? 18 LEU D CD2 1 
ATOM   1295 N N   . GLN D 1 19 ? 0.288   22.825  8.305   1.00 33.84  ? 19 GLN D N   1 
ATOM   1296 C CA  . GLN D 1 19 ? -0.245  24.189  8.354   1.00 43.99  ? 19 GLN D CA  1 
ATOM   1297 C C   . GLN D 1 19 ? -1.702  24.175  7.861   1.00 50.72  ? 19 GLN D C   1 
ATOM   1298 O O   . GLN D 1 19 ? -2.583  24.720  8.518   1.00 51.12  ? 19 GLN D O   1 
ATOM   1299 C CB  . GLN D 1 19 ? 0.625   25.148  7.549   1.00 39.90  ? 19 GLN D CB  1 
ATOM   1300 C CG  . GLN D 1 19 ? 1.989   25.420  8.175   1.00 41.13  ? 19 GLN D CG  1 
ATOM   1301 C CD  . GLN D 1 19 ? 3.050   25.680  7.131   1.00 45.48  ? 19 GLN D CD  1 
ATOM   1302 O OE1 . GLN D 1 19 ? 2.754   25.660  5.933   1.00 42.84  ? 19 GLN D OE1 1 
ATOM   1303 N NE2 . GLN D 1 19 ? 4.276   25.927  7.587   1.00 31.33  ? 19 GLN D NE2 1 
ATOM   1304 N N   . LYS D 1 20 ? -1.886  23.550  6.710   1.00 49.73  ? 20 LYS D N   1 
ATOM   1305 C CA  . LYS D 1 20 ? -3.185  23.386  6.069   1.00 49.97  ? 20 LYS D CA  1 
ATOM   1306 C C   . LYS D 1 20 ? -4.232  22.986  7.101   1.00 47.46  ? 20 LYS D C   1 
ATOM   1307 O O   . LYS D 1 20 ? -5.165  23.757  7.363   1.00 32.47  ? 20 LYS D O   1 
ATOM   1308 C CB  . LYS D 1 20 ? -3.087  22.339  4.944   1.00 50.81  ? 20 LYS D CB  1 
ATOM   1309 C CG  . LYS D 1 20 ? -1.717  22.362  4.271   1.00 52.20  ? 20 LYS D CG  1 
ATOM   1310 C CD  . LYS D 1 20 ? -1.857  21.973  2.784   1.00 51.69  ? 20 LYS D CD  1 
ATOM   1311 C CE  . LYS D 1 20 ? -0.597  21.183  2.341   1.00 47.71  ? 20 LYS D CE  1 
ATOM   1312 N NZ  . LYS D 1 20 ? -0.626  20.928  0.819   1.00 52.33  ? 20 LYS D NZ  1 
ATOM   1313 N N   . TYR D 1 21 ? -4.097  21.801  7.683   1.00 49.40  ? 21 TYR D N   1 
ATOM   1314 C CA  . TYR D 1 21 ? -5.016  21.358  8.727   1.00 49.72  ? 21 TYR D CA  1 
ATOM   1315 C C   . TYR D 1 21 ? -5.130  22.420  9.825   1.00 49.31  ? 21 TYR D C   1 
ATOM   1316 O O   . TYR D 1 21 ? -6.178  22.564  10.477  1.00 65.90  ? 21 TYR D O   1 
ATOM   1317 C CB  . TYR D 1 21 ? -4.573  20.033  9.352   1.00 51.15  ? 21 TYR D CB  1 
ATOM   1318 C CG  . TYR D 1 21 ? -4.140  18.932  8.423   1.00 48.00  ? 21 TYR D CG  1 
ATOM   1319 C CD1 . TYR D 1 21 ? -2.870  18.934  7.858   1.00 48.62  ? 21 TYR D CD1 1 
ATOM   1320 C CD2 . TYR D 1 21 ? -4.996  17.896  8.096   1.00 44.66  ? 21 TYR D CD2 1 
ATOM   1321 C CE1 . TYR D 1 21 ? -2.449  17.930  7.001   1.00 43.68  ? 21 TYR D CE1 1 
ATOM   1322 C CE2 . TYR D 1 21 ? -4.593  16.888  7.242   1.00 43.47  ? 21 TYR D CE2 1 
ATOM   1323 C CZ  . TYR D 1 21 ? -3.324  16.905  6.698   1.00 40.67  ? 21 TYR D CZ  1 
ATOM   1324 O OH  . TYR D 1 21 ? -2.934  15.890  5.850   1.00 19.88  ? 21 TYR D OH  1 
ATOM   1325 N N   . ARG D 1 22 ? -4.028  23.142  10.057  1.00 49.90  ? 22 ARG D N   1 
ATOM   1326 C CA  . ARG D 1 22 ? -4.043  24.183  11.083  1.00 52.17  ? 22 ARG D CA  1 
ATOM   1327 C C   . ARG D 1 22 ? -5.071  25.260  10.749  1.00 48.67  ? 22 ARG D C   1 
ATOM   1328 O O   . ARG D 1 22 ? -5.602  25.910  11.649  1.00 43.59  ? 22 ARG D O   1 
ATOM   1329 C CB  . ARG D 1 22 ? -2.656  24.803  11.255  1.00 54.29  ? 22 ARG D CB  1 
ATOM   1330 C CG  . ARG D 1 22 ? -1.613  23.856  11.809  1.00 54.86  ? 22 ARG D CG  1 
ATOM   1331 C CD  . ARG D 1 22 ? -0.247  24.518  11.949  1.00 54.12  ? 22 ARG D CD  1 
ATOM   1332 N NE  . ARG D 1 22 ? -0.269  25.576  12.960  1.00 48.59  ? 22 ARG D NE  1 
ATOM   1333 C CZ  . ARG D 1 22 ? -0.114  25.386  14.271  1.00 37.21  ? 22 ARG D CZ  1 
ATOM   1334 N NH1 . ARG D 1 22 ? 0.069   24.163  14.764  1.00 12.52  ? 22 ARG D NH1 1 
ATOM   1335 N NH2 . ARG D 1 22 ? -0.149  26.429  15.092  1.00 32.14  ? 22 ARG D NH2 1 
ATOM   1336 N N   . GLN D 1 23 ? -5.350  25.435  9.463   1.00 50.29  ? 23 GLN D N   1 
ATOM   1337 C CA  . GLN D 1 23 ? -6.314  26.423  8.998   1.00 46.93  ? 23 GLN D CA  1 
ATOM   1338 C C   . GLN D 1 23 ? -7.735  25.865  9.019   1.00 52.00  ? 23 GLN D C   1 
ATOM   1339 O O   . GLN D 1 23 ? -8.630  26.515  9.568   1.00 69.45  ? 23 GLN D O   1 
ATOM   1340 C CB  . GLN D 1 23 ? -5.977  26.904  7.591   1.00 40.01  ? 23 GLN D CB  1 
ATOM   1341 C CG  . GLN D 1 23 ? -5.024  28.092  7.528   1.00 35.01  ? 23 GLN D CG  1 
ATOM   1342 C CD  . GLN D 1 23 ? -4.332  28.180  6.173   1.00 29.96  ? 23 GLN D CD  1 
ATOM   1343 O OE1 . GLN D 1 23 ? -4.969  27.999  5.135   1.00 8.72   ? 23 GLN D OE1 1 
ATOM   1344 N NE2 . GLN D 1 23 ? -3.030  28.451  6.182   1.00 22.75  ? 23 GLN D NE2 1 
ATOM   1345 N N   . GLN D 1 24 ? -7.947  24.683  8.436   1.00 47.95  ? 24 GLN D N   1 
ATOM   1346 C CA  . GLN D 1 24 ? -9.262  24.044  8.482   1.00 42.06  ? 24 GLN D CA  1 
ATOM   1347 C C   . GLN D 1 24 ? -9.721  23.963  9.933   1.00 35.43  ? 24 GLN D C   1 
ATOM   1348 O O   . GLN D 1 24 ? -10.767 24.473  10.314  1.00 45.12  ? 24 GLN D O   1 
ATOM   1349 C CB  . GLN D 1 24 ? -9.238  22.640  7.898   1.00 40.19  ? 24 GLN D CB  1 
ATOM   1350 C CG  . GLN D 1 24 ? -9.340  22.535  6.378   1.00 35.34  ? 24 GLN D CG  1 
ATOM   1351 C CD  . GLN D 1 24 ? -8.727  21.235  5.874   1.00 33.98  ? 24 GLN D CD  1 
ATOM   1352 O OE1 . GLN D 1 24 ? -8.549  20.293  6.652   1.00 38.00  ? 24 GLN D OE1 1 
ATOM   1353 N NE2 . GLN D 1 24 ? -8.413  21.176  4.580   1.00 9.03   ? 24 GLN D NE2 1 
ATOM   1354 N N   . VAL D 1 25 ? -8.868  23.304  10.703  1.00 24.13  ? 25 VAL D N   1 
ATOM   1355 C CA  . VAL D 1 25 ? -9.046  23.117  12.134  1.00 31.29  ? 25 VAL D CA  1 
ATOM   1356 C C   . VAL D 1 25 ? -9.505  24.385  12.840  1.00 30.24  ? 25 VAL D C   1 
ATOM   1357 O O   . VAL D 1 25 ? -10.282 24.335  13.810  1.00 45.38  ? 25 VAL D O   1 
ATOM   1358 C CB  . VAL D 1 25 ? -7.723  22.650  12.776  1.00 32.53  ? 25 VAL D CB  1 
ATOM   1359 C CG1 . VAL D 1 25 ? -7.761  22.859  14.281  1.00 20.73  ? 25 VAL D CG1 1 
ATOM   1360 C CG2 . VAL D 1 25 ? -7.477  21.183  12.409  1.00 52.95  ? 25 VAL D CG2 1 
ATOM   1361 N N   . ARG D 1 26 ? -9.009  25.532  12.364  1.00 37.42  ? 26 ARG D N   1 
ATOM   1362 C CA  . ARG D 1 26 ? -9.315  26.815  12.993  1.00 48.30  ? 26 ARG D CA  1 
ATOM   1363 C C   . ARG D 1 26 ? -10.755 27.248  12.723  1.00 48.40  ? 26 ARG D C   1 
ATOM   1364 O O   . ARG D 1 26 ? -11.231 28.262  13.233  1.00 36.92  ? 26 ARG D O   1 
ATOM   1365 C CB  . ARG D 1 26 ? -8.331  27.888  12.513  1.00 49.03  ? 26 ARG D CB  1 
ATOM   1366 C CG  . ARG D 1 26 ? -7.299  28.291  13.558  1.00 48.59  ? 26 ARG D CG  1 
ATOM   1367 C CD  . ARG D 1 26 ? -6.095  28.958  12.917  1.00 48.25  ? 26 ARG D CD  1 
ATOM   1368 N NE  . ARG D 1 26 ? -4.847  28.638  13.603  1.00 47.78  ? 26 ARG D NE  1 
ATOM   1369 C CZ  . ARG D 1 26 ? -3.804  29.465  13.690  1.00 48.66  ? 26 ARG D CZ  1 
ATOM   1370 N NH1 . ARG D 1 26 ? -3.885  30.679  13.132  1.00 54.55  ? 26 ARG D NH1 1 
ATOM   1371 N NH2 . ARG D 1 26 ? -2.711  29.118  14.348  1.00 39.85  ? 26 ARG D NH2 1 
ATOM   1372 N N   . ASP D 1 27 ? -11.451 26.460  11.908  1.00 48.58  ? 27 ASP D N   1 
ATOM   1373 C CA  . ASP D 1 27 ? -12.839 26.757  11.575  1.00 43.47  ? 27 ASP D CA  1 
ATOM   1374 C C   . ASP D 1 27 ? -13.728 25.568  11.911  1.00 39.11  ? 27 ASP D C   1 
ATOM   1375 O O   . ASP D 1 27 ? -14.939 25.612  11.706  1.00 52.36  ? 27 ASP D O   1 
ATOM   1376 C CB  . ASP D 1 27 ? -12.978 27.123  10.098  1.00 43.91  ? 27 ASP D CB  1 
ATOM   1377 C CG  . ASP D 1 27 ? -11.962 28.160  9.650   1.00 48.84  ? 27 ASP D CG  1 
ATOM   1378 O OD1 . ASP D 1 27 ? -11.379 28.846  10.516  1.00 63.89  ? 27 ASP D OD1 1 
ATOM   1379 O OD2 . ASP D 1 27 ? -11.751 28.279  8.418   1.00 56.47  ? 27 ASP D OD2 1 
ATOM   1380 N N   . ILE D 1 28 ? -13.119 24.502  12.437  1.00 34.77  ? 28 ILE D N   1 
ATOM   1381 C CA  . ILE D 1 28 ? -13.878 23.298  12.762  1.00 34.62  ? 28 ILE D CA  1 
ATOM   1382 C C   . ILE D 1 28 ? -14.898 23.568  13.870  1.00 29.97  ? 28 ILE D C   1 
ATOM   1383 O O   . ILE D 1 28 ? -14.569 24.108  14.924  1.00 41.86  ? 28 ILE D O   1 
ATOM   1384 C CB  . ILE D 1 28 ? -12.977 22.139  13.212  1.00 37.42  ? 28 ILE D CB  1 
ATOM   1385 C CG1 . ILE D 1 28 ? -12.017 21.648  12.120  1.00 42.10  ? 28 ILE D CG1 1 
ATOM   1386 C CG2 . ILE D 1 28 ? -13.788 20.978  13.773  1.00 38.36  ? 28 ILE D CG2 1 
ATOM   1387 C CD1 . ILE D 1 28 ? -10.982 20.669  12.684  1.00 49.13  ? 28 ILE D CD1 1 
ATOM   1388 N N   . SER D 1 29 ? -16.147 23.212  13.576  1.00 24.26  ? 29 SER D N   1 
ATOM   1389 C CA  . SER D 1 29 ? -17.214 23.374  14.551  1.00 12.54  ? 29 SER D CA  1 
ATOM   1390 C C   . SER D 1 29 ? -16.976 22.401  15.694  1.00 24.10  ? 29 SER D C   1 
ATOM   1391 O O   . SER D 1 29 ? -16.112 21.531  15.559  1.00 33.64  ? 29 SER D O   1 
ATOM   1392 C CB  . SER D 1 29 ? -18.573 23.147  13.896  1.00 0.00   ? 29 SER D CB  1 
ATOM   1393 O OG  . SER D 1 29 ? -18.940 21.776  13.933  1.00 18.37  ? 29 SER D OG  1 
ATOM   1394 N N   . ARG D 1 30 ? -17.697 22.497  16.801  1.00 31.53  ? 30 ARG D N   1 
ATOM   1395 C CA  . ARG D 1 30 ? -17.375 21.536  17.868  1.00 39.10  ? 30 ARG D CA  1 
ATOM   1396 C C   . ARG D 1 30 ? -17.612 20.099  17.425  1.00 43.14  ? 30 ARG D C   1 
ATOM   1397 O O   . ARG D 1 30 ? -16.678 19.274  17.440  1.00 31.41  ? 30 ARG D O   1 
ATOM   1398 C CB  . ARG D 1 30 ? -18.151 21.862  19.149  1.00 30.07  ? 30 ARG D CB  1 
ATOM   1399 C CG  . ARG D 1 30 ? -17.359 22.741  20.143  1.00 26.33  ? 30 ARG D CG  1 
ATOM   1400 C CD  . ARG D 1 30 ? -18.133 23.061  21.403  1.00 28.16  ? 30 ARG D CD  1 
ATOM   1401 N NE  . ARG D 1 30 ? -17.905 24.436  21.860  1.00 30.47  ? 30 ARG D NE  1 
ATOM   1402 C CZ  . ARG D 1 30 ? -18.712 25.143  22.636  1.00 34.70  ? 30 ARG D CZ  1 
ATOM   1403 N NH1 . ARG D 1 30 ? -19.853 24.606  23.089  1.00 46.91  ? 30 ARG D NH1 1 
ATOM   1404 N NH2 . ARG D 1 30 ? -18.413 26.396  22.968  1.00 39.27  ? 30 ARG D NH2 1 
ATOM   1405 N N   . GLU D 1 31 ? -18.837 19.759  17.018  1.00 51.34  ? 31 GLU D N   1 
ATOM   1406 C CA  . GLU D 1 31 ? -19.092 18.365  16.657  1.00 58.00  ? 31 GLU D CA  1 
ATOM   1407 C C   . GLU D 1 31 ? -18.259 17.944  15.444  1.00 59.68  ? 31 GLU D C   1 
ATOM   1408 O O   . GLU D 1 31 ? -17.776 16.819  15.366  1.00 53.59  ? 31 GLU D O   1 
ATOM   1409 C CB  . GLU D 1 31 ? -20.576 18.112  16.388  1.00 60.95  ? 31 GLU D CB  1 
ATOM   1410 C CG  . GLU D 1 31 ? -21.403 19.376  16.190  1.00 63.76  ? 31 GLU D CG  1 
ATOM   1411 C CD  . GLU D 1 31 ? -22.879 19.146  16.550  1.00 64.76  ? 31 GLU D CD  1 
ATOM   1412 O OE1 . GLU D 1 31 ? -23.486 18.185  15.962  1.00 66.25  ? 31 GLU D OE1 1 
ATOM   1413 O OE2 . GLU D 1 31 ? -23.423 19.949  17.404  1.00 65.34  ? 31 GLU D OE2 1 
ATOM   1414 N N   . ASP D 1 32 ? -18.093 18.868  14.494  1.00 60.92  ? 32 ASP D N   1 
ATOM   1415 C CA  . ASP D 1 32 ? -17.282 18.555  13.319  1.00 60.96  ? 32 ASP D CA  1 
ATOM   1416 C C   . ASP D 1 32 ? -15.863 18.139  13.740  1.00 56.62  ? 32 ASP D C   1 
ATOM   1417 O O   . ASP D 1 32 ? -15.203 17.330  13.042  1.00 79.56  ? 32 ASP D O   1 
ATOM   1418 C CB  . ASP D 1 32 ? -17.208 19.748  12.348  1.00 64.36  ? 32 ASP D CB  1 
ATOM   1419 C CG  . ASP D 1 32 ? -16.589 19.376  10.980  1.00 71.59  ? 32 ASP D CG  1 
ATOM   1420 O OD1 . ASP D 1 32 ? -16.812 18.237  10.512  1.00 88.80  ? 32 ASP D OD1 1 
ATOM   1421 O OD2 . ASP D 1 32 ? -15.871 20.214  10.389  1.00 78.45  ? 32 ASP D OD2 1 
ATOM   1422 N N   . LEU D 1 33 ? -15.423 18.660  14.896  1.00 44.20  ? 33 LEU D N   1 
ATOM   1423 C CA  . LEU D 1 33 ? -14.087 18.353  15.432  1.00 43.77  ? 33 LEU D CA  1 
ATOM   1424 C C   . LEU D 1 33 ? -14.166 17.126  16.325  1.00 45.11  ? 33 LEU D C   1 
ATOM   1425 O O   . LEU D 1 33 ? -13.456 16.135  16.151  1.00 70.34  ? 33 LEU D O   1 
ATOM   1426 C CB  . LEU D 1 33 ? -13.514 19.557  16.186  1.00 46.87  ? 33 LEU D CB  1 
ATOM   1427 C CG  . LEU D 1 33 ? -12.996 20.718  15.341  1.00 50.39  ? 33 LEU D CG  1 
ATOM   1428 C CD1 . LEU D 1 33 ? -12.600 21.858  16.274  1.00 62.39  ? 33 LEU D CD1 1 
ATOM   1429 C CD2 . LEU D 1 33 ? -11.818 20.302  14.450  1.00 48.50  ? 33 LEU D CD2 1 
ATOM   1430 N N   . GLU D 1 34 ? -15.084 17.133  17.301  1.00 39.43  ? 34 GLU D N   1 
ATOM   1431 C CA  . GLU D 1 34 ? -15.251 15.958  18.175  1.00 45.04  ? 34 GLU D CA  1 
ATOM   1432 C C   . GLU D 1 34 ? -15.420 14.644  17.404  1.00 45.19  ? 34 GLU D C   1 
ATOM   1433 O O   . GLU D 1 34 ? -15.136 13.568  17.944  1.00 64.57  ? 34 GLU D O   1 
ATOM   1434 C CB  . GLU D 1 34 ? -16.441 16.157  19.117  1.00 52.75  ? 34 GLU D CB  1 
ATOM   1435 C CG  . GLU D 1 34 ? -16.272 17.399  20.018  1.00 59.86  ? 34 GLU D CG  1 
ATOM   1436 C CD  . GLU D 1 34 ? -16.863 17.195  21.402  1.00 63.24  ? 34 GLU D CD  1 
ATOM   1437 O OE1 . GLU D 1 34 ? -17.742 16.259  21.634  1.00 76.86  ? 34 GLU D OE1 1 
ATOM   1438 O OE2 . GLU D 1 34 ? -16.382 17.971  22.306  1.00 58.47  ? 34 GLU D OE2 1 
ATOM   1439 N N   . ASP D 1 35 ? -15.848 14.699  16.147  1.00 31.63  ? 35 ASP D N   1 
ATOM   1440 C CA  . ASP D 1 35 ? -15.893 13.544  15.266  1.00 36.03  ? 35 ASP D CA  1 
ATOM   1441 C C   . ASP D 1 35 ? -14.543 13.331  14.563  1.00 34.51  ? 35 ASP D C   1 
ATOM   1442 O O   . ASP D 1 35 ? -14.063 12.203  14.396  1.00 32.41  ? 35 ASP D O   1 
ATOM   1443 C CB  . ASP D 1 35 ? -17.012 13.714  14.233  1.00 45.42  ? 35 ASP D CB  1 
ATOM   1444 C CG  . ASP D 1 35 ? -18.288 12.975  14.598  1.00 49.38  ? 35 ASP D CG  1 
ATOM   1445 O OD1 . ASP D 1 35 ? -18.220 11.821  15.079  1.00 56.14  ? 35 ASP D OD1 1 
ATOM   1446 O OD2 . ASP D 1 35 ? -19.393 13.541  14.382  1.00 47.09  ? 35 ASP D OD2 1 
ATOM   1447 N N   . LEU D 1 36 ? -13.895 14.428  14.152  1.00 29.51  ? 36 LEU D N   1 
ATOM   1448 C CA  . LEU D 1 36 ? -12.596 14.255  13.483  1.00 32.02  ? 36 LEU D CA  1 
ATOM   1449 C C   . LEU D 1 36 ? -11.634 13.540  14.435  1.00 29.02  ? 36 LEU D C   1 
ATOM   1450 O O   . LEU D 1 36 ? -10.979 12.576  14.042  1.00 26.66  ? 36 LEU D O   1 
ATOM   1451 C CB  . LEU D 1 36 ? -11.998 15.569  13.002  1.00 31.26  ? 36 LEU D CB  1 
ATOM   1452 C CG  . LEU D 1 36 ? -12.571 16.271  11.769  1.00 27.60  ? 36 LEU D CG  1 
ATOM   1453 C CD1 . LEU D 1 36 ? -12.115 17.716  11.712  1.00 1.60   ? 36 LEU D CD1 1 
ATOM   1454 C CD2 . LEU D 1 36 ? -12.155 15.556  10.475  1.00 38.49  ? 36 LEU D CD2 1 
ATOM   1455 N N   . PHE D 1 37 ? -11.580 14.023  15.672  1.00 24.40  ? 37 PHE D N   1 
ATOM   1456 C CA  . PHE D 1 37 ? -10.684 13.519  16.699  1.00 22.35  ? 37 PHE D CA  1 
ATOM   1457 C C   . PHE D 1 37 ? -10.803 12.010  16.872  1.00 31.08  ? 37 PHE D C   1 
ATOM   1458 O O   . PHE D 1 37 ? -9.799  11.300  16.784  1.00 42.87  ? 37 PHE D O   1 
ATOM   1459 C CB  . PHE D 1 37 ? -10.987 14.188  18.041  1.00 30.34  ? 37 PHE D CB  1 
ATOM   1460 C CG  . PHE D 1 37 ? -9.833  14.120  19.030  1.00 44.21  ? 37 PHE D CG  1 
ATOM   1461 C CD1 . PHE D 1 37 ? -8.557  14.610  18.687  1.00 51.92  ? 37 PHE D CD1 1 
ATOM   1462 C CD2 . PHE D 1 37 ? -10.018 13.566  20.294  1.00 51.75  ? 37 PHE D CD2 1 
ATOM   1463 C CE1 . PHE D 1 37 ? -7.516  14.535  19.595  1.00 57.67  ? 37 PHE D CE1 1 
ATOM   1464 C CE2 . PHE D 1 37 ? -8.982  13.502  21.206  1.00 55.12  ? 37 PHE D CE2 1 
ATOM   1465 C CZ  . PHE D 1 37 ? -7.734  13.985  20.862  1.00 57.31  ? 37 PHE D CZ  1 
ATOM   1466 N N   . ILE D 1 38 ? -12.037 11.581  17.132  1.00 32.34  ? 38 ILE D N   1 
ATOM   1467 C CA  . ILE D 1 38 ? -12.296 10.155  17.311  1.00 34.09  ? 38 ILE D CA  1 
ATOM   1468 C C   . ILE D 1 38 ? -11.732 9.407   16.103  1.00 28.91  ? 38 ILE D C   1 
ATOM   1469 O O   . ILE D 1 38 ? -10.887 8.533   16.271  1.00 12.62  ? 38 ILE D O   1 
ATOM   1470 C CB  . ILE D 1 38 ? -13.789 9.863   17.505  1.00 36.91  ? 38 ILE D CB  1 
ATOM   1471 C CG1 . ILE D 1 38 ? -14.723 10.378  16.410  1.00 32.47  ? 38 ILE D CG1 1 
ATOM   1472 C CG2 . ILE D 1 38 ? -14.233 10.410  18.860  1.00 46.33  ? 38 ILE D CG2 1 
ATOM   1473 C CD1 . ILE D 1 38 ? -16.184 10.046  16.625  1.00 36.76  ? 38 ILE D CD1 1 
ATOM   1474 N N   . GLU D 1 39 ? -12.194 9.797   14.917  1.00 33.33  ? 39 GLU D N   1 
ATOM   1475 C CA  . GLU D 1 39 ? -11.756 9.217   13.660  1.00 43.04  ? 39 GLU D CA  1 
ATOM   1476 C C   . GLU D 1 39 ? -10.232 9.134   13.630  1.00 49.72  ? 39 GLU D C   1 
ATOM   1477 O O   . GLU D 1 39 ? -9.653  8.164   13.141  1.00 63.91  ? 39 GLU D O   1 
ATOM   1478 C CB  . GLU D 1 39 ? -12.224 10.031  12.450  1.00 48.50  ? 39 GLU D CB  1 
ATOM   1479 C CG  . GLU D 1 39 ? -13.723 10.312  12.371  1.00 49.39  ? 39 GLU D CG  1 
ATOM   1480 C CD  . GLU D 1 39 ? -14.097 11.033  11.080  1.00 49.85  ? 39 GLU D CD  1 
ATOM   1481 O OE1 . GLU D 1 39 ? -13.410 12.041  10.732  1.00 55.59  ? 39 GLU D OE1 1 
ATOM   1482 O OE2 . GLU D 1 39 ? -15.052 10.577  10.386  1.00 49.02  ? 39 GLU D OE2 1 
ATOM   1483 N N   . VAL D 1 40 ? -9.605  10.196  14.160  1.00 39.75  ? 40 VAL D N   1 
ATOM   1484 C CA  . VAL D 1 40 ? -8.154  10.302  14.076  1.00 35.52  ? 40 VAL D CA  1 
ATOM   1485 C C   . VAL D 1 40 ? -7.449  9.435   15.100  1.00 47.68  ? 40 VAL D C   1 
ATOM   1486 O O   . VAL D 1 40 ? -6.251  9.167   14.983  1.00 60.19  ? 40 VAL D O   1 
ATOM   1487 C CB  . VAL D 1 40 ? -7.709  11.763  14.236  1.00 24.11  ? 40 VAL D CB  1 
ATOM   1488 C CG1 . VAL D 1 40 ? -6.197  11.832  14.151  1.00 30.28  ? 40 VAL D CG1 1 
ATOM   1489 C CG2 . VAL D 1 40 ? -8.329  12.645  13.163  1.00 44.08  ? 40 VAL D CG2 1 
ATOM   1490 N N   . VAL D 1 41 ? -8.171  8.967   16.127  1.00 54.61  ? 41 VAL D N   1 
ATOM   1491 C CA  . VAL D 1 41 ? -7.494  8.077   17.076  1.00 63.58  ? 41 VAL D CA  1 
ATOM   1492 C C   . VAL D 1 41 ? -7.639  6.628   16.598  1.00 71.05  ? 41 VAL D C   1 
ATOM   1493 O O   . VAL D 1 41 ? -6.801  5.764   16.905  1.00 78.58  ? 41 VAL D O   1 
ATOM   1494 C CB  . VAL D 1 41 ? -8.045  8.211   18.505  1.00 67.64  ? 41 VAL D CB  1 
ATOM   1495 C CG1 . VAL D 1 41 ? -7.373  7.146   19.441  1.00 75.39  ? 41 VAL D CG1 1 
ATOM   1496 C CG2 . VAL D 1 41 ? -7.820  9.651   19.026  1.00 71.53  ? 41 VAL D CG2 1 
ATOM   1497 N N   . ARG D 1 42 ? -8.717  6.374   15.843  1.00 77.51  ? 42 ARG D N   1 
ATOM   1498 C CA  . ARG D 1 42 ? -8.998  5.033   15.336  1.00 84.19  ? 42 ARG D CA  1 
ATOM   1499 C C   . ARG D 1 42 ? -7.925  4.584   14.349  1.00 85.05  ? 42 ARG D C   1 
ATOM   1500 O O   . ARG D 1 42 ? -7.710  3.387   14.150  1.00 90.95  ? 42 ARG D O   1 
ATOM   1501 C CB  . ARG D 1 42 ? -10.378 4.972   14.681  1.00 88.52  ? 42 ARG D CB  1 
ATOM   1502 C CG  . ARG D 1 42 ? -11.367 5.995   15.271  1.00 91.66  ? 42 ARG D CG  1 
ATOM   1503 C CD  . ARG D 1 42 ? -12.731 5.883   14.603  1.00 93.98  ? 42 ARG D CD  1 
ATOM   1504 N NE  . ARG D 1 42 ? -13.827 5.986   15.578  1.00 97.29  ? 42 ARG D NE  1 
ATOM   1505 C CZ  . ARG D 1 42 ? -14.998 5.369   15.473  1.00 98.74  ? 42 ARG D CZ  1 
ATOM   1506 N NH1 . ARG D 1 42 ? -15.220 4.599   14.416  1.00 104.36 ? 42 ARG D NH1 1 
ATOM   1507 N NH2 . ARG D 1 42 ? -15.931 5.543   16.392  1.00 93.38  ? 42 ARG D NH2 1 
ATOM   1508 N N   . GLN D 1 43 ? -7.015  5.513   14.091  1.00 82.40  ? 43 GLN D N   1 
ATOM   1509 C CA  . GLN D 1 43 ? -5.892  5.243   13.199  1.00 78.20  ? 43 GLN D CA  1 
ATOM   1510 C C   . GLN D 1 43 ? -4.552  5.195   13.876  1.00 75.90  ? 43 GLN D C   1 
ATOM   1511 O O   . GLN D 1 43 ? -3.737  4.336   13.641  1.00 67.64  ? 43 GLN D O   1 
ATOM   1512 C CB  . GLN D 1 43 ? -5.933  6.292   12.096  1.00 75.85  ? 43 GLN D CB  1 
ATOM   1513 C CG  . GLN D 1 43 ? -7.004  6.009   11.095  1.00 75.44  ? 43 GLN D CG  1 
ATOM   1514 C CD  . GLN D 1 43 ? -6.743  6.736   9.803   1.00 76.89  ? 43 GLN D CD  1 
ATOM   1515 O OE1 . GLN D 1 43 ? -5.843  6.379   9.087   1.00 77.84  ? 43 GLN D OE1 1 
ATOM   1516 N NE2 . GLN D 1 43 ? -7.523  7.782   9.531   1.00 79.75  ? 43 GLN D NE2 1 
ATOM   1517 N N   . LYS D 1 44 ? -4.298  6.184   14.690  1.00 76.98  ? 44 LYS D N   1 
ATOM   1518 C CA  . LYS D 1 44 ? -3.028  6.260   15.322  1.00 77.13  ? 44 LYS D CA  1 
ATOM   1519 C C   . LYS D 1 44 ? -2.953  4.870   15.969  1.00 75.43  ? 44 LYS D C   1 
ATOM   1520 O O   . LYS D 1 44 ? -1.986  4.619   16.569  1.00 90.35  ? 44 LYS D O   1 
ATOM   1521 C CB  . LYS D 1 44 ? -3.037  7.380   16.423  1.00 79.51  ? 44 LYS D CB  1 
ATOM   1522 C CG  . LYS D 1 44 ? -2.741  8.860   16.004  1.00 79.54  ? 44 LYS D CG  1 
ATOM   1523 C CD  . LYS D 1 44 ? -2.417  9.807   17.147  1.00 79.54  ? 44 LYS D CD  1 
ATOM   1524 C CE  . LYS D 1 44 ? -3.672  10.114  17.935  1.00 80.86  ? 44 LYS D CE  1 
ATOM   1525 N NZ  . LYS D 1 44 ? -3.645  11.191  18.947  1.00 81.81  ? 44 LYS D NZ  1 
ATOM   1526 N N   . MET D 1 45 ? -4.021  4.040   15.895  1.00 67.62  ? 45 MET D N   1 
ATOM   1527 C CA  . MET D 1 45 ? -4.170  2.677   16.502  1.00 61.08  ? 45 MET D CA  1 
ATOM   1528 C C   . MET D 1 45 ? -4.131  1.508   15.512  1.00 55.88  ? 45 MET D C   1 
ATOM   1529 O O   . MET D 1 45 ? -3.611  0.483   15.799  1.00 62.93  ? 45 MET D O   1 
ATOM   1530 C CB  . MET D 1 45 ? -5.530  2.497   17.172  1.00 63.45  ? 45 MET D CB  1 
ATOM   1531 C CG  . MET D 1 45 ? -5.755  3.135   18.595  1.00 66.07  ? 45 MET D CG  1 
ATOM   1532 S SD  . MET D 1 45 ? -4.736  2.830   19.994  1.00 18.03  ? 45 MET D SD  1 
ATOM   1533 C CE  . MET D 1 45 ? -5.191  1.277   20.538  1.00 0.00   ? 45 MET D CE  1 
ATOM   1534 N N   . ALA D 1 46 ? -4.789  1.636   14.395  1.00 48.86  ? 46 ALA D N   1 
ATOM   1535 C CA  . ALA D 1 46 ? -4.567  0.753   13.248  1.00 41.60  ? 46 ALA D CA  1 
ATOM   1536 C C   . ALA D 1 46 ? -3.098  0.802   12.843  1.00 40.80  ? 46 ALA D C   1 
ATOM   1537 O O   . ALA D 1 46 ? -2.424  -0.227  12.889  1.00 63.87  ? 46 ALA D O   1 
ATOM   1538 C CB  . ALA D 1 46 ? -5.475  1.114   12.082  1.00 3.72   ? 46 ALA D CB  1 
ATOM   1539 N N   . HIS D 1 47 ? -2.619  2.000   12.512  1.00 30.34  ? 47 HIS D N   1 
ATOM   1540 C CA  . HIS D 1 47 ? -1.225  2.226   12.161  1.00 35.30  ? 47 HIS D CA  1 
ATOM   1541 C C   . HIS D 1 47 ? -0.296  1.564   13.178  1.00 39.83  ? 47 HIS D C   1 
ATOM   1542 O O   . HIS D 1 47 ? 0.742   1.014   12.813  1.00 35.95  ? 47 HIS D O   1 
ATOM   1543 C CB  . HIS D 1 47 ? -0.889  3.717   12.075  1.00 35.26  ? 47 HIS D CB  1 
ATOM   1544 C CG  . HIS D 1 47 ? -1.556  4.429   10.940  1.00 30.42  ? 47 HIS D CG  1 
ATOM   1545 N ND1 . HIS D 1 47 ? -2.929  4.529   10.832  1.00 35.22  ? 47 HIS D ND1 1 
ATOM   1546 C CD2 . HIS D 1 47 ? -1.058  5.069   9.871   1.00 29.58  ? 47 HIS D CD2 1 
ATOM   1547 C CE1 . HIS D 1 47 ? -3.244  5.204   9.743   1.00 38.28  ? 47 HIS D CE1 1 
ATOM   1548 N NE2 . HIS D 1 47 ? -2.129  5.549   9.144   1.00 35.29  ? 47 HIS D NE2 1 
ATOM   1549 N N   . GLU D 1 48 ? -0.704  1.631   14.443  1.00 39.78  ? 48 GLU D N   1 
ATOM   1550 C CA  . GLU D 1 48 ? 0.021   0.965   15.516  1.00 30.04  ? 48 GLU D CA  1 
ATOM   1551 C C   . GLU D 1 48 ? 0.003   -0.553  15.328  1.00 11.20  ? 48 GLU D C   1 
ATOM   1552 O O   . GLU D 1 48 ? 1.017   -1.202  15.587  1.00 16.55  ? 48 GLU D O   1 
ATOM   1553 C CB  . GLU D 1 48 ? -0.581  1.328   16.870  1.00 35.61  ? 48 GLU D CB  1 
ATOM   1554 C CG  . GLU D 1 48 ? 0.396   1.885   17.883  1.00 35.51  ? 48 GLU D CG  1 
ATOM   1555 C CD  . GLU D 1 48 ? -0.344  2.669   18.962  1.00 43.91  ? 48 GLU D CD  1 
ATOM   1556 O OE1 . GLU D 1 48 ? -1.529  2.364   19.191  1.00 55.48  ? 48 GLU D OE1 1 
ATOM   1557 O OE2 . GLU D 1 48 ? 0.266   3.595   19.553  1.00 52.73  ? 48 GLU D OE2 1 
ATOM   1558 N N   . ASN D 1 49 ? -1.125  -1.096  14.895  1.00 10.53  ? 49 ASN D N   1 
ATOM   1559 C CA  . ASN D 1 49 ? -1.318  -2.523  14.679  1.00 15.78  ? 49 ASN D CA  1 
ATOM   1560 C C   . ASN D 1 49 ? -0.377  -3.091  13.620  1.00 11.88  ? 49 ASN D C   1 
ATOM   1561 O O   . ASN D 1 49 ? 0.332   -4.060  13.855  1.00 26.47  ? 49 ASN D O   1 
ATOM   1562 C CB  . ASN D 1 49 ? -2.759  -2.820  14.244  1.00 20.00  ? 49 ASN D CB  1 
ATOM   1563 C CG  . ASN D 1 49 ? -3.659  -3.114  15.432  1.00 28.70  ? 49 ASN D CG  1 
ATOM   1564 O OD1 . ASN D 1 49 ? -3.196  -3.126  16.574  1.00 22.20  ? 49 ASN D OD1 1 
ATOM   1565 N ND2 . ASN D 1 49 ? -4.940  -3.354  15.157  1.00 52.57  ? 49 ASN D ND2 1 
ATOM   1566 N N   . ILE D 1 50 ? -0.411  -2.455  12.451  1.00 17.97  ? 50 ILE D N   1 
ATOM   1567 C CA  . ILE D 1 50 ? 0.433   -2.819  11.320  1.00 28.64  ? 50 ILE D CA  1 
ATOM   1568 C C   . ILE D 1 50 ? 1.910   -2.591  11.626  1.00 25.02  ? 50 ILE D C   1 
ATOM   1569 O O   . ILE D 1 50 ? 2.779   -3.249  11.049  1.00 33.83  ? 50 ILE D O   1 
ATOM   1570 C CB  . ILE D 1 50 ? 0.040   -2.027  10.057  1.00 34.28  ? 50 ILE D CB  1 
ATOM   1571 C CG1 . ILE D 1 50 ? -1.434  -2.170  9.676   1.00 37.80  ? 50 ILE D CG1 1 
ATOM   1572 C CG2 . ILE D 1 50 ? 0.920   -2.417  8.878   1.00 44.99  ? 50 ILE D CG2 1 
ATOM   1573 C CD1 . ILE D 1 50 ? -2.319  -1.083  10.242  1.00 45.00  ? 50 ILE D CD1 1 
ATOM   1574 N N   . PHE D 1 51 ? 2.204   -1.670  12.535  1.00 18.24  ? 51 PHE D N   1 
ATOM   1575 C CA  . PHE D 1 51 ? 3.594   -1.469  12.939  1.00 27.39  ? 51 PHE D CA  1 
ATOM   1576 C C   . PHE D 1 51 ? 3.912   -2.390  14.123  1.00 24.41  ? 51 PHE D C   1 
ATOM   1577 O O   . PHE D 1 51 ? 5.050   -2.492  14.579  1.00 28.25  ? 51 PHE D O   1 
ATOM   1578 C CB  . PHE D 1 51 ? 3.877   -0.016  13.302  1.00 28.55  ? 51 PHE D CB  1 
ATOM   1579 C CG  . PHE D 1 51 ? 5.319   0.235   13.713  1.00 38.81  ? 51 PHE D CG  1 
ATOM   1580 C CD1 . PHE D 1 51 ? 6.359   -0.009  12.824  1.00 45.33  ? 51 PHE D CD1 1 
ATOM   1581 C CD2 . PHE D 1 51 ? 5.610   0.731   14.991  1.00 41.68  ? 51 PHE D CD2 1 
ATOM   1582 C CE1 . PHE D 1 51 ? 7.671   0.226   13.187  1.00 47.68  ? 51 PHE D CE1 1 
ATOM   1583 C CE2 . PHE D 1 51 ? 6.920   0.965   15.366  1.00 45.16  ? 51 PHE D CE2 1 
ATOM   1584 C CZ  . PHE D 1 51 ? 7.950   0.704   14.460  1.00 51.28  ? 51 PHE D CZ  1 
ATOM   1585 N N   . LYS D 1 52 ? 2.852   -3.053  14.575  1.00 23.36  ? 52 LYS D N   1 
ATOM   1586 C CA  . LYS D 1 52 ? 2.988   -4.181  15.490  1.00 23.82  ? 52 LYS D CA  1 
ATOM   1587 C C   . LYS D 1 52 ? 3.271   -5.416  14.627  1.00 30.42  ? 52 LYS D C   1 
ATOM   1588 O O   . LYS D 1 52 ? 4.263   -6.130  14.811  1.00 19.67  ? 52 LYS D O   1 
ATOM   1589 C CB  . LYS D 1 52 ? 1.752   -4.347  16.361  1.00 14.53  ? 52 LYS D CB  1 
ATOM   1590 C CG  . LYS D 1 52 ? 1.719   -3.434  17.588  1.00 12.69  ? 52 LYS D CG  1 
ATOM   1591 C CD  . LYS D 1 52 ? 0.568   -3.769  18.520  1.00 12.49  ? 52 LYS D CD  1 
ATOM   1592 C CE  . LYS D 1 52 ? 0.215   -2.574  19.398  1.00 19.13  ? 52 LYS D CE  1 
ATOM   1593 N NZ  . LYS D 1 52 ? -0.225  -2.989  20.761  1.00 20.11  ? 52 LYS D NZ  1 
ATOM   1594 N N   . GLY D 1 53 ? 2.379   -5.622  13.656  1.00 32.96  ? 53 GLY D N   1 
ATOM   1595 C CA  . GLY D 1 53 ? 2.568   -6.648  12.641  1.00 38.34  ? 53 GLY D CA  1 
ATOM   1596 C C   . GLY D 1 53 ? 3.849   -6.404  11.849  1.00 44.81  ? 53 GLY D C   1 
ATOM   1597 O O   . GLY D 1 53 ? 4.426   -7.345  11.267  1.00 54.08  ? 53 GLY D O   1 
ATOM   1598 N N   . MET D 1 54 ? 4.285   -5.143  11.832  1.00 44.81  ? 54 MET D N   1 
ATOM   1599 C CA  . MET D 1 54 ? 5.520   -4.747  11.166  1.00 44.05  ? 54 MET D CA  1 
ATOM   1600 C C   . MET D 1 54 ? 6.742   -5.202  11.957  1.00 40.35  ? 54 MET D C   1 
ATOM   1601 O O   . MET D 1 54 ? 7.728   -5.672  11.379  1.00 47.56  ? 54 MET D O   1 
ATOM   1602 C CB  . MET D 1 54 ? 5.565   -3.229  10.954  1.00 44.34  ? 54 MET D CB  1 
ATOM   1603 C CG  . MET D 1 54 ? 6.010   -2.849  9.537   1.00 44.22  ? 54 MET D CG  1 
ATOM   1604 S SD  . MET D 1 54 ? 5.692   -4.142  8.323   1.00 149.54 ? 54 MET D SD  1 
ATOM   1605 C CE  . MET D 1 54 ? 7.119   -3.971  7.233   1.00 2.20   ? 54 MET D CE  1 
ATOM   1606 N N   . ILE D 1 55 ? 6.677   -5.074  13.287  1.00 37.24  ? 55 ILE D N   1 
ATOM   1607 C CA  . ILE D 1 55 ? 7.777   -5.541  14.124  1.00 35.86  ? 55 ILE D CA  1 
ATOM   1608 C C   . ILE D 1 55 ? 7.781   -7.070  14.212  1.00 38.90  ? 55 ILE D C   1 
ATOM   1609 O O   . ILE D 1 55 ? 8.834   -7.676  14.430  1.00 48.24  ? 55 ILE D O   1 
ATOM   1610 C CB  . ILE D 1 55 ? 7.704   -4.957  15.542  1.00 35.30  ? 55 ILE D CB  1 
ATOM   1611 C CG1 . ILE D 1 55 ? 6.278   -4.573  15.972  1.00 40.44  ? 55 ILE D CG1 1 
ATOM   1612 C CG2 . ILE D 1 55 ? 8.668   -3.784  15.688  1.00 44.08  ? 55 ILE D CG2 1 
ATOM   1613 C CD1 . ILE D 1 55 ? 6.213   -3.418  16.943  1.00 54.54  ? 55 ILE D CD1 1 
ATOM   1614 N N   . ARG D 1 56 ? 6.608   -7.664  14.037  1.00 40.21  ? 56 ARG D N   1 
ATOM   1615 C CA  . ARG D 1 56 ? 6.379   -9.096  14.142  1.00 38.80  ? 56 ARG D CA  1 
ATOM   1616 C C   . ARG D 1 56 ? 7.202   -9.886  13.132  1.00 39.70  ? 56 ARG D C   1 
ATOM   1617 O O   . ARG D 1 56 ? 7.390   -11.098 13.277  1.00 55.57  ? 56 ARG D O   1 
ATOM   1618 C CB  . ARG D 1 56 ? 4.887   -9.406  13.971  1.00 37.58  ? 56 ARG D CB  1 
ATOM   1619 C CG  . ARG D 1 56 ? 4.032   -8.884  15.128  1.00 42.84  ? 56 ARG D CG  1 
ATOM   1620 C CD  . ARG D 1 56 ? 2.571   -9.277  14.961  1.00 47.47  ? 56 ARG D CD  1 
ATOM   1621 N NE  . ARG D 1 56 ? 1.733   -8.730  16.027  1.00 45.17  ? 56 ARG D NE  1 
ATOM   1622 C CZ  . ARG D 1 56 ? 0.478   -8.323  15.858  1.00 35.13  ? 56 ARG D CZ  1 
ATOM   1623 N NH1 . ARG D 1 56 ? -0.106  -8.413  14.660  1.00 38.15  ? 56 ARG D NH1 1 
ATOM   1624 N NH2 . ARG D 1 56 ? -0.200  -7.841  16.888  1.00 3.20   ? 56 ARG D NH2 1 
ATOM   1625 N N   . GLN D 1 57 ? 7.703   -9.207  12.105  1.00 34.64  ? 57 GLN D N   1 
ATOM   1626 C CA  . GLN D 1 57 ? 8.628   -9.858  11.187  1.00 30.31  ? 57 GLN D CA  1 
ATOM   1627 C C   . GLN D 1 57 ? 10.034  -9.800  11.798  1.00 30.90  ? 57 GLN D C   1 
ATOM   1628 O O   . GLN D 1 57 ? 10.940  -9.212  11.205  1.00 33.79  ? 57 GLN D O   1 
ATOM   1629 C CB  . GLN D 1 57 ? 8.633   -9.214  9.812   1.00 29.06  ? 57 GLN D CB  1 
ATOM   1630 C CG  . GLN D 1 57 ? 7.466   -9.549  8.898   1.00 22.14  ? 57 GLN D CG  1 
ATOM   1631 C CD  . GLN D 1 57 ? 7.194   -8.431  7.911   1.00 17.52  ? 57 GLN D CD  1 
ATOM   1632 O OE1 . GLN D 1 57 ? 8.111   -7.938  7.260   1.00 20.02  ? 57 GLN D OE1 1 
ATOM   1633 N NE2 . GLN D 1 57 ? 5.937   -8.006  7.786   1.00 27.89  ? 57 GLN D NE2 1 
ATOM   1634 N N   . GLY D 1 58 ? 10.155  -10.400 12.970  1.00 29.55  ? 58 GLY D N   1 
ATOM   1635 C CA  . GLY D 1 58 ? 11.416  -10.546 13.682  1.00 33.63  ? 58 GLY D CA  1 
ATOM   1636 C C   . GLY D 1 58 ? 11.761  -12.034 13.795  1.00 40.98  ? 58 GLY D C   1 
ATOM   1637 O O   . GLY D 1 58 ? 12.494  -12.444 14.692  1.00 46.62  ? 58 GLY D O   1 
ATOM   1638 N N   . SER D 1 59 ? 11.224  -12.831 12.878  1.00 42.99  ? 59 SER D N   1 
ATOM   1639 C CA  . SER D 1 59 ? 11.321  -14.283 12.974  1.00 41.32  ? 59 SER D CA  1 
ATOM   1640 C C   . SER D 1 59 ? 12.673  -14.780 12.474  1.00 41.20  ? 59 SER D C   1 
ATOM   1641 O O   . SER D 1 59 ? 12.761  -15.828 11.834  1.00 26.59  ? 59 SER D O   1 
ATOM   1642 C CB  . SER D 1 59 ? 10.191  -14.948 12.185  1.00 38.38  ? 59 SER D CB  1 
ATOM   1643 O OG  . SER D 1 59 ? 9.808   -14.155 11.075  1.00 0.53   ? 59 SER D OG  1 
ATOM   1644 O OXT . SER D 1 59 ? 13.551  -13.963 12.049  1.00 50.52  ? 59 SER D OXT 1 
HETATM 1645 O O   . HOH E 2 .  ? -12.648 0.719   -5.273  1.00 23.76  ? 60 HOH A O   1 
HETATM 1646 O O   . HOH E 2 .  ? -15.298 -7.473  -1.686  1.00 31.04  ? 61 HOH A O   1 
HETATM 1647 O O   . HOH E 2 .  ? 13.853  -25.511 -13.885 1.00 41.92  ? 62 HOH A O   1 
HETATM 1648 O O   . HOH E 2 .  ? -1.863  -11.607 -15.699 1.00 30.82  ? 63 HOH A O   1 
HETATM 1649 O O   . HOH E 2 .  ? 9.919   -9.667  -9.278  1.00 33.69  ? 64 HOH A O   1 
HETATM 1650 O O   . HOH E 2 .  ? 9.361   -21.507 -8.419  1.00 31.48  ? 65 HOH A O   1 
HETATM 1651 O O   . HOH E 2 .  ? -8.310  -9.299  -12.623 1.00 26.18  ? 66 HOH A O   1 
HETATM 1652 O O   . HOH E 2 .  ? 11.713  -10.957 -29.556 1.00 21.48  ? 67 HOH A O   1 
HETATM 1653 O O   . HOH E 2 .  ? 3.608   -14.951 -5.271  1.00 33.11  ? 68 HOH A O   1 
HETATM 1654 O O   . HOH F 2 .  ? -0.226  -24.509 -0.904  0.50 28.22  ? 60 HOH B O   1 
HETATM 1655 O O   . HOH F 2 .  ? 0.871   -31.933 -15.999 1.00 27.68  ? 61 HOH B O   1 
HETATM 1656 O O   . HOH F 2 .  ? -0.734  -24.145 -6.451  1.00 27.44  ? 62 HOH B O   1 
HETATM 1657 O O   . HOH F 2 .  ? 3.978   -9.138  -26.654 1.00 33.87  ? 63 HOH B O   1 
HETATM 1658 O O   . HOH F 2 .  ? 1.803   -2.564  -21.947 1.00 24.88  ? 64 HOH B O   1 
HETATM 1659 O O   . HOH G 2 .  ? -4.899  13.386  27.668  1.00 48.65  ? 60 HOH C O   1 
HETATM 1660 O O   . HOH G 2 .  ? -11.631 -2.976  16.190  1.00 34.54  ? 61 HOH C O   1 
HETATM 1661 O O   . HOH G 2 .  ? -8.138  0.152   27.399  1.00 35.97  ? 62 HOH C O   1 
HETATM 1662 O O   . HOH G 2 .  ? -16.027 22.600  29.152  1.00 26.78  ? 63 HOH C O   1 
HETATM 1663 O O   . HOH G 2 .  ? 16.411  -2.397  3.039   1.00 17.42  ? 64 HOH C O   1 
HETATM 1664 O O   . HOH G 2 .  ? -18.704 16.466  30.660  1.00 21.69  ? 65 HOH C O   1 
HETATM 1665 O O   . HOH G 2 .  ? -3.985  -7.812  26.670  1.00 24.46  ? 66 HOH C O   1 
HETATM 1666 O O   . HOH H 2 .  ? -2.882  2.366   22.148  1.00 25.27  ? 60 HOH D O   1 
HETATM 1667 O O   . HOH H 2 .  ? -23.200 17.691  12.547  1.00 22.76  ? 61 HOH D O   1 
HETATM 1668 O O   . HOH H 2 .  ? -11.950 29.580  5.707   1.00 16.07  ? 62 HOH D O   1 
HETATM 1669 O O   . HOH H 2 .  ? 1.204   24.332  17.013  1.00 36.94  ? 63 HOH D O   1 
HETATM 1670 O O   . HOH H 2 .  ? -16.898 26.225  24.615  1.00 22.95  ? 64 HOH D O   1 
HETATM 1671 O O   . HOH H 2 .  ? -16.562 4.364   11.582  1.00 39.62  ? 65 HOH D O   1 
# 
loop_
_pdbx_poly_seq_scheme.asym_id 
_pdbx_poly_seq_scheme.entity_id 
_pdbx_poly_seq_scheme.seq_id 
_pdbx_poly_seq_scheme.mon_id 
_pdbx_poly_seq_scheme.ndb_seq_num 
_pdbx_poly_seq_scheme.pdb_seq_num 
_pdbx_poly_seq_scheme.auth_seq_num 
_pdbx_poly_seq_scheme.pdb_mon_id 
_pdbx_poly_seq_scheme.auth_mon_id 
_pdbx_poly_seq_scheme.pdb_strand_id 
_pdbx_poly_seq_scheme.pdb_ins_code 
_pdbx_poly_seq_scheme.hetero 
A 1 1  MET 1  1  ?  ?   ?   A . n 
A 1 2  LEU 2  2  ?  ?   ?   A . n 
A 1 3  PRO 3  3  ?  ?   ?   A . n 
A 1 4  PRO 4  4  ?  ?   ?   A . n 
A 1 5  LEU 5  5  ?  ?   ?   A . n 
A 1 6  PRO 6  6  ?  ?   ?   A . n 
A 1 7  ASP 7  7  ?  ?   ?   A . n 
A 1 8  PHE 8  8  ?  ?   ?   A . n 
A 1 9  SER 9  9  ?  ?   ?   A . n 
A 1 10 LEU 10 10 ?  ?   ?   A . n 
A 1 11 SER 11 11 ?  ?   ?   A . n 
A 1 12 VAL 12 12 12 VAL VAL A . n 
A 1 13 GLU 13 13 13 GLU GLU A . n 
A 1 14 GLN 14 14 14 GLN GLN A . n 
A 1 15 GLN 15 15 15 GLN GLN A . n 
A 1 16 PHE 16 16 16 PHE PHE A . n 
A 1 17 ASP 17 17 17 ASP ASP A . n 
A 1 18 LEU 18 18 18 LEU LEU A . n 
A 1 19 GLN 19 19 19 GLN GLN A . n 
A 1 20 LYS 20 20 20 LYS LYS A . n 
A 1 21 TYR 21 21 21 TYR TYR A . n 
A 1 22 ARG 22 22 22 ARG ARG A . n 
A 1 23 GLN 23 23 23 GLN GLN A . n 
A 1 24 GLN 24 24 24 GLN GLN A . n 
A 1 25 VAL 25 25 25 VAL VAL A . n 
A 1 26 ARG 26 26 26 ARG ARG A . n 
A 1 27 ASP 27 27 27 ASP ASP A . n 
A 1 28 ILE 28 28 28 ILE ILE A . n 
A 1 29 SER 29 29 29 SER SER A . n 
A 1 30 ARG 30 30 30 ARG ARG A . n 
A 1 31 GLU 31 31 31 GLU GLU A . n 
A 1 32 ASP 32 32 32 ASP ASP A . n 
A 1 33 LEU 33 33 33 LEU LEU A . n 
A 1 34 GLU 34 34 34 GLU GLU A . n 
A 1 35 ASP 35 35 35 ASP ASP A . n 
A 1 36 LEU 36 36 36 LEU LEU A . n 
A 1 37 PHE 37 37 37 PHE PHE A . n 
A 1 38 ILE 38 38 38 ILE ILE A . n 
A 1 39 GLU 39 39 39 GLU GLU A . n 
A 1 40 VAL 40 40 40 VAL VAL A . n 
A 1 41 VAL 41 41 41 VAL VAL A . n 
A 1 42 ARG 42 42 42 ARG ARG A . n 
A 1 43 GLN 43 43 43 GLN GLN A . n 
A 1 44 LYS 44 44 44 LYS LYS A . n 
A 1 45 MET 45 45 45 MET MET A . n 
A 1 46 ALA 46 46 46 ALA ALA A . n 
A 1 47 HIS 47 47 47 HIS HIS A . n 
A 1 48 GLU 48 48 48 GLU GLU A . n 
A 1 49 ASN 49 49 49 ASN ASN A . n 
A 1 50 ILE 50 50 50 ILE ILE A . n 
A 1 51 PHE 51 51 51 PHE PHE A . n 
A 1 52 LYS 52 52 52 LYS LYS A . n 
A 1 53 GLY 53 53 53 GLY GLY A . n 
A 1 54 MET 54 54 54 MET MET A . n 
A 1 55 ILE 55 55 55 ILE ILE A . n 
A 1 56 ARG 56 56 56 ARG ARG A . n 
A 1 57 GLN 57 57 57 GLN GLN A . n 
A 1 58 GLY 58 58 58 GLY GLY A . n 
A 1 59 SER 59 59 59 SER SER A . n 
B 1 1  MET 1  1  ?  ?   ?   B . n 
B 1 2  LEU 2  2  ?  ?   ?   B . n 
B 1 3  PRO 3  3  ?  ?   ?   B . n 
B 1 4  PRO 4  4  ?  ?   ?   B . n 
B 1 5  LEU 5  5  ?  ?   ?   B . n 
B 1 6  PRO 6  6  ?  ?   ?   B . n 
B 1 7  ASP 7  7  ?  ?   ?   B . n 
B 1 8  PHE 8  8  ?  ?   ?   B . n 
B 1 9  SER 9  9  ?  ?   ?   B . n 
B 1 10 LEU 10 10 ?  ?   ?   B . n 
B 1 11 SER 11 11 ?  ?   ?   B . n 
B 1 12 VAL 12 12 12 VAL VAL B . n 
B 1 13 GLU 13 13 13 GLU GLU B . n 
B 1 14 GLN 14 14 14 GLN GLN B . n 
B 1 15 GLN 15 15 15 GLN GLN B . n 
B 1 16 PHE 16 16 16 PHE PHE B . n 
B 1 17 ASP 17 17 17 ASP ASP B . n 
B 1 18 LEU 18 18 18 LEU LEU B . n 
B 1 19 GLN 19 19 19 GLN GLN B . n 
B 1 20 LYS 20 20 20 LYS LYS B . n 
B 1 21 TYR 21 21 21 TYR TYR B . n 
B 1 22 ARG 22 22 22 ARG ARG B . n 
B 1 23 GLN 23 23 23 GLN GLN B . n 
B 1 24 GLN 24 24 24 GLN GLN B . n 
B 1 25 VAL 25 25 25 VAL VAL B . n 
B 1 26 ARG 26 26 26 ARG ARG B . n 
B 1 27 ASP 27 27 27 ASP ASP B . n 
B 1 28 ILE 28 28 28 ILE ILE B . n 
B 1 29 SER 29 29 29 SER SER B . n 
B 1 30 ARG 30 30 30 ARG ARG B . n 
B 1 31 GLU 31 31 31 GLU GLU B . n 
B 1 32 ASP 32 32 32 ASP ASP B . n 
B 1 33 LEU 33 33 33 LEU LEU B . n 
B 1 34 GLU 34 34 34 GLU GLU B . n 
B 1 35 ASP 35 35 35 ASP ASP B . n 
B 1 36 LEU 36 36 36 LEU LEU B . n 
B 1 37 PHE 37 37 37 PHE PHE B . n 
B 1 38 ILE 38 38 38 ILE ILE B . n 
B 1 39 GLU 39 39 39 GLU GLU B . n 
B 1 40 VAL 40 40 40 VAL VAL B . n 
B 1 41 VAL 41 41 41 VAL VAL B . n 
B 1 42 ARG 42 42 42 ARG ARG B . n 
B 1 43 GLN 43 43 43 GLN GLN B . n 
B 1 44 LYS 44 44 44 LYS LYS B . n 
B 1 45 MET 45 45 45 MET MET B . n 
B 1 46 ALA 46 46 46 ALA ALA B . n 
B 1 47 HIS 47 47 47 HIS HIS B . n 
B 1 48 GLU 48 48 48 GLU GLU B . n 
B 1 49 ASN 49 49 49 ASN ASN B . n 
B 1 50 ILE 50 50 50 ILE ILE B . n 
B 1 51 PHE 51 51 51 PHE PHE B . n 
B 1 52 LYS 52 52 52 LYS LYS B . n 
B 1 53 GLY 53 53 53 GLY GLY B . n 
B 1 54 MET 54 54 54 MET MET B . n 
B 1 55 ILE 55 55 55 ILE ILE B . n 
B 1 56 ARG 56 56 56 ARG ARG B . n 
B 1 57 GLN 57 57 57 GLN GLN B . n 
B 1 58 GLY 58 58 58 GLY GLY B . n 
B 1 59 SER 59 59 59 SER SER B . n 
C 1 1  MET 1  1  ?  ?   ?   C . n 
C 1 2  LEU 2  2  ?  ?   ?   C . n 
C 1 3  PRO 3  3  ?  ?   ?   C . n 
C 1 4  PRO 4  4  ?  ?   ?   C . n 
C 1 5  LEU 5  5  ?  ?   ?   C . n 
C 1 6  PRO 6  6  ?  ?   ?   C . n 
C 1 7  ASP 7  7  ?  ?   ?   C . n 
C 1 8  PHE 8  8  ?  ?   ?   C . n 
C 1 9  SER 9  9  ?  ?   ?   C . n 
C 1 10 LEU 10 10 ?  ?   ?   C . n 
C 1 11 SER 11 11 ?  ?   ?   C . n 
C 1 12 VAL 12 12 12 VAL VAL C . n 
C 1 13 GLU 13 13 13 GLU GLU C . n 
C 1 14 GLN 14 14 14 GLN GLN C . n 
C 1 15 GLN 15 15 15 GLN GLN C . n 
C 1 16 PHE 16 16 16 PHE PHE C . n 
C 1 17 ASP 17 17 17 ASP ASP C . n 
C 1 18 LEU 18 18 18 LEU LEU C . n 
C 1 19 GLN 19 19 19 GLN GLN C . n 
C 1 20 LYS 20 20 20 LYS LYS C . n 
C 1 21 TYR 21 21 21 TYR TYR C . n 
C 1 22 ARG 22 22 22 ARG ARG C . n 
C 1 23 GLN 23 23 23 GLN GLN C . n 
C 1 24 GLN 24 24 24 GLN GLN C . n 
C 1 25 VAL 25 25 25 VAL VAL C . n 
C 1 26 ARG 26 26 26 ARG ARG C . n 
C 1 27 ASP 27 27 27 ASP ASP C . n 
C 1 28 ILE 28 28 28 ILE ILE C . n 
C 1 29 SER 29 29 29 SER SER C . n 
C 1 30 ARG 30 30 30 ARG ARG C . n 
C 1 31 GLU 31 31 31 GLU GLU C . n 
C 1 32 ASP 32 32 32 ASP ASP C . n 
C 1 33 LEU 33 33 33 LEU LEU C . n 
C 1 34 GLU 34 34 34 GLU GLU C . n 
C 1 35 ASP 35 35 35 ASP ASP C . n 
C 1 36 LEU 36 36 36 LEU LEU C . n 
C 1 37 PHE 37 37 37 PHE PHE C . n 
C 1 38 ILE 38 38 38 ILE ILE C . n 
C 1 39 GLU 39 39 39 GLU GLU C . n 
C 1 40 VAL 40 40 40 VAL VAL C . n 
C 1 41 VAL 41 41 41 VAL VAL C . n 
C 1 42 ARG 42 42 42 ARG ARG C . n 
C 1 43 GLN 43 43 43 GLN GLN C . n 
C 1 44 LYS 44 44 44 LYS LYS C . n 
C 1 45 MET 45 45 45 MET MET C . n 
C 1 46 ALA 46 46 46 ALA ALA C . n 
C 1 47 HIS 47 47 47 HIS HIS C . n 
C 1 48 GLU 48 48 48 GLU GLU C . n 
C 1 49 ASN 49 49 49 ASN ASN C . n 
C 1 50 ILE 50 50 50 ILE ILE C . n 
C 1 51 PHE 51 51 51 PHE PHE C . n 
C 1 52 LYS 52 52 52 LYS LYS C . n 
C 1 53 GLY 53 53 53 GLY GLY C . n 
C 1 54 MET 54 54 54 MET MET C . n 
C 1 55 ILE 55 55 55 ILE ILE C . n 
C 1 56 ARG 56 56 56 ARG ARG C . n 
C 1 57 GLN 57 57 57 GLN GLN C . n 
C 1 58 GLY 58 58 58 GLY GLY C . n 
C 1 59 SER 59 59 59 SER SER C . n 
D 1 1  MET 1  1  ?  ?   ?   D . n 
D 1 2  LEU 2  2  ?  ?   ?   D . n 
D 1 3  PRO 3  3  ?  ?   ?   D . n 
D 1 4  PRO 4  4  ?  ?   ?   D . n 
D 1 5  LEU 5  5  ?  ?   ?   D . n 
D 1 6  PRO 6  6  ?  ?   ?   D . n 
D 1 7  ASP 7  7  ?  ?   ?   D . n 
D 1 8  PHE 8  8  ?  ?   ?   D . n 
D 1 9  SER 9  9  ?  ?   ?   D . n 
D 1 10 LEU 10 10 ?  ?   ?   D . n 
D 1 11 SER 11 11 ?  ?   ?   D . n 
D 1 12 VAL 12 12 12 VAL VAL D . n 
D 1 13 GLU 13 13 13 GLU GLU D . n 
D 1 14 GLN 14 14 14 GLN GLN D . n 
D 1 15 GLN 15 15 15 GLN GLN D . n 
D 1 16 PHE 16 16 16 PHE PHE D . n 
D 1 17 ASP 17 17 17 ASP ASP D . n 
D 1 18 LEU 18 18 18 LEU LEU D . n 
D 1 19 GLN 19 19 19 GLN GLN D . n 
D 1 20 LYS 20 20 20 LYS LYS D . n 
D 1 21 TYR 21 21 21 TYR TYR D . n 
D 1 22 ARG 22 22 22 ARG ARG D . n 
D 1 23 GLN 23 23 23 GLN GLN D . n 
D 1 24 GLN 24 24 24 GLN GLN D . n 
D 1 25 VAL 25 25 25 VAL VAL D . n 
D 1 26 ARG 26 26 26 ARG ARG D . n 
D 1 27 ASP 27 27 27 ASP ASP D . n 
D 1 28 ILE 28 28 28 ILE ILE D . n 
D 1 29 SER 29 29 29 SER SER D . n 
D 1 30 ARG 30 30 30 ARG ARG D . n 
D 1 31 GLU 31 31 31 GLU GLU D . n 
D 1 32 ASP 32 32 32 ASP ASP D . n 
D 1 33 LEU 33 33 33 LEU LEU D . n 
D 1 34 GLU 34 34 34 GLU GLU D . n 
D 1 35 ASP 35 35 35 ASP ASP D . n 
D 1 36 LEU 36 36 36 LEU LEU D . n 
D 1 37 PHE 37 37 37 PHE PHE D . n 
D 1 38 ILE 38 38 38 ILE ILE D . n 
D 1 39 GLU 39 39 39 GLU GLU D . n 
D 1 40 VAL 40 40 40 VAL VAL D . n 
D 1 41 VAL 41 41 41 VAL VAL D . n 
D 1 42 ARG 42 42 42 ARG ARG D . n 
D 1 43 GLN 43 43 43 GLN GLN D . n 
D 1 44 LYS 44 44 44 LYS LYS D . n 
D 1 45 MET 45 45 45 MET MET D . n 
D 1 46 ALA 46 46 46 ALA ALA D . n 
D 1 47 HIS 47 47 47 HIS HIS D . n 
D 1 48 GLU 48 48 48 GLU GLU D . n 
D 1 49 ASN 49 49 49 ASN ASN D . n 
D 1 50 ILE 50 50 50 ILE ILE D . n 
D 1 51 PHE 51 51 51 PHE PHE D . n 
D 1 52 LYS 52 52 52 LYS LYS D . n 
D 1 53 GLY 53 53 53 GLY GLY D . n 
D 1 54 MET 54 54 54 MET MET D . n 
D 1 55 ILE 55 55 55 ILE ILE D . n 
D 1 56 ARG 56 56 56 ARG ARG D . n 
D 1 57 GLN 57 57 57 GLN GLN D . n 
D 1 58 GLY 58 58 58 GLY GLY D . n 
D 1 59 SER 59 59 59 SER SER D . n 
# 
loop_
_pdbx_nonpoly_scheme.asym_id 
_pdbx_nonpoly_scheme.entity_id 
_pdbx_nonpoly_scheme.mon_id 
_pdbx_nonpoly_scheme.ndb_seq_num 
_pdbx_nonpoly_scheme.pdb_seq_num 
_pdbx_nonpoly_scheme.auth_seq_num 
_pdbx_nonpoly_scheme.pdb_mon_id 
_pdbx_nonpoly_scheme.auth_mon_id 
_pdbx_nonpoly_scheme.pdb_strand_id 
_pdbx_nonpoly_scheme.pdb_ins_code 
E 2 HOH 1 60 2  HOH HOH A . 
E 2 HOH 2 61 6  HOH HOH A . 
E 2 HOH 3 62 7  HOH HOH A . 
E 2 HOH 4 63 10 HOH HOH A . 
E 2 HOH 5 64 15 HOH HOH A . 
E 2 HOH 6 65 16 HOH HOH A . 
E 2 HOH 7 66 17 HOH HOH A . 
E 2 HOH 8 67 22 HOH HOH A . 
E 2 HOH 9 68 23 HOH HOH A . 
F 2 HOH 1 60 1  HOH HOH B . 
F 2 HOH 2 61 4  HOH HOH B . 
F 2 HOH 3 62 20 HOH HOH B . 
F 2 HOH 4 63 21 HOH HOH B . 
F 2 HOH 5 64 26 HOH HOH B . 
G 2 HOH 1 60 3  HOH HOH C . 
G 2 HOH 2 61 5  HOH HOH C . 
G 2 HOH 3 62 11 HOH HOH C . 
G 2 HOH 4 63 12 HOH HOH C . 
G 2 HOH 5 64 13 HOH HOH C . 
G 2 HOH 6 65 19 HOH HOH C . 
G 2 HOH 7 66 27 HOH HOH C . 
H 2 HOH 1 60 8  HOH HOH D . 
H 2 HOH 2 61 9  HOH HOH D . 
H 2 HOH 3 62 14 HOH HOH D . 
H 2 HOH 4 63 18 HOH HOH D . 
H 2 HOH 5 64 24 HOH HOH D . 
H 2 HOH 6 65 25 HOH HOH D . 
# 
loop_
_pdbx_struct_assembly.id 
_pdbx_struct_assembly.details 
_pdbx_struct_assembly.method_details 
_pdbx_struct_assembly.oligomeric_details 
_pdbx_struct_assembly.oligomeric_count 
1 author_and_software_defined_assembly PISA dimeric 2 
2 author_and_software_defined_assembly PISA dimeric 2 
# 
loop_
_pdbx_struct_assembly_gen.assembly_id 
_pdbx_struct_assembly_gen.oper_expression 
_pdbx_struct_assembly_gen.asym_id_list 
1 1 A,B,E,F 
2 1 C,D,G,H 
# 
loop_
_pdbx_struct_assembly_prop.biol_id 
_pdbx_struct_assembly_prop.type 
_pdbx_struct_assembly_prop.value 
_pdbx_struct_assembly_prop.details 
1 'ABSA (A^2)' 2630  ? 
1 MORE         -23.1 ? 
1 'SSA (A^2)'  7390  ? 
2 'ABSA (A^2)' 2940  ? 
2 MORE         -23.0 ? 
2 'SSA (A^2)'  7230  ? 
# 
_pdbx_struct_oper_list.id                   1 
_pdbx_struct_oper_list.type                 'identity operation' 
_pdbx_struct_oper_list.name                 1_555 
_pdbx_struct_oper_list.symmetry_operation   x,y,z 
_pdbx_struct_oper_list.matrix[1][1]         1.0000000000 
_pdbx_struct_oper_list.matrix[1][2]         0.0000000000 
_pdbx_struct_oper_list.matrix[1][3]         0.0000000000 
_pdbx_struct_oper_list.vector[1]            0.0000000000 
_pdbx_struct_oper_list.matrix[2][1]         0.0000000000 
_pdbx_struct_oper_list.matrix[2][2]         1.0000000000 
_pdbx_struct_oper_list.matrix[2][3]         0.0000000000 
_pdbx_struct_oper_list.vector[2]            0.0000000000 
_pdbx_struct_oper_list.matrix[3][1]         0.0000000000 
_pdbx_struct_oper_list.matrix[3][2]         0.0000000000 
_pdbx_struct_oper_list.matrix[3][3]         1.0000000000 
_pdbx_struct_oper_list.vector[3]            0.0000000000 
# 
_pdbx_struct_special_symmetry.id              1 
_pdbx_struct_special_symmetry.PDB_model_num   1 
_pdbx_struct_special_symmetry.auth_asym_id    B 
_pdbx_struct_special_symmetry.auth_comp_id    HOH 
_pdbx_struct_special_symmetry.auth_seq_id     60 
_pdbx_struct_special_symmetry.PDB_ins_code    ? 
_pdbx_struct_special_symmetry.label_asym_id   F 
_pdbx_struct_special_symmetry.label_comp_id   HOH 
_pdbx_struct_special_symmetry.label_seq_id    . 
# 
loop_
_pdbx_audit_revision_history.ordinal 
_pdbx_audit_revision_history.data_content_type 
_pdbx_audit_revision_history.major_revision 
_pdbx_audit_revision_history.minor_revision 
_pdbx_audit_revision_history.revision_date 
1 'Structure model' 1 0 2008-09-09 
2 'Structure model' 1 1 2011-07-13 
3 'Structure model' 1 2 2023-11-01 
# 
_pdbx_audit_revision_details.ordinal             1 
_pdbx_audit_revision_details.revision_ordinal    1 
_pdbx_audit_revision_details.data_content_type   'Structure model' 
_pdbx_audit_revision_details.provider            repository 
_pdbx_audit_revision_details.type                'Initial release' 
_pdbx_audit_revision_details.description         ? 
_pdbx_audit_revision_details.details             ? 
# 
loop_
_pdbx_audit_revision_group.ordinal 
_pdbx_audit_revision_group.revision_ordinal 
_pdbx_audit_revision_group.data_content_type 
_pdbx_audit_revision_group.group 
1 2 'Structure model' 'Version format compliance' 
2 3 'Structure model' 'Data collection'           
3 3 'Structure model' 'Database references'       
4 3 'Structure model' 'Refinement description'    
# 
loop_
_pdbx_audit_revision_category.ordinal 
_pdbx_audit_revision_category.revision_ordinal 
_pdbx_audit_revision_category.data_content_type 
_pdbx_audit_revision_category.category 
1 3 'Structure model' chem_comp_atom                
2 3 'Structure model' chem_comp_bond                
3 3 'Structure model' database_2                    
4 3 'Structure model' pdbx_initial_refinement_model 
# 
loop_
_pdbx_audit_revision_item.ordinal 
_pdbx_audit_revision_item.revision_ordinal 
_pdbx_audit_revision_item.data_content_type 
_pdbx_audit_revision_item.item 
1 3 'Structure model' '_database_2.pdbx_DOI'                
2 3 'Structure model' '_database_2.pdbx_database_accession' 
# 
loop_
_software.name 
_software.classification 
_software.version 
_software.citation_id 
_software.pdbx_ordinal 
DNA       'data collection' . ? 1 
PHASER    phasing           . ? 2 
SHELXL-97 refinement        . ? 3 
MOSFLM    'data reduction'  . ? 4 
SCALA     'data scaling'    . ? 5 
# 
loop_
_pdbx_validate_close_contact.id 
_pdbx_validate_close_contact.PDB_model_num 
_pdbx_validate_close_contact.auth_atom_id_1 
_pdbx_validate_close_contact.auth_asym_id_1 
_pdbx_validate_close_contact.auth_comp_id_1 
_pdbx_validate_close_contact.auth_seq_id_1 
_pdbx_validate_close_contact.PDB_ins_code_1 
_pdbx_validate_close_contact.label_alt_id_1 
_pdbx_validate_close_contact.auth_atom_id_2 
_pdbx_validate_close_contact.auth_asym_id_2 
_pdbx_validate_close_contact.auth_comp_id_2 
_pdbx_validate_close_contact.auth_seq_id_2 
_pdbx_validate_close_contact.PDB_ins_code_2 
_pdbx_validate_close_contact.label_alt_id_2 
_pdbx_validate_close_contact.dist 
1 1 CG2 D ILE 28 ? ? CG  D LEU 33 ? ? 1.78 
2 1 CD1 D ILE 28 ? ? CD2 D LEU 33 ? ? 1.99 
3 1 CG2 D ILE 28 ? ? CD2 D LEU 33 ? ? 2.19 
# 
loop_
_pdbx_validate_torsion.id 
_pdbx_validate_torsion.PDB_model_num 
_pdbx_validate_torsion.auth_comp_id 
_pdbx_validate_torsion.auth_asym_id 
_pdbx_validate_torsion.auth_seq_id 
_pdbx_validate_torsion.PDB_ins_code 
_pdbx_validate_torsion.label_alt_id 
_pdbx_validate_torsion.phi 
_pdbx_validate_torsion.psi 
1  1 ARG A 30 ? ? -45.60  -81.48 
2  1 GLN A 43 ? ? -44.48  -80.91 
3  1 ARG A 56 ? ? -108.33 70.52  
4  1 GLN A 57 ? ? -176.40 -19.73 
5  1 GLN B 24 ? ? -70.60  -86.88 
6  1 VAL B 25 ? ? -19.49  -58.40 
7  1 ARG B 26 ? ? -25.80  -37.17 
8  1 GLN C 24 ? ? -51.67  -70.58 
9  1 GLU C 39 ? ? -65.06  -81.42 
10 1 GLN C 43 ? ? -94.28  30.11  
11 1 LYS C 52 ? ? -51.05  -70.97 
12 1 GLU D 13 ? ? -39.95  -71.80 
13 1 LYS D 44 ? ? -54.01  -4.88  
# 
_pdbx_validate_peptide_omega.id               1 
_pdbx_validate_peptide_omega.PDB_model_num    1 
_pdbx_validate_peptide_omega.auth_comp_id_1   GLU 
_pdbx_validate_peptide_omega.auth_asym_id_1   C 
_pdbx_validate_peptide_omega.auth_seq_id_1    13 
_pdbx_validate_peptide_omega.PDB_ins_code_1   ? 
_pdbx_validate_peptide_omega.label_alt_id_1   ? 
_pdbx_validate_peptide_omega.auth_comp_id_2   GLN 
_pdbx_validate_peptide_omega.auth_asym_id_2   C 
_pdbx_validate_peptide_omega.auth_seq_id_2    14 
_pdbx_validate_peptide_omega.PDB_ins_code_2   ? 
_pdbx_validate_peptide_omega.label_alt_id_2   ? 
_pdbx_validate_peptide_omega.omega            143.91 
# 
_pdbx_validate_main_chain_plane.id                       1 
_pdbx_validate_main_chain_plane.PDB_model_num            1 
_pdbx_validate_main_chain_plane.auth_comp_id             ARG 
_pdbx_validate_main_chain_plane.auth_asym_id             D 
_pdbx_validate_main_chain_plane.auth_seq_id              42 
_pdbx_validate_main_chain_plane.PDB_ins_code             ? 
_pdbx_validate_main_chain_plane.label_alt_id             ? 
_pdbx_validate_main_chain_plane.improper_torsion_angle   -10.73 
# 
_pdbx_validate_planes.id              1 
_pdbx_validate_planes.PDB_model_num   1 
_pdbx_validate_planes.auth_comp_id    ARG 
_pdbx_validate_planes.auth_asym_id    A 
_pdbx_validate_planes.auth_seq_id     42 
_pdbx_validate_planes.PDB_ins_code    ? 
_pdbx_validate_planes.label_alt_id    ? 
_pdbx_validate_planes.rmsd            0.283 
_pdbx_validate_planes.type            'SIDE CHAIN' 
# 
loop_
_pdbx_unobs_or_zero_occ_residues.id 
_pdbx_unobs_or_zero_occ_residues.PDB_model_num 
_pdbx_unobs_or_zero_occ_residues.polymer_flag 
_pdbx_unobs_or_zero_occ_residues.occupancy_flag 
_pdbx_unobs_or_zero_occ_residues.auth_asym_id 
_pdbx_unobs_or_zero_occ_residues.auth_comp_id 
_pdbx_unobs_or_zero_occ_residues.auth_seq_id 
_pdbx_unobs_or_zero_occ_residues.PDB_ins_code 
_pdbx_unobs_or_zero_occ_residues.label_asym_id 
_pdbx_unobs_or_zero_occ_residues.label_comp_id 
_pdbx_unobs_or_zero_occ_residues.label_seq_id 
1  1 Y 1 A MET 1  ? A MET 1  
2  1 Y 1 A LEU 2  ? A LEU 2  
3  1 Y 1 A PRO 3  ? A PRO 3  
4  1 Y 1 A PRO 4  ? A PRO 4  
5  1 Y 1 A LEU 5  ? A LEU 5  
6  1 Y 1 A PRO 6  ? A PRO 6  
7  1 Y 1 A ASP 7  ? A ASP 7  
8  1 Y 1 A PHE 8  ? A PHE 8  
9  1 Y 1 A SER 9  ? A SER 9  
10 1 Y 1 A LEU 10 ? A LEU 10 
11 1 Y 1 A SER 11 ? A SER 11 
12 1 Y 1 B MET 1  ? B MET 1  
13 1 Y 1 B LEU 2  ? B LEU 2  
14 1 Y 1 B PRO 3  ? B PRO 3  
15 1 Y 1 B PRO 4  ? B PRO 4  
16 1 Y 1 B LEU 5  ? B LEU 5  
17 1 Y 1 B PRO 6  ? B PRO 6  
18 1 Y 1 B ASP 7  ? B ASP 7  
19 1 Y 1 B PHE 8  ? B PHE 8  
20 1 Y 1 B SER 9  ? B SER 9  
21 1 Y 1 B LEU 10 ? B LEU 10 
22 1 Y 1 B SER 11 ? B SER 11 
23 1 Y 1 C MET 1  ? C MET 1  
24 1 Y 1 C LEU 2  ? C LEU 2  
25 1 Y 1 C PRO 3  ? C PRO 3  
26 1 Y 1 C PRO 4  ? C PRO 4  
27 1 Y 1 C LEU 5  ? C LEU 5  
28 1 Y 1 C PRO 6  ? C PRO 6  
29 1 Y 1 C ASP 7  ? C ASP 7  
30 1 Y 1 C PHE 8  ? C PHE 8  
31 1 Y 1 C SER 9  ? C SER 9  
32 1 Y 1 C LEU 10 ? C LEU 10 
33 1 Y 1 C SER 11 ? C SER 11 
34 1 Y 1 D MET 1  ? D MET 1  
35 1 Y 1 D LEU 2  ? D LEU 2  
36 1 Y 1 D PRO 3  ? D PRO 3  
37 1 Y 1 D PRO 4  ? D PRO 4  
38 1 Y 1 D LEU 5  ? D LEU 5  
39 1 Y 1 D PRO 6  ? D PRO 6  
40 1 Y 1 D ASP 7  ? D ASP 7  
41 1 Y 1 D PHE 8  ? D PHE 8  
42 1 Y 1 D SER 9  ? D SER 9  
43 1 Y 1 D LEU 10 ? D LEU 10 
44 1 Y 1 D SER 11 ? D SER 11 
# 
loop_
_chem_comp_atom.comp_id 
_chem_comp_atom.atom_id 
_chem_comp_atom.type_symbol 
_chem_comp_atom.pdbx_aromatic_flag 
_chem_comp_atom.pdbx_stereo_config 
_chem_comp_atom.pdbx_ordinal 
ALA N    N N N 1   
ALA CA   C N S 2   
ALA C    C N N 3   
ALA O    O N N 4   
ALA CB   C N N 5   
ALA OXT  O N N 6   
ALA H    H N N 7   
ALA H2   H N N 8   
ALA HA   H N N 9   
ALA HB1  H N N 10  
ALA HB2  H N N 11  
ALA HB3  H N N 12  
ALA HXT  H N N 13  
ARG N    N N N 14  
ARG CA   C N S 15  
ARG C    C N N 16  
ARG O    O N N 17  
ARG CB   C N N 18  
ARG CG   C N N 19  
ARG CD   C N N 20  
ARG NE   N N N 21  
ARG CZ   C N N 22  
ARG NH1  N N N 23  
ARG NH2  N N N 24  
ARG OXT  O N N 25  
ARG H    H N N 26  
ARG H2   H N N 27  
ARG HA   H N N 28  
ARG HB2  H N N 29  
ARG HB3  H N N 30  
ARG HG2  H N N 31  
ARG HG3  H N N 32  
ARG HD2  H N N 33  
ARG HD3  H N N 34  
ARG HE   H N N 35  
ARG HH11 H N N 36  
ARG HH12 H N N 37  
ARG HH21 H N N 38  
ARG HH22 H N N 39  
ARG HXT  H N N 40  
ASN N    N N N 41  
ASN CA   C N S 42  
ASN C    C N N 43  
ASN O    O N N 44  
ASN CB   C N N 45  
ASN CG   C N N 46  
ASN OD1  O N N 47  
ASN ND2  N N N 48  
ASN OXT  O N N 49  
ASN H    H N N 50  
ASN H2   H N N 51  
ASN HA   H N N 52  
ASN HB2  H N N 53  
ASN HB3  H N N 54  
ASN HD21 H N N 55  
ASN HD22 H N N 56  
ASN HXT  H N N 57  
ASP N    N N N 58  
ASP CA   C N S 59  
ASP C    C N N 60  
ASP O    O N N 61  
ASP CB   C N N 62  
ASP CG   C N N 63  
ASP OD1  O N N 64  
ASP OD2  O N N 65  
ASP OXT  O N N 66  
ASP H    H N N 67  
ASP H2   H N N 68  
ASP HA   H N N 69  
ASP HB2  H N N 70  
ASP HB3  H N N 71  
ASP HD2  H N N 72  
ASP HXT  H N N 73  
GLN N    N N N 74  
GLN CA   C N S 75  
GLN C    C N N 76  
GLN O    O N N 77  
GLN CB   C N N 78  
GLN CG   C N N 79  
GLN CD   C N N 80  
GLN OE1  O N N 81  
GLN NE2  N N N 82  
GLN OXT  O N N 83  
GLN H    H N N 84  
GLN H2   H N N 85  
GLN HA   H N N 86  
GLN HB2  H N N 87  
GLN HB3  H N N 88  
GLN HG2  H N N 89  
GLN HG3  H N N 90  
GLN HE21 H N N 91  
GLN HE22 H N N 92  
GLN HXT  H N N 93  
GLU N    N N N 94  
GLU CA   C N S 95  
GLU C    C N N 96  
GLU O    O N N 97  
GLU CB   C N N 98  
GLU CG   C N N 99  
GLU CD   C N N 100 
GLU OE1  O N N 101 
GLU OE2  O N N 102 
GLU OXT  O N N 103 
GLU H    H N N 104 
GLU H2   H N N 105 
GLU HA   H N N 106 
GLU HB2  H N N 107 
GLU HB3  H N N 108 
GLU HG2  H N N 109 
GLU HG3  H N N 110 
GLU HE2  H N N 111 
GLU HXT  H N N 112 
GLY N    N N N 113 
GLY CA   C N N 114 
GLY C    C N N 115 
GLY O    O N N 116 
GLY OXT  O N N 117 
GLY H    H N N 118 
GLY H2   H N N 119 
GLY HA2  H N N 120 
GLY HA3  H N N 121 
GLY HXT  H N N 122 
HIS N    N N N 123 
HIS CA   C N S 124 
HIS C    C N N 125 
HIS O    O N N 126 
HIS CB   C N N 127 
HIS CG   C Y N 128 
HIS ND1  N Y N 129 
HIS CD2  C Y N 130 
HIS CE1  C Y N 131 
HIS NE2  N Y N 132 
HIS OXT  O N N 133 
HIS H    H N N 134 
HIS H2   H N N 135 
HIS HA   H N N 136 
HIS HB2  H N N 137 
HIS HB3  H N N 138 
HIS HD1  H N N 139 
HIS HD2  H N N 140 
HIS HE1  H N N 141 
HIS HE2  H N N 142 
HIS HXT  H N N 143 
HOH O    O N N 144 
HOH H1   H N N 145 
HOH H2   H N N 146 
ILE N    N N N 147 
ILE CA   C N S 148 
ILE C    C N N 149 
ILE O    O N N 150 
ILE CB   C N S 151 
ILE CG1  C N N 152 
ILE CG2  C N N 153 
ILE CD1  C N N 154 
ILE OXT  O N N 155 
ILE H    H N N 156 
ILE H2   H N N 157 
ILE HA   H N N 158 
ILE HB   H N N 159 
ILE HG12 H N N 160 
ILE HG13 H N N 161 
ILE HG21 H N N 162 
ILE HG22 H N N 163 
ILE HG23 H N N 164 
ILE HD11 H N N 165 
ILE HD12 H N N 166 
ILE HD13 H N N 167 
ILE HXT  H N N 168 
LEU N    N N N 169 
LEU CA   C N S 170 
LEU C    C N N 171 
LEU O    O N N 172 
LEU CB   C N N 173 
LEU CG   C N N 174 
LEU CD1  C N N 175 
LEU CD2  C N N 176 
LEU OXT  O N N 177 
LEU H    H N N 178 
LEU H2   H N N 179 
LEU HA   H N N 180 
LEU HB2  H N N 181 
LEU HB3  H N N 182 
LEU HG   H N N 183 
LEU HD11 H N N 184 
LEU HD12 H N N 185 
LEU HD13 H N N 186 
LEU HD21 H N N 187 
LEU HD22 H N N 188 
LEU HD23 H N N 189 
LEU HXT  H N N 190 
LYS N    N N N 191 
LYS CA   C N S 192 
LYS C    C N N 193 
LYS O    O N N 194 
LYS CB   C N N 195 
LYS CG   C N N 196 
LYS CD   C N N 197 
LYS CE   C N N 198 
LYS NZ   N N N 199 
LYS OXT  O N N 200 
LYS H    H N N 201 
LYS H2   H N N 202 
LYS HA   H N N 203 
LYS HB2  H N N 204 
LYS HB3  H N N 205 
LYS HG2  H N N 206 
LYS HG3  H N N 207 
LYS HD2  H N N 208 
LYS HD3  H N N 209 
LYS HE2  H N N 210 
LYS HE3  H N N 211 
LYS HZ1  H N N 212 
LYS HZ2  H N N 213 
LYS HZ3  H N N 214 
LYS HXT  H N N 215 
MET N    N N N 216 
MET CA   C N S 217 
MET C    C N N 218 
MET O    O N N 219 
MET CB   C N N 220 
MET CG   C N N 221 
MET SD   S N N 222 
MET CE   C N N 223 
MET OXT  O N N 224 
MET H    H N N 225 
MET H2   H N N 226 
MET HA   H N N 227 
MET HB2  H N N 228 
MET HB3  H N N 229 
MET HG2  H N N 230 
MET HG3  H N N 231 
MET HE1  H N N 232 
MET HE2  H N N 233 
MET HE3  H N N 234 
MET HXT  H N N 235 
PHE N    N N N 236 
PHE CA   C N S 237 
PHE C    C N N 238 
PHE O    O N N 239 
PHE CB   C N N 240 
PHE CG   C Y N 241 
PHE CD1  C Y N 242 
PHE CD2  C Y N 243 
PHE CE1  C Y N 244 
PHE CE2  C Y N 245 
PHE CZ   C Y N 246 
PHE OXT  O N N 247 
PHE H    H N N 248 
PHE H2   H N N 249 
PHE HA   H N N 250 
PHE HB2  H N N 251 
PHE HB3  H N N 252 
PHE HD1  H N N 253 
PHE HD2  H N N 254 
PHE HE1  H N N 255 
PHE HE2  H N N 256 
PHE HZ   H N N 257 
PHE HXT  H N N 258 
PRO N    N N N 259 
PRO CA   C N S 260 
PRO C    C N N 261 
PRO O    O N N 262 
PRO CB   C N N 263 
PRO CG   C N N 264 
PRO CD   C N N 265 
PRO OXT  O N N 266 
PRO H    H N N 267 
PRO HA   H N N 268 
PRO HB2  H N N 269 
PRO HB3  H N N 270 
PRO HG2  H N N 271 
PRO HG3  H N N 272 
PRO HD2  H N N 273 
PRO HD3  H N N 274 
PRO HXT  H N N 275 
SER N    N N N 276 
SER CA   C N S 277 
SER C    C N N 278 
SER O    O N N 279 
SER CB   C N N 280 
SER OG   O N N 281 
SER OXT  O N N 282 
SER H    H N N 283 
SER H2   H N N 284 
SER HA   H N N 285 
SER HB2  H N N 286 
SER HB3  H N N 287 
SER HG   H N N 288 
SER HXT  H N N 289 
TYR N    N N N 290 
TYR CA   C N S 291 
TYR C    C N N 292 
TYR O    O N N 293 
TYR CB   C N N 294 
TYR CG   C Y N 295 
TYR CD1  C Y N 296 
TYR CD2  C Y N 297 
TYR CE1  C Y N 298 
TYR CE2  C Y N 299 
TYR CZ   C Y N 300 
TYR OH   O N N 301 
TYR OXT  O N N 302 
TYR H    H N N 303 
TYR H2   H N N 304 
TYR HA   H N N 305 
TYR HB2  H N N 306 
TYR HB3  H N N 307 
TYR HD1  H N N 308 
TYR HD2  H N N 309 
TYR HE1  H N N 310 
TYR HE2  H N N 311 
TYR HH   H N N 312 
TYR HXT  H N N 313 
VAL N    N N N 314 
VAL CA   C N S 315 
VAL C    C N N 316 
VAL O    O N N 317 
VAL CB   C N N 318 
VAL CG1  C N N 319 
VAL CG2  C N N 320 
VAL OXT  O N N 321 
VAL H    H N N 322 
VAL H2   H N N 323 
VAL HA   H N N 324 
VAL HB   H N N 325 
VAL HG11 H N N 326 
VAL HG12 H N N 327 
VAL HG13 H N N 328 
VAL HG21 H N N 329 
VAL HG22 H N N 330 
VAL HG23 H N N 331 
VAL HXT  H N N 332 
# 
loop_
_chem_comp_bond.comp_id 
_chem_comp_bond.atom_id_1 
_chem_comp_bond.atom_id_2 
_chem_comp_bond.value_order 
_chem_comp_bond.pdbx_aromatic_flag 
_chem_comp_bond.pdbx_stereo_config 
_chem_comp_bond.pdbx_ordinal 
ALA N   CA   sing N N 1   
ALA N   H    sing N N 2   
ALA N   H2   sing N N 3   
ALA CA  C    sing N N 4   
ALA CA  CB   sing N N 5   
ALA CA  HA   sing N N 6   
ALA C   O    doub N N 7   
ALA C   OXT  sing N N 8   
ALA CB  HB1  sing N N 9   
ALA CB  HB2  sing N N 10  
ALA CB  HB3  sing N N 11  
ALA OXT HXT  sing N N 12  
ARG N   CA   sing N N 13  
ARG N   H    sing N N 14  
ARG N   H2   sing N N 15  
ARG CA  C    sing N N 16  
ARG CA  CB   sing N N 17  
ARG CA  HA   sing N N 18  
ARG C   O    doub N N 19  
ARG C   OXT  sing N N 20  
ARG CB  CG   sing N N 21  
ARG CB  HB2  sing N N 22  
ARG CB  HB3  sing N N 23  
ARG CG  CD   sing N N 24  
ARG CG  HG2  sing N N 25  
ARG CG  HG3  sing N N 26  
ARG CD  NE   sing N N 27  
ARG CD  HD2  sing N N 28  
ARG CD  HD3  sing N N 29  
ARG NE  CZ   sing N N 30  
ARG NE  HE   sing N N 31  
ARG CZ  NH1  sing N N 32  
ARG CZ  NH2  doub N N 33  
ARG NH1 HH11 sing N N 34  
ARG NH1 HH12 sing N N 35  
ARG NH2 HH21 sing N N 36  
ARG NH2 HH22 sing N N 37  
ARG OXT HXT  sing N N 38  
ASN N   CA   sing N N 39  
ASN N   H    sing N N 40  
ASN N   H2   sing N N 41  
ASN CA  C    sing N N 42  
ASN CA  CB   sing N N 43  
ASN CA  HA   sing N N 44  
ASN C   O    doub N N 45  
ASN C   OXT  sing N N 46  
ASN CB  CG   sing N N 47  
ASN CB  HB2  sing N N 48  
ASN CB  HB3  sing N N 49  
ASN CG  OD1  doub N N 50  
ASN CG  ND2  sing N N 51  
ASN ND2 HD21 sing N N 52  
ASN ND2 HD22 sing N N 53  
ASN OXT HXT  sing N N 54  
ASP N   CA   sing N N 55  
ASP N   H    sing N N 56  
ASP N   H2   sing N N 57  
ASP CA  C    sing N N 58  
ASP CA  CB   sing N N 59  
ASP CA  HA   sing N N 60  
ASP C   O    doub N N 61  
ASP C   OXT  sing N N 62  
ASP CB  CG   sing N N 63  
ASP CB  HB2  sing N N 64  
ASP CB  HB3  sing N N 65  
ASP CG  OD1  doub N N 66  
ASP CG  OD2  sing N N 67  
ASP OD2 HD2  sing N N 68  
ASP OXT HXT  sing N N 69  
GLN N   CA   sing N N 70  
GLN N   H    sing N N 71  
GLN N   H2   sing N N 72  
GLN CA  C    sing N N 73  
GLN CA  CB   sing N N 74  
GLN CA  HA   sing N N 75  
GLN C   O    doub N N 76  
GLN C   OXT  sing N N 77  
GLN CB  CG   sing N N 78  
GLN CB  HB2  sing N N 79  
GLN CB  HB3  sing N N 80  
GLN CG  CD   sing N N 81  
GLN CG  HG2  sing N N 82  
GLN CG  HG3  sing N N 83  
GLN CD  OE1  doub N N 84  
GLN CD  NE2  sing N N 85  
GLN NE2 HE21 sing N N 86  
GLN NE2 HE22 sing N N 87  
GLN OXT HXT  sing N N 88  
GLU N   CA   sing N N 89  
GLU N   H    sing N N 90  
GLU N   H2   sing N N 91  
GLU CA  C    sing N N 92  
GLU CA  CB   sing N N 93  
GLU CA  HA   sing N N 94  
GLU C   O    doub N N 95  
GLU C   OXT  sing N N 96  
GLU CB  CG   sing N N 97  
GLU CB  HB2  sing N N 98  
GLU CB  HB3  sing N N 99  
GLU CG  CD   sing N N 100 
GLU CG  HG2  sing N N 101 
GLU CG  HG3  sing N N 102 
GLU CD  OE1  doub N N 103 
GLU CD  OE2  sing N N 104 
GLU OE2 HE2  sing N N 105 
GLU OXT HXT  sing N N 106 
GLY N   CA   sing N N 107 
GLY N   H    sing N N 108 
GLY N   H2   sing N N 109 
GLY CA  C    sing N N 110 
GLY CA  HA2  sing N N 111 
GLY CA  HA3  sing N N 112 
GLY C   O    doub N N 113 
GLY C   OXT  sing N N 114 
GLY OXT HXT  sing N N 115 
HIS N   CA   sing N N 116 
HIS N   H    sing N N 117 
HIS N   H2   sing N N 118 
HIS CA  C    sing N N 119 
HIS CA  CB   sing N N 120 
HIS CA  HA   sing N N 121 
HIS C   O    doub N N 122 
HIS C   OXT  sing N N 123 
HIS CB  CG   sing N N 124 
HIS CB  HB2  sing N N 125 
HIS CB  HB3  sing N N 126 
HIS CG  ND1  sing Y N 127 
HIS CG  CD2  doub Y N 128 
HIS ND1 CE1  doub Y N 129 
HIS ND1 HD1  sing N N 130 
HIS CD2 NE2  sing Y N 131 
HIS CD2 HD2  sing N N 132 
HIS CE1 NE2  sing Y N 133 
HIS CE1 HE1  sing N N 134 
HIS NE2 HE2  sing N N 135 
HIS OXT HXT  sing N N 136 
HOH O   H1   sing N N 137 
HOH O   H2   sing N N 138 
ILE N   CA   sing N N 139 
ILE N   H    sing N N 140 
ILE N   H2   sing N N 141 
ILE CA  C    sing N N 142 
ILE CA  CB   sing N N 143 
ILE CA  HA   sing N N 144 
ILE C   O    doub N N 145 
ILE C   OXT  sing N N 146 
ILE CB  CG1  sing N N 147 
ILE CB  CG2  sing N N 148 
ILE CB  HB   sing N N 149 
ILE CG1 CD1  sing N N 150 
ILE CG1 HG12 sing N N 151 
ILE CG1 HG13 sing N N 152 
ILE CG2 HG21 sing N N 153 
ILE CG2 HG22 sing N N 154 
ILE CG2 HG23 sing N N 155 
ILE CD1 HD11 sing N N 156 
ILE CD1 HD12 sing N N 157 
ILE CD1 HD13 sing N N 158 
ILE OXT HXT  sing N N 159 
LEU N   CA   sing N N 160 
LEU N   H    sing N N 161 
LEU N   H2   sing N N 162 
LEU CA  C    sing N N 163 
LEU CA  CB   sing N N 164 
LEU CA  HA   sing N N 165 
LEU C   O    doub N N 166 
LEU C   OXT  sing N N 167 
LEU CB  CG   sing N N 168 
LEU CB  HB2  sing N N 169 
LEU CB  HB3  sing N N 170 
LEU CG  CD1  sing N N 171 
LEU CG  CD2  sing N N 172 
LEU CG  HG   sing N N 173 
LEU CD1 HD11 sing N N 174 
LEU CD1 HD12 sing N N 175 
LEU CD1 HD13 sing N N 176 
LEU CD2 HD21 sing N N 177 
LEU CD2 HD22 sing N N 178 
LEU CD2 HD23 sing N N 179 
LEU OXT HXT  sing N N 180 
LYS N   CA   sing N N 181 
LYS N   H    sing N N 182 
LYS N   H2   sing N N 183 
LYS CA  C    sing N N 184 
LYS CA  CB   sing N N 185 
LYS CA  HA   sing N N 186 
LYS C   O    doub N N 187 
LYS C   OXT  sing N N 188 
LYS CB  CG   sing N N 189 
LYS CB  HB2  sing N N 190 
LYS CB  HB3  sing N N 191 
LYS CG  CD   sing N N 192 
LYS CG  HG2  sing N N 193 
LYS CG  HG3  sing N N 194 
LYS CD  CE   sing N N 195 
LYS CD  HD2  sing N N 196 
LYS CD  HD3  sing N N 197 
LYS CE  NZ   sing N N 198 
LYS CE  HE2  sing N N 199 
LYS CE  HE3  sing N N 200 
LYS NZ  HZ1  sing N N 201 
LYS NZ  HZ2  sing N N 202 
LYS NZ  HZ3  sing N N 203 
LYS OXT HXT  sing N N 204 
MET N   CA   sing N N 205 
MET N   H    sing N N 206 
MET N   H2   sing N N 207 
MET CA  C    sing N N 208 
MET CA  CB   sing N N 209 
MET CA  HA   sing N N 210 
MET C   O    doub N N 211 
MET C   OXT  sing N N 212 
MET CB  CG   sing N N 213 
MET CB  HB2  sing N N 214 
MET CB  HB3  sing N N 215 
MET CG  SD   sing N N 216 
MET CG  HG2  sing N N 217 
MET CG  HG3  sing N N 218 
MET SD  CE   sing N N 219 
MET CE  HE1  sing N N 220 
MET CE  HE2  sing N N 221 
MET CE  HE3  sing N N 222 
MET OXT HXT  sing N N 223 
PHE N   CA   sing N N 224 
PHE N   H    sing N N 225 
PHE N   H2   sing N N 226 
PHE CA  C    sing N N 227 
PHE CA  CB   sing N N 228 
PHE CA  HA   sing N N 229 
PHE C   O    doub N N 230 
PHE C   OXT  sing N N 231 
PHE CB  CG   sing N N 232 
PHE CB  HB2  sing N N 233 
PHE CB  HB3  sing N N 234 
PHE CG  CD1  doub Y N 235 
PHE CG  CD2  sing Y N 236 
PHE CD1 CE1  sing Y N 237 
PHE CD1 HD1  sing N N 238 
PHE CD2 CE2  doub Y N 239 
PHE CD2 HD2  sing N N 240 
PHE CE1 CZ   doub Y N 241 
PHE CE1 HE1  sing N N 242 
PHE CE2 CZ   sing Y N 243 
PHE CE2 HE2  sing N N 244 
PHE CZ  HZ   sing N N 245 
PHE OXT HXT  sing N N 246 
PRO N   CA   sing N N 247 
PRO N   CD   sing N N 248 
PRO N   H    sing N N 249 
PRO CA  C    sing N N 250 
PRO CA  CB   sing N N 251 
PRO CA  HA   sing N N 252 
PRO C   O    doub N N 253 
PRO C   OXT  sing N N 254 
PRO CB  CG   sing N N 255 
PRO CB  HB2  sing N N 256 
PRO CB  HB3  sing N N 257 
PRO CG  CD   sing N N 258 
PRO CG  HG2  sing N N 259 
PRO CG  HG3  sing N N 260 
PRO CD  HD2  sing N N 261 
PRO CD  HD3  sing N N 262 
PRO OXT HXT  sing N N 263 
SER N   CA   sing N N 264 
SER N   H    sing N N 265 
SER N   H2   sing N N 266 
SER CA  C    sing N N 267 
SER CA  CB   sing N N 268 
SER CA  HA   sing N N 269 
SER C   O    doub N N 270 
SER C   OXT  sing N N 271 
SER CB  OG   sing N N 272 
SER CB  HB2  sing N N 273 
SER CB  HB3  sing N N 274 
SER OG  HG   sing N N 275 
SER OXT HXT  sing N N 276 
TYR N   CA   sing N N 277 
TYR N   H    sing N N 278 
TYR N   H2   sing N N 279 
TYR CA  C    sing N N 280 
TYR CA  CB   sing N N 281 
TYR CA  HA   sing N N 282 
TYR C   O    doub N N 283 
TYR C   OXT  sing N N 284 
TYR CB  CG   sing N N 285 
TYR CB  HB2  sing N N 286 
TYR CB  HB3  sing N N 287 
TYR CG  CD1  doub Y N 288 
TYR CG  CD2  sing Y N 289 
TYR CD1 CE1  sing Y N 290 
TYR CD1 HD1  sing N N 291 
TYR CD2 CE2  doub Y N 292 
TYR CD2 HD2  sing N N 293 
TYR CE1 CZ   doub Y N 294 
TYR CE1 HE1  sing N N 295 
TYR CE2 CZ   sing Y N 296 
TYR CE2 HE2  sing N N 297 
TYR CZ  OH   sing N N 298 
TYR OH  HH   sing N N 299 
TYR OXT HXT  sing N N 300 
VAL N   CA   sing N N 301 
VAL N   H    sing N N 302 
VAL N   H2   sing N N 303 
VAL CA  C    sing N N 304 
VAL CA  CB   sing N N 305 
VAL CA  HA   sing N N 306 
VAL C   O    doub N N 307 
VAL C   OXT  sing N N 308 
VAL CB  CG1  sing N N 309 
VAL CB  CG2  sing N N 310 
VAL CB  HB   sing N N 311 
VAL CG1 HG11 sing N N 312 
VAL CG1 HG12 sing N N 313 
VAL CG1 HG13 sing N N 314 
VAL CG2 HG21 sing N N 315 
VAL CG2 HG22 sing N N 316 
VAL CG2 HG23 sing N N 317 
VAL OXT HXT  sing N N 318 
# 
_pdbx_entity_nonpoly.entity_id   2 
_pdbx_entity_nonpoly.name        water 
_pdbx_entity_nonpoly.comp_id     HOH 
# 
_pdbx_initial_refinement_model.id               1 
_pdbx_initial_refinement_model.entity_id_list   ? 
_pdbx_initial_refinement_model.type             'experimental model' 
_pdbx_initial_refinement_model.source_name      PDB 
_pdbx_initial_refinement_model.accession_code   2Q8V 
_pdbx_initial_refinement_model.details          'PDB ENTRY 2Q8V' 
# 
loop_
_pdbx_reflns_twin.domain_id 
_pdbx_reflns_twin.crystal_id 
_pdbx_reflns_twin.diffrn_id 
_pdbx_reflns_twin.type 
_pdbx_reflns_twin.operator 
_pdbx_reflns_twin.fraction 
_pdbx_reflns_twin.mean_I2_over_mean_I_square 
_pdbx_reflns_twin.mean_F_square_over_mean_F2 
1 1 1 merohedral h,k,l   0.521 ? ? 
2 1 1 merohedral h,-k,-l 0.479 ? ? 
# 
